data_7VKZ
#
_entry.id   7VKZ
#
_cell.length_a   162.658
_cell.length_b   71.646
_cell.length_c   129.520
_cell.angle_alpha   90.000
_cell.angle_beta   106.338
_cell.angle_gamma   90.000
#
_symmetry.space_group_name_H-M   'C 1 2 1'
#
loop_
_entity.id
_entity.type
_entity.pdbx_description
1 polymer beta-1,2-glucosyltransferase
2 non-polymer 1-DEOXYNOJIRIMYCIN
3 non-polymer 'CALCIUM ION'
4 water water
#
_entity_poly.entity_id   1
_entity_poly.type   'polypeptide(L)'
_entity_poly.pdbx_seq_one_letter_code
;MKPHNSEKYFVKNGQPHFLISGEVHYFRINPKLWRNHLQLLKQTGADTVSTYIPWDWHEIEEDDFDFEGKTHPARNLIRF
IKLCKEENLDLIVKPGPYILAEYENQGLPSWLLKKLSKNAFALDENGNVISPDLVSYLSDEFLEYTFKWYDKVMPIISKH
QKEHYGPITMMQLCNEIGVFQWLSGKSDYNPKVINLYKEFIIQRYKTIEKLNSVYSTNYNSFDDLKAPSGKIKLRSDYCA
YFDFHLFFREYYNKYISILKNKIRSFGINIKLTHNIPGWIYGNASELPMLISTYSEIMKNHPDIIFGLDHIPEFVSFRNA
HSDLACNKILEAMQPEAPVWAAGFQAGTREHHVKAYAKDLETFYIASLAHGIKGFNYYMFSQGINPEGKGFYGKTFYFQT
ALDAASNKLALYDSIKKVNRFIRKEQKDLLRTNVNSEICVGFYKPYFFTELISSQLLKEKKLNVEELGLYIDPRFLREEI
LFNGLLRGLQTLNYNYDVVDLENCDLKSLTAYKQLWITSAEFMDAETQNLLSEFVLNGGNLILYPAVPTLDNYLNRCEIL
KNNFGIEFITKDSSHKVSAFGIEDVFTAFSKKQIYNDTNSKPIAFTQENEICGIRKKIGKGELTILGFAFGYTSDEHLEL
IDKLVKLNKIKRELFVSDKDIQFVVRENNKSRYIFFLNYHNERKTFNYRKSSELKKKKSEEISIAPFSYKVIKENKLEHH
HHHH
;
_entity_poly.pdbx_strand_id   A,B
#
loop_
_chem_comp.id
_chem_comp.type
_chem_comp.name
_chem_comp.formula
CA non-polymer 'CALCIUM ION' 'Ca 2'
NOJ non-polymer 1-DEOXYNOJIRIMYCIN 'C6 H13 N O4'
#
# COMPACT_ATOMS: atom_id res chain seq x y z
N SER A 6 -7.27 36.25 11.48
CA SER A 6 -8.32 35.48 10.77
C SER A 6 -7.76 34.94 9.42
N GLU A 7 -8.63 34.72 8.44
CA GLU A 7 -8.35 33.78 7.33
C GLU A 7 -7.43 34.39 6.28
N LYS A 8 -6.64 33.53 5.63
CA LYS A 8 -5.87 33.87 4.41
C LYS A 8 -6.69 33.37 3.23
N TYR A 9 -6.93 34.22 2.24
CA TYR A 9 -7.68 33.85 1.01
C TYR A 9 -7.22 34.80 -0.08
N PHE A 10 -7.38 34.40 -1.34
CA PHE A 10 -7.01 35.26 -2.48
C PHE A 10 -8.04 36.37 -2.57
N VAL A 11 -7.67 37.49 -3.20
CA VAL A 11 -8.55 38.67 -3.38
C VAL A 11 -8.55 39.07 -4.85
N LYS A 12 -9.63 39.68 -5.32
CA LYS A 12 -9.74 40.46 -6.57
C LYS A 12 -10.69 41.63 -6.34
N ASN A 13 -10.28 42.84 -6.73
CA ASN A 13 -10.99 44.11 -6.40
C ASN A 13 -11.32 44.11 -4.91
N GLY A 14 -10.30 43.79 -4.09
CA GLY A 14 -10.34 43.77 -2.61
C GLY A 14 -11.49 42.96 -2.03
N GLN A 15 -11.96 41.94 -2.75
CA GLN A 15 -13.06 41.06 -2.30
C GLN A 15 -12.47 39.66 -2.13
N PRO A 16 -12.97 38.83 -1.18
CA PRO A 16 -12.58 37.42 -1.12
C PRO A 16 -12.90 36.76 -2.45
N HIS A 17 -11.90 36.19 -3.11
CA HIS A 17 -12.06 35.44 -4.38
C HIS A 17 -11.55 34.01 -4.20
N PHE A 18 -12.39 33.02 -4.45
CA PHE A 18 -11.97 31.61 -4.49
C PHE A 18 -11.27 31.35 -5.81
N LEU A 19 -9.98 31.02 -5.78
CA LEU A 19 -9.24 30.73 -7.02
C LEU A 19 -9.75 29.40 -7.55
N ILE A 20 -10.42 29.40 -8.72
CA ILE A 20 -10.87 28.16 -9.41
C ILE A 20 -10.16 28.07 -10.76
N SER A 21 -9.14 27.21 -10.84
CA SER A 21 -8.37 26.94 -12.06
C SER A 21 -8.70 25.55 -12.58
N GLY A 22 -8.53 25.38 -13.88
CA GLY A 22 -8.54 24.09 -14.55
C GLY A 22 -7.32 23.94 -15.41
N GLU A 23 -6.73 22.76 -15.36
CA GLU A 23 -5.52 22.43 -16.14
C GLU A 23 -5.95 21.96 -17.52
N VAL A 24 -5.42 22.62 -18.53
CA VAL A 24 -5.70 22.38 -19.98
C VAL A 24 -4.35 22.40 -20.69
N HIS A 25 -3.85 21.24 -21.10
CA HIS A 25 -2.53 21.18 -21.78
C HIS A 25 -2.73 21.46 -23.28
N TYR A 26 -2.42 22.70 -23.71
CA TYR A 26 -2.56 23.13 -25.12
C TYR A 26 -1.79 22.17 -26.02
N PHE A 27 -0.62 21.71 -25.56
CA PHE A 27 0.32 20.88 -26.37
C PHE A 27 -0.29 19.48 -26.61
N ARG A 28 -1.37 19.11 -25.92
CA ARG A 28 -1.97 17.75 -25.99
C ARG A 28 -3.40 17.81 -26.55
N ILE A 29 -3.77 18.94 -27.11
CA ILE A 29 -5.13 19.21 -27.62
C ILE A 29 -4.98 19.77 -29.03
N ASN A 30 -5.80 19.28 -29.94
CA ASN A 30 -5.97 19.86 -31.29
C ASN A 30 -6.17 21.37 -31.15
N PRO A 31 -5.28 22.23 -31.70
CA PRO A 31 -5.43 23.69 -31.55
C PRO A 31 -6.74 24.28 -32.09
N LYS A 32 -7.41 23.61 -33.04
CA LYS A 32 -8.75 24.01 -33.51
C LYS A 32 -9.77 23.85 -32.39
N LEU A 33 -9.50 23.03 -31.37
CA LEU A 33 -10.44 22.86 -30.24
C LEU A 33 -10.01 23.65 -29.00
N TRP A 34 -8.91 24.41 -29.05
CA TRP A 34 -8.43 25.10 -27.83
C TRP A 34 -9.55 25.97 -27.29
N ARG A 35 -10.21 26.75 -28.17
CA ARG A 35 -11.20 27.76 -27.73
C ARG A 35 -12.35 27.02 -27.03
N ASN A 36 -12.78 25.89 -27.59
CA ASN A 36 -13.92 25.12 -27.04
C ASN A 36 -13.56 24.67 -25.61
N HIS A 37 -12.33 24.21 -25.35
CA HIS A 37 -11.88 23.83 -23.98
C HIS A 37 -11.98 25.04 -23.07
N LEU A 38 -11.44 26.20 -23.48
CA LEU A 38 -11.45 27.42 -22.63
C LEU A 38 -12.90 27.89 -22.34
N GLN A 39 -13.77 27.88 -23.34
CA GLN A 39 -15.19 28.25 -23.17
C GLN A 39 -15.86 27.32 -22.15
N LEU A 40 -15.69 26.01 -22.29
CA LEU A 40 -16.35 25.02 -21.39
C LEU A 40 -15.81 25.11 -19.96
N LEU A 41 -14.52 25.35 -19.78
CA LEU A 41 -13.88 25.61 -18.47
C LEU A 41 -14.53 26.84 -17.85
N LYS A 42 -14.53 27.97 -18.58
CA LYS A 42 -15.16 29.23 -18.15
C LYS A 42 -16.64 28.99 -17.79
N GLN A 43 -17.39 28.19 -18.56
CA GLN A 43 -18.82 27.96 -18.24
C GLN A 43 -18.97 27.19 -16.93
N THR A 44 -17.93 26.60 -16.33
CA THR A 44 -18.08 25.93 -15.01
C THR A 44 -17.95 26.94 -13.86
N GLY A 45 -17.59 28.20 -14.17
CA GLY A 45 -17.31 29.28 -13.19
C GLY A 45 -15.84 29.40 -12.86
N ALA A 46 -14.95 28.62 -13.48
CA ALA A 46 -13.49 28.77 -13.33
C ALA A 46 -13.09 30.17 -13.84
N ASP A 47 -12.13 30.80 -13.18
CA ASP A 47 -11.60 32.14 -13.54
C ASP A 47 -10.20 32.01 -14.15
N THR A 48 -9.59 30.83 -14.09
CA THR A 48 -8.16 30.63 -14.41
C THR A 48 -7.98 29.31 -15.12
N VAL A 49 -7.02 29.29 -16.04
CA VAL A 49 -6.57 28.07 -16.73
C VAL A 49 -5.08 27.89 -16.44
N SER A 50 -4.63 26.66 -16.33
CA SER A 50 -3.25 26.34 -15.93
C SER A 50 -2.64 25.38 -16.96
N THR A 51 -1.36 25.58 -17.26
CA THR A 51 -0.63 24.69 -18.19
C THR A 51 0.88 24.78 -17.98
N TYR A 52 1.49 23.64 -18.20
CA TYR A 52 2.93 23.53 -18.50
C TYR A 52 3.19 24.11 -19.88
N ILE A 53 4.38 24.66 -20.00
CA ILE A 53 5.03 25.00 -21.29
C ILE A 53 6.23 24.09 -21.34
N PRO A 54 6.13 22.93 -22.03
CA PRO A 54 7.23 21.96 -21.97
C PRO A 54 8.46 22.32 -22.80
N TRP A 55 9.63 22.26 -22.14
CA TRP A 55 10.94 22.51 -22.79
C TRP A 55 11.08 21.59 -24.00
N ASP A 56 10.86 20.30 -23.83
CA ASP A 56 11.02 19.32 -24.94
C ASP A 56 10.12 19.70 -26.13
N TRP A 57 8.94 20.23 -25.87
CA TRP A 57 7.94 20.55 -26.91
C TRP A 57 8.40 21.76 -27.73
N HIS A 58 9.09 22.73 -27.13
CA HIS A 58 9.34 24.03 -27.79
C HIS A 58 10.79 24.20 -28.27
N GLU A 59 11.77 23.59 -27.61
CA GLU A 59 13.15 23.49 -28.17
C GLU A 59 13.26 22.14 -28.88
N ILE A 60 12.77 22.12 -30.12
CA ILE A 60 12.54 20.87 -30.89
C ILE A 60 13.90 20.22 -31.20
N GLU A 61 14.95 21.00 -31.38
CA GLU A 61 16.34 20.53 -31.46
C GLU A 61 17.18 21.57 -30.72
N GLU A 62 18.43 21.26 -30.42
CA GLU A 62 19.30 22.22 -29.73
C GLU A 62 19.27 23.55 -30.48
N ASP A 63 18.85 24.61 -29.80
CA ASP A 63 18.85 26.01 -30.30
C ASP A 63 17.84 26.19 -31.44
N ASP A 64 16.86 25.29 -31.60
CA ASP A 64 15.75 25.42 -32.58
C ASP A 64 14.41 25.49 -31.78
N PHE A 65 13.82 26.67 -31.71
CA PHE A 65 12.67 27.01 -30.84
C PHE A 65 11.44 27.29 -31.68
N ASP A 66 10.28 26.80 -31.26
CA ASP A 66 8.99 27.09 -31.93
C ASP A 66 7.91 27.34 -30.86
N PHE A 67 7.46 28.59 -30.77
CA PHE A 67 6.33 29.01 -29.91
C PHE A 67 5.16 29.52 -30.75
N GLU A 68 5.21 29.33 -32.07
CA GLU A 68 4.22 29.95 -32.98
C GLU A 68 3.53 28.90 -33.83
N GLY A 69 3.78 27.62 -33.59
CA GLY A 69 3.18 26.55 -34.40
C GLY A 69 3.74 26.53 -35.82
N LYS A 70 5.01 26.91 -36.00
CA LYS A 70 5.70 26.85 -37.31
C LYS A 70 5.95 25.39 -37.72
N THR A 71 6.23 24.48 -36.78
CA THR A 71 6.62 23.08 -37.09
C THR A 71 5.51 22.10 -36.67
N HIS A 72 4.63 22.49 -35.76
CA HIS A 72 3.46 21.71 -35.31
C HIS A 72 2.47 22.74 -34.80
N PRO A 73 1.18 22.68 -35.20
CA PRO A 73 0.21 23.69 -34.76
C PRO A 73 0.14 23.81 -33.22
N ALA A 74 0.33 22.70 -32.50
CA ALA A 74 0.14 22.70 -31.03
C ALA A 74 1.38 23.29 -30.34
N ARG A 75 2.37 23.76 -31.09
CA ARG A 75 3.52 24.53 -30.58
C ARG A 75 3.22 26.03 -30.59
N ASN A 76 2.00 26.41 -30.98
CA ASN A 76 1.55 27.83 -31.01
C ASN A 76 1.14 28.25 -29.59
N LEU A 77 2.11 28.32 -28.67
CA LEU A 77 1.94 28.88 -27.31
C LEU A 77 1.32 30.26 -27.40
N ILE A 78 1.83 31.09 -28.30
CA ILE A 78 1.42 32.51 -28.42
C ILE A 78 -0.09 32.57 -28.66
N ARG A 79 -0.60 31.77 -29.59
CA ARG A 79 -2.05 31.76 -29.87
C ARG A 79 -2.83 31.26 -28.62
N PHE A 80 -2.33 30.25 -27.90
CA PHE A 80 -3.01 29.74 -26.67
C PHE A 80 -3.13 30.87 -25.65
N ILE A 81 -2.05 31.64 -25.44
CA ILE A 81 -2.04 32.79 -24.50
C ILE A 81 -3.13 33.79 -24.92
N LYS A 82 -3.23 34.07 -26.23
CA LYS A 82 -4.19 35.08 -26.79
C LYS A 82 -5.61 34.55 -26.67
N LEU A 83 -5.83 33.25 -26.86
CA LEU A 83 -7.18 32.66 -26.61
C LEU A 83 -7.55 32.80 -25.13
N CYS A 84 -6.63 32.63 -24.17
CA CYS A 84 -6.97 32.75 -22.71
C CYS A 84 -7.50 34.17 -22.45
N LYS A 85 -6.84 35.19 -23.01
CA LYS A 85 -7.24 36.62 -22.95
C LYS A 85 -8.63 36.80 -23.60
N GLU A 86 -8.80 36.40 -24.84
CA GLU A 86 -10.11 36.51 -25.54
C GLU A 86 -11.22 35.86 -24.72
N GLU A 87 -10.96 34.72 -24.08
CA GLU A 87 -12.01 33.98 -23.34
C GLU A 87 -12.08 34.41 -21.87
N ASN A 88 -11.35 35.46 -21.50
CA ASN A 88 -11.47 36.05 -20.14
C ASN A 88 -11.09 34.99 -19.07
N LEU A 89 -10.07 34.20 -19.32
CA LEU A 89 -9.43 33.39 -18.25
C LEU A 89 -8.06 33.99 -17.96
N ASP A 90 -7.72 34.14 -16.68
CA ASP A 90 -6.33 34.28 -16.20
C ASP A 90 -5.60 32.97 -16.49
N LEU A 91 -4.28 33.05 -16.69
CA LEU A 91 -3.41 31.92 -17.07
C LEU A 91 -2.29 31.75 -16.03
N ILE A 92 -2.12 30.50 -15.59
CA ILE A 92 -0.93 30.04 -14.81
C ILE A 92 -0.04 29.29 -15.80
N VAL A 93 1.23 29.71 -15.89
CA VAL A 93 2.23 29.08 -16.82
C VAL A 93 3.26 28.37 -15.96
N LYS A 94 3.77 27.27 -16.48
CA LYS A 94 4.68 26.39 -15.69
C LYS A 94 5.70 25.86 -16.68
N PRO A 95 6.78 26.63 -16.95
CA PRO A 95 7.77 26.30 -18.00
C PRO A 95 8.94 25.41 -17.56
N GLY A 96 8.90 24.92 -16.33
CA GLY A 96 9.85 23.89 -15.91
C GLY A 96 11.10 24.52 -15.31
N PRO A 97 12.30 23.95 -15.51
CA PRO A 97 12.56 22.98 -16.60
C PRO A 97 11.90 21.60 -16.47
N TYR A 98 11.78 21.07 -15.25
CA TYR A 98 11.03 19.81 -15.08
C TYR A 98 9.54 20.17 -15.07
N ILE A 99 8.72 19.31 -15.67
CA ILE A 99 7.23 19.38 -15.54
C ILE A 99 6.67 18.05 -15.05
N LEU A 100 7.40 16.93 -15.18
CA LEU A 100 6.86 15.56 -14.93
C LEU A 100 5.69 15.32 -15.91
N ALA A 101 4.44 15.59 -15.50
CA ALA A 101 3.26 15.68 -16.39
C ALA A 101 3.03 14.41 -17.23
N GLU A 102 3.53 13.25 -16.79
CA GLU A 102 3.47 11.98 -17.56
C GLU A 102 4.02 12.23 -18.97
N TYR A 103 5.02 13.08 -19.07
CA TYR A 103 5.68 13.48 -20.34
C TYR A 103 7.00 12.74 -20.40
N GLU A 104 7.39 12.28 -21.58
CA GLU A 104 8.72 11.66 -21.83
C GLU A 104 9.82 12.51 -21.20
N ASN A 105 10.69 11.85 -20.44
CA ASN A 105 11.91 12.43 -19.82
C ASN A 105 11.51 13.57 -18.88
N GLN A 106 10.28 13.51 -18.37
CA GLN A 106 9.72 14.45 -17.36
C GLN A 106 9.68 15.87 -17.95
N GLY A 107 9.67 16.01 -19.28
CA GLY A 107 9.62 17.31 -19.98
C GLY A 107 10.97 17.80 -20.49
N LEU A 108 12.09 17.21 -20.07
CA LEU A 108 13.42 17.62 -20.56
C LEU A 108 13.60 17.13 -22.00
N PRO A 109 14.20 17.92 -22.90
CA PRO A 109 14.41 17.48 -24.28
C PRO A 109 15.27 16.20 -24.40
N SER A 110 14.87 15.30 -25.31
CA SER A 110 15.66 14.11 -25.70
C SER A 110 17.07 14.54 -26.04
N TRP A 111 17.24 15.54 -26.92
CA TRP A 111 18.59 15.98 -27.38
C TRP A 111 19.45 16.43 -26.18
N LEU A 112 18.86 17.07 -25.16
CA LEU A 112 19.59 17.48 -23.92
C LEU A 112 20.13 16.24 -23.19
N LEU A 113 19.29 15.28 -22.86
CA LEU A 113 19.71 14.10 -22.06
C LEU A 113 20.78 13.28 -22.82
N LYS A 114 20.75 13.31 -24.16
CA LYS A 114 21.78 12.65 -24.99
C LYS A 114 23.04 13.51 -25.02
N LYS A 115 22.91 14.82 -24.87
CA LYS A 115 24.10 15.70 -25.01
C LYS A 115 24.86 15.77 -23.69
N LEU A 116 24.17 15.74 -22.55
CA LEU A 116 24.74 16.08 -21.22
C LEU A 116 25.85 15.09 -20.86
N SER A 117 26.96 15.55 -20.29
CA SER A 117 27.99 14.64 -19.76
C SER A 117 27.48 13.99 -18.46
N LYS A 118 28.12 12.88 -18.05
CA LYS A 118 27.77 12.10 -16.83
C LYS A 118 27.59 13.00 -15.60
N ASN A 119 28.43 14.02 -15.41
CA ASN A 119 28.41 14.89 -14.21
C ASN A 119 27.21 15.85 -14.17
N ALA A 120 26.41 15.90 -15.22
CA ALA A 120 25.10 16.58 -15.21
C ALA A 120 24.10 15.72 -14.41
N PHE A 121 24.32 14.40 -14.27
CA PHE A 121 23.30 13.47 -13.72
C PHE A 121 23.44 13.28 -12.20
N ALA A 122 22.32 13.03 -11.53
CA ALA A 122 22.31 12.52 -10.15
C ALA A 122 23.03 11.15 -10.15
N LEU A 123 24.00 11.01 -9.26
CA LEU A 123 24.86 9.80 -9.16
C LEU A 123 24.61 9.14 -7.82
N ASP A 124 24.68 7.82 -7.77
CA ASP A 124 24.62 7.04 -6.50
C ASP A 124 26.00 7.12 -5.83
N GLU A 125 26.17 6.40 -4.71
CA GLU A 125 27.38 6.40 -3.86
C GLU A 125 28.57 5.84 -4.64
N ASN A 126 28.30 4.97 -5.63
CA ASN A 126 29.33 4.33 -6.49
C ASN A 126 29.66 5.19 -7.71
N GLY A 127 29.04 6.37 -7.88
CA GLY A 127 29.31 7.26 -9.01
C GLY A 127 28.54 6.90 -10.27
N ASN A 128 27.55 5.99 -10.22
CA ASN A 128 26.72 5.60 -11.40
C ASN A 128 25.47 6.48 -11.48
N VAL A 129 24.99 6.70 -12.70
CA VAL A 129 23.78 7.51 -13.02
C VAL A 129 22.56 6.80 -12.43
N ILE A 130 21.81 7.45 -11.54
CA ILE A 130 20.59 6.85 -10.94
C ILE A 130 19.53 6.67 -12.02
N SER A 131 19.30 7.65 -12.89
CA SER A 131 18.25 7.57 -13.93
C SER A 131 18.57 8.46 -15.12
N PRO A 132 18.32 7.98 -16.36
CA PRO A 132 18.66 8.76 -17.55
C PRO A 132 17.86 10.07 -17.72
N ASP A 133 16.81 10.32 -16.95
CA ASP A 133 16.11 11.63 -17.00
C ASP A 133 16.21 12.37 -15.66
N LEU A 134 17.10 11.94 -14.75
CA LEU A 134 17.30 12.55 -13.41
C LEU A 134 18.63 13.32 -13.36
N VAL A 135 18.54 14.65 -13.44
CA VAL A 135 19.71 15.56 -13.45
C VAL A 135 20.08 15.90 -12.01
N SER A 136 21.30 16.38 -11.81
CA SER A 136 21.73 17.01 -10.53
C SER A 136 21.37 18.49 -10.67
N TYR A 137 20.57 19.01 -9.74
CA TYR A 137 19.87 20.31 -9.88
C TYR A 137 20.88 21.44 -10.07
N LEU A 138 22.07 21.38 -9.47
CA LEU A 138 23.02 22.53 -9.55
C LEU A 138 24.18 22.17 -10.48
N SER A 139 24.04 21.10 -11.26
CA SER A 139 24.93 20.80 -12.41
C SER A 139 25.12 22.07 -13.23
N ASP A 140 26.37 22.51 -13.43
CA ASP A 140 26.68 23.66 -14.32
C ASP A 140 26.03 23.45 -15.69
N GLU A 141 26.18 22.26 -16.27
CA GLU A 141 25.63 21.97 -17.63
C GLU A 141 24.11 22.09 -17.62
N PHE A 142 23.44 21.53 -16.61
CA PHE A 142 21.96 21.48 -16.57
C PHE A 142 21.43 22.92 -16.51
N LEU A 143 22.05 23.76 -15.68
CA LEU A 143 21.61 25.15 -15.45
C LEU A 143 21.93 26.02 -16.66
N GLU A 144 23.04 25.73 -17.35
CA GLU A 144 23.38 26.38 -18.63
C GLU A 144 22.24 26.19 -19.64
N TYR A 145 21.77 24.95 -19.83
CA TYR A 145 20.72 24.65 -20.83
C TYR A 145 19.36 25.14 -20.34
N THR A 146 19.10 25.04 -19.03
CA THR A 146 17.86 25.59 -18.43
C THR A 146 17.82 27.09 -18.72
N PHE A 147 18.92 27.78 -18.53
CA PHE A 147 19.01 29.24 -18.75
C PHE A 147 18.70 29.57 -20.21
N LYS A 148 19.27 28.81 -21.14
CA LYS A 148 19.03 29.02 -22.60
C LYS A 148 17.55 28.81 -22.92
N TRP A 149 16.88 27.84 -22.27
CA TRP A 149 15.42 27.63 -22.41
C TRP A 149 14.65 28.84 -21.85
N TYR A 150 14.99 29.29 -20.65
CA TYR A 150 14.39 30.50 -20.01
C TYR A 150 14.62 31.73 -20.90
N ASP A 151 15.78 31.84 -21.54
CA ASP A 151 16.09 32.94 -22.48
C ASP A 151 15.01 33.06 -23.56
N LYS A 152 14.41 31.94 -23.99
CA LYS A 152 13.42 31.94 -25.10
C LYS A 152 11.99 32.00 -24.56
N VAL A 153 11.68 31.33 -23.46
CA VAL A 153 10.26 31.24 -23.00
C VAL A 153 9.92 32.45 -22.13
N MET A 154 10.88 32.96 -21.34
CA MET A 154 10.57 33.99 -20.32
C MET A 154 10.17 35.33 -20.95
N PRO A 155 10.76 35.75 -22.10
CA PRO A 155 10.32 36.97 -22.77
C PRO A 155 8.86 36.89 -23.22
N ILE A 156 8.39 35.71 -23.62
CA ILE A 156 6.96 35.52 -24.00
C ILE A 156 6.10 35.70 -22.74
N ILE A 157 6.45 35.00 -21.66
CA ILE A 157 5.74 35.09 -20.36
C ILE A 157 5.76 36.56 -19.93
N SER A 158 6.91 37.22 -19.96
CA SER A 158 7.02 38.62 -19.45
C SER A 158 6.04 39.53 -20.21
N LYS A 159 6.03 39.43 -21.53
CA LYS A 159 5.22 40.29 -22.43
C LYS A 159 3.73 40.08 -22.12
N HIS A 160 3.34 38.86 -21.71
CA HIS A 160 1.92 38.47 -21.56
C HIS A 160 1.44 38.44 -20.10
N GLN A 161 2.17 39.11 -19.21
CA GLN A 161 1.75 39.28 -17.80
C GLN A 161 0.50 40.16 -17.72
N LYS A 162 -0.27 39.97 -16.66
CA LYS A 162 -1.45 40.78 -16.27
C LYS A 162 -1.07 42.27 -16.29
N GLU A 163 0.08 42.67 -15.73
CA GLU A 163 0.43 44.11 -15.58
C GLU A 163 0.63 44.75 -16.96
N HIS A 164 0.95 43.97 -17.99
CA HIS A 164 0.97 44.44 -19.40
C HIS A 164 -0.31 44.06 -20.15
N TYR A 165 -1.43 43.82 -19.46
CA TYR A 165 -2.78 43.52 -20.05
C TYR A 165 -2.84 42.16 -20.73
N GLY A 166 -1.85 41.31 -20.47
CA GLY A 166 -1.91 39.88 -20.85
C GLY A 166 -2.73 39.13 -19.81
N PRO A 167 -2.97 37.82 -19.99
CA PRO A 167 -3.69 37.02 -18.99
C PRO A 167 -2.84 36.32 -17.91
N ILE A 168 -1.50 36.38 -17.97
CA ILE A 168 -0.64 35.55 -17.06
C ILE A 168 -0.55 36.17 -15.66
N THR A 169 -1.04 35.46 -14.67
CA THR A 169 -1.11 35.95 -13.26
C THR A 169 -0.13 35.22 -12.35
N MET A 170 0.24 33.98 -12.66
CA MET A 170 1.13 33.17 -11.80
C MET A 170 2.03 32.33 -12.68
N MET A 171 3.20 31.98 -12.17
CA MET A 171 4.15 31.07 -12.84
C MET A 171 4.73 30.13 -11.79
N GLN A 172 4.68 28.84 -12.08
CA GLN A 172 5.34 27.82 -11.24
C GLN A 172 6.82 27.71 -11.64
N LEU A 173 7.69 27.62 -10.63
CA LEU A 173 9.15 27.39 -10.81
C LEU A 173 9.40 25.90 -10.80
N CYS A 174 9.83 25.31 -11.93
CA CYS A 174 10.15 23.88 -12.05
C CYS A 174 8.91 23.09 -11.59
N ASN A 175 9.10 21.94 -10.92
CA ASN A 175 7.95 21.07 -10.57
C ASN A 175 8.36 20.15 -9.45
N GLU A 176 7.66 20.22 -8.32
CA GLU A 176 7.83 19.28 -7.16
C GLU A 176 9.32 18.95 -6.94
N ILE A 177 10.11 19.95 -6.59
CA ILE A 177 11.58 19.80 -6.40
C ILE A 177 11.81 18.61 -5.47
N GLY A 178 12.66 17.68 -5.92
CA GLY A 178 13.06 16.47 -5.19
C GLY A 178 12.19 15.28 -5.50
N VAL A 179 11.06 15.46 -6.19
CA VAL A 179 10.11 14.34 -6.45
C VAL A 179 10.84 13.23 -7.22
N PHE A 180 11.60 13.58 -8.27
CA PHE A 180 12.26 12.59 -9.14
C PHE A 180 13.28 11.85 -8.29
N GLN A 181 14.07 12.57 -7.49
CA GLN A 181 15.08 11.94 -6.59
C GLN A 181 14.36 10.99 -5.62
N TRP A 182 13.29 11.46 -4.98
CA TRP A 182 12.46 10.64 -4.06
C TRP A 182 11.97 9.36 -4.75
N LEU A 183 11.33 9.47 -5.91
CA LEU A 183 10.74 8.31 -6.64
C LEU A 183 11.85 7.32 -7.05
N SER A 184 13.06 7.79 -7.33
CA SER A 184 14.18 6.90 -7.72
C SER A 184 14.60 5.99 -6.56
N GLY A 185 14.26 6.33 -5.32
CA GLY A 185 14.68 5.53 -4.14
C GLY A 185 16.16 5.67 -3.81
N LYS A 186 16.86 6.65 -4.41
CA LYS A 186 18.29 6.92 -4.11
C LYS A 186 18.52 8.43 -3.96
N SER A 187 19.46 8.83 -3.11
CA SER A 187 19.89 10.24 -2.98
C SER A 187 21.07 10.56 -3.92
N ASP A 188 21.27 11.85 -4.20
CA ASP A 188 22.26 12.36 -5.17
C ASP A 188 23.61 12.57 -4.48
N TYR A 189 24.63 11.85 -4.94
CA TYR A 189 26.06 11.99 -4.50
C TYR A 189 26.91 12.52 -5.67
N ASN A 190 26.33 13.24 -6.64
CA ASN A 190 27.03 14.02 -7.71
C ASN A 190 28.22 14.75 -7.06
N PRO A 191 29.39 14.91 -7.73
CA PRO A 191 30.52 15.65 -7.13
C PRO A 191 30.21 17.12 -6.79
N LYS A 192 29.27 17.77 -7.48
CA LYS A 192 28.79 19.12 -7.08
C LYS A 192 28.14 19.04 -5.69
N VAL A 193 27.36 18.00 -5.41
CA VAL A 193 26.69 17.84 -4.08
C VAL A 193 27.79 17.66 -3.03
N ILE A 194 28.75 16.73 -3.28
CA ILE A 194 29.88 16.45 -2.35
C ILE A 194 30.59 17.78 -2.02
N ASN A 195 30.97 18.56 -3.03
CA ASN A 195 31.79 19.80 -2.86
C ASN A 195 30.96 20.86 -2.15
N LEU A 196 29.69 21.00 -2.50
CA LEU A 196 28.83 22.01 -1.84
C LEU A 196 28.61 21.61 -0.37
N TYR A 197 28.49 20.32 -0.09
CA TYR A 197 28.32 19.80 1.29
C TYR A 197 29.54 20.18 2.13
N LYS A 198 30.74 19.91 1.62
CA LYS A 198 32.03 20.22 2.29
C LYS A 198 32.06 21.70 2.67
N GLU A 199 31.74 22.60 1.73
CA GLU A 199 31.73 24.07 2.03
C GLU A 199 30.70 24.34 3.12
N PHE A 200 29.52 23.69 3.06
CA PHE A 200 28.43 23.84 4.05
C PHE A 200 28.95 23.48 5.45
N ILE A 201 29.59 22.33 5.58
CA ILE A 201 30.13 21.81 6.85
C ILE A 201 31.21 22.76 7.37
N ILE A 202 32.10 23.27 6.52
CA ILE A 202 33.19 24.21 6.96
C ILE A 202 32.56 25.51 7.48
N GLN A 203 31.64 26.08 6.71
CA GLN A 203 30.84 27.27 7.09
C GLN A 203 30.15 27.02 8.44
N ARG A 204 29.59 25.83 8.65
CA ARG A 204 28.74 25.53 9.83
C ARG A 204 29.60 25.39 11.08
N TYR A 205 30.75 24.70 11.01
CA TYR A 205 31.53 24.30 12.21
C TYR A 205 32.76 25.21 12.42
N LYS A 206 33.33 25.80 11.36
CA LYS A 206 34.49 26.75 11.41
C LYS A 206 35.77 25.98 11.66
N THR A 207 35.79 25.03 12.59
CA THR A 207 37.03 24.28 12.88
C THR A 207 36.67 22.82 13.05
N ILE A 208 37.63 21.96 12.75
CA ILE A 208 37.44 20.49 12.87
C ILE A 208 37.21 20.11 14.34
N GLU A 209 37.80 20.85 15.27
CA GLU A 209 37.67 20.62 16.73
C GLU A 209 36.20 20.77 17.13
N LYS A 210 35.54 21.80 16.62
CA LYS A 210 34.12 22.10 16.94
C LYS A 210 33.23 20.98 16.39
N LEU A 211 33.46 20.55 15.14
CA LEU A 211 32.67 19.46 14.53
C LEU A 211 32.94 18.17 15.31
N ASN A 212 34.20 17.92 15.66
CA ASN A 212 34.56 16.72 16.47
C ASN A 212 33.84 16.79 17.82
N SER A 213 33.73 17.95 18.44
CA SER A 213 33.07 18.03 19.77
C SER A 213 31.58 17.66 19.62
N VAL A 214 30.93 18.01 18.51
CA VAL A 214 29.48 17.76 18.31
C VAL A 214 29.29 16.28 17.94
N TYR A 215 30.05 15.78 16.96
CA TYR A 215 29.90 14.41 16.40
C TYR A 215 30.54 13.34 17.28
N SER A 216 31.44 13.71 18.19
CA SER A 216 32.36 12.78 18.90
C SER A 216 33.25 12.05 17.91
N THR A 217 33.84 12.78 16.97
CA THR A 217 34.77 12.16 16.01
C THR A 217 36.18 12.64 16.36
N ASN A 218 37.17 12.07 15.69
CA ASN A 218 38.59 12.44 15.84
C ASN A 218 39.22 12.79 14.49
N TYR A 219 38.58 13.58 13.64
CA TYR A 219 39.16 13.99 12.35
C TYR A 219 40.35 14.92 12.65
N ASN A 220 41.40 14.87 11.84
CA ASN A 220 42.55 15.81 11.93
C ASN A 220 42.20 17.09 11.18
N SER A 221 41.40 17.01 10.12
CA SER A 221 41.05 18.21 9.32
C SER A 221 39.73 17.98 8.59
N PHE A 222 39.19 19.04 8.01
CA PHE A 222 37.97 18.99 7.17
C PHE A 222 38.22 18.11 5.94
N ASP A 223 39.47 17.98 5.51
CA ASP A 223 39.86 17.15 4.35
C ASP A 223 39.63 15.66 4.65
N ASP A 224 39.46 15.25 5.91
CA ASP A 224 39.27 13.82 6.30
C ASP A 224 37.80 13.42 6.22
N LEU A 225 36.92 14.40 6.13
CA LEU A 225 35.46 14.19 6.25
C LEU A 225 34.89 14.20 4.83
N LYS A 226 33.94 13.31 4.54
CA LYS A 226 33.23 13.32 3.23
C LYS A 226 31.73 13.21 3.53
N ALA A 227 30.89 13.55 2.56
CA ALA A 227 29.42 13.40 2.67
C ALA A 227 29.16 11.97 3.12
N PRO A 228 28.33 11.74 4.16
CA PRO A 228 28.11 10.38 4.66
C PRO A 228 27.44 9.49 3.61
N SER A 229 27.88 8.23 3.57
CA SER A 229 27.28 7.16 2.72
C SER A 229 27.10 5.87 3.52
N GLY A 230 26.34 4.95 2.96
CA GLY A 230 25.99 3.70 3.64
C GLY A 230 25.26 3.94 4.97
N LYS A 231 25.06 2.85 5.69
CA LYS A 231 24.12 2.75 6.83
C LYS A 231 24.65 3.51 8.06
N ILE A 232 23.76 4.06 8.88
CA ILE A 232 24.12 4.73 10.18
C ILE A 232 24.46 3.62 11.19
N LYS A 233 25.69 3.56 11.67
CA LYS A 233 26.11 2.53 12.67
C LYS A 233 26.43 3.23 13.99
N LEU A 234 26.91 4.47 13.94
CA LEU A 234 27.36 5.25 15.12
C LEU A 234 26.54 6.53 15.21
N ARG A 235 26.44 7.12 16.38
CA ARG A 235 25.77 8.43 16.55
C ARG A 235 26.50 9.46 15.68
N SER A 236 27.81 9.31 15.49
CA SER A 236 28.60 10.25 14.65
C SER A 236 28.10 10.18 13.20
N ASP A 237 27.67 9.01 12.74
CA ASP A 237 27.06 8.83 11.40
C ASP A 237 25.71 9.53 11.35
N TYR A 238 24.91 9.45 12.42
CA TYR A 238 23.59 10.12 12.48
C TYR A 238 23.81 11.63 12.35
N CYS A 239 24.75 12.17 13.12
CA CYS A 239 25.13 13.61 13.09
C CYS A 239 25.46 14.05 11.65
N ALA A 240 26.30 13.27 10.98
CA ALA A 240 26.74 13.56 9.60
C ALA A 240 25.52 13.61 8.67
N TYR A 241 24.64 12.60 8.75
CA TYR A 241 23.41 12.58 7.93
C TYR A 241 22.51 13.77 8.30
N PHE A 242 22.41 14.17 9.58
CA PHE A 242 21.49 15.24 9.99
C PHE A 242 21.91 16.56 9.30
N ASP A 243 23.22 16.82 9.33
CA ASP A 243 23.81 18.01 8.68
C ASP A 243 23.62 17.87 7.17
N PHE A 244 23.65 16.64 6.63
CA PHE A 244 23.44 16.37 5.18
C PHE A 244 21.98 16.75 4.82
N HIS A 245 21.04 16.50 5.73
CA HIS A 245 19.61 16.87 5.52
C HIS A 245 19.50 18.40 5.56
N LEU A 246 20.17 19.04 6.53
CA LEU A 246 20.17 20.53 6.62
C LEU A 246 20.75 21.04 5.31
N PHE A 247 21.84 20.42 4.84
CA PHE A 247 22.49 20.83 3.59
C PHE A 247 21.51 20.73 2.42
N PHE A 248 20.75 19.63 2.29
CA PHE A 248 19.85 19.47 1.11
C PHE A 248 18.75 20.52 1.12
N ARG A 249 18.28 20.95 2.29
CA ARG A 249 17.30 22.05 2.37
C ARG A 249 17.90 23.36 1.85
N GLU A 250 19.18 23.64 2.16
CA GLU A 250 19.84 24.86 1.65
C GLU A 250 20.07 24.68 0.14
N TYR A 251 20.36 23.47 -0.30
CA TYR A 251 20.61 23.13 -1.73
C TYR A 251 19.35 23.37 -2.57
N TYR A 252 18.17 22.94 -2.11
CA TYR A 252 16.89 23.18 -2.83
C TYR A 252 16.56 24.68 -2.80
N ASN A 253 16.80 25.35 -1.69
CA ASN A 253 16.71 26.82 -1.61
C ASN A 253 17.58 27.48 -2.68
N LYS A 254 18.83 27.01 -2.85
CA LYS A 254 19.78 27.57 -3.85
C LYS A 254 19.25 27.35 -5.28
N TYR A 255 18.75 26.17 -5.58
CA TYR A 255 18.16 25.84 -6.90
C TYR A 255 17.04 26.82 -7.20
N ILE A 256 16.05 26.96 -6.31
CA ILE A 256 14.84 27.75 -6.64
C ILE A 256 15.23 29.24 -6.62
N SER A 257 16.21 29.65 -5.82
CA SER A 257 16.75 31.04 -5.77
C SER A 257 17.37 31.41 -7.13
N ILE A 258 18.18 30.50 -7.67
CA ILE A 258 18.82 30.61 -9.01
C ILE A 258 17.72 30.77 -10.07
N LEU A 259 16.69 29.92 -10.06
CA LEU A 259 15.62 30.01 -11.09
C LEU A 259 14.94 31.36 -10.92
N LYS A 260 14.65 31.75 -9.67
CA LYS A 260 13.83 32.92 -9.35
C LYS A 260 14.55 34.21 -9.78
N ASN A 261 15.82 34.32 -9.41
CA ASN A 261 16.65 35.47 -9.79
C ASN A 261 16.74 35.54 -11.34
N LYS A 262 16.93 34.41 -12.02
CA LYS A 262 16.93 34.34 -13.51
C LYS A 262 15.61 34.92 -14.07
N ILE A 263 14.46 34.47 -13.54
CA ILE A 263 13.11 34.88 -14.01
C ILE A 263 12.90 36.38 -13.81
N ARG A 264 13.28 36.90 -12.64
CA ARG A 264 13.08 38.32 -12.26
C ARG A 264 13.80 39.21 -13.28
N SER A 265 14.97 38.79 -13.77
CA SER A 265 15.86 39.50 -14.73
C SER A 265 15.11 39.83 -16.02
N PHE A 266 13.98 39.19 -16.31
CA PHE A 266 13.17 39.34 -17.55
C PHE A 266 12.04 40.36 -17.33
N GLY A 267 11.97 40.99 -16.15
CA GLY A 267 10.90 41.94 -15.77
C GLY A 267 9.61 41.21 -15.47
N ILE A 268 9.69 39.92 -15.12
CA ILE A 268 8.52 39.14 -14.66
C ILE A 268 8.28 39.46 -13.18
N ASN A 269 7.15 40.09 -12.86
CA ASN A 269 6.80 40.54 -11.50
C ASN A 269 5.61 39.74 -10.95
N ILE A 270 5.04 38.80 -11.70
CA ILE A 270 3.84 38.02 -11.26
C ILE A 270 4.20 37.14 -10.07
N LYS A 271 3.17 36.65 -9.40
CA LYS A 271 3.25 35.72 -8.25
C LYS A 271 3.94 34.44 -8.75
N LEU A 272 4.91 33.96 -7.99
CA LEU A 272 5.65 32.70 -8.29
C LEU A 272 5.10 31.61 -7.40
N THR A 273 5.06 30.39 -7.90
CA THR A 273 4.49 29.26 -7.15
C THR A 273 5.43 28.07 -7.17
N HIS A 274 5.16 27.12 -6.28
CA HIS A 274 5.79 25.79 -6.31
C HIS A 274 4.75 24.79 -5.82
N ASN A 275 4.97 23.53 -6.12
CA ASN A 275 3.91 22.51 -5.93
C ASN A 275 4.50 21.40 -5.10
N ILE A 276 3.71 20.83 -4.21
CA ILE A 276 4.18 19.85 -3.19
C ILE A 276 3.74 18.44 -3.57
N PRO A 277 4.70 17.51 -3.73
CA PRO A 277 4.38 16.10 -3.97
C PRO A 277 4.15 15.32 -2.67
N GLY A 278 3.66 14.08 -2.77
CA GLY A 278 3.75 13.19 -1.60
C GLY A 278 2.67 12.15 -1.54
N TRP A 279 1.57 12.35 -2.27
CA TRP A 279 0.49 11.35 -2.29
C TRP A 279 0.98 10.16 -3.10
N ILE A 280 0.70 8.97 -2.61
CA ILE A 280 1.01 7.74 -3.39
C ILE A 280 -0.01 6.69 -2.98
N TYR A 281 -0.60 6.02 -3.95
CA TYR A 281 -1.65 5.01 -3.73
C TYR A 281 -2.80 5.63 -2.93
N GLY A 282 -3.03 6.94 -3.04
CA GLY A 282 -4.23 7.58 -2.45
C GLY A 282 -4.05 7.91 -0.97
N ASN A 283 -2.83 7.86 -0.42
CA ASN A 283 -2.57 8.44 0.92
C ASN A 283 -1.31 9.30 0.89
N ALA A 284 -1.14 10.11 1.91
CA ALA A 284 -0.19 11.23 1.88
C ALA A 284 0.66 11.28 3.14
N SER A 285 0.87 10.13 3.78
CA SER A 285 1.62 10.03 5.06
C SER A 285 3.11 10.38 4.82
N GLU A 286 3.63 10.33 3.59
CA GLU A 286 5.03 10.78 3.32
C GLU A 286 5.09 12.23 2.86
N LEU A 287 3.98 12.89 2.54
CA LEU A 287 4.02 14.29 2.05
C LEU A 287 4.72 15.19 3.09
N PRO A 288 4.44 15.10 4.41
CA PRO A 288 5.11 15.94 5.38
C PRO A 288 6.65 15.90 5.32
N MET A 289 7.24 14.75 5.04
CA MET A 289 8.69 14.60 4.79
C MET A 289 9.11 15.48 3.62
N LEU A 290 8.42 15.36 2.49
CA LEU A 290 8.76 16.13 1.28
C LEU A 290 8.52 17.62 1.56
N ILE A 291 7.40 18.01 2.18
CA ILE A 291 7.19 19.46 2.43
C ILE A 291 8.35 19.97 3.31
N SER A 292 8.91 19.11 4.17
CA SER A 292 9.98 19.47 5.14
C SER A 292 11.25 19.80 4.35
N THR A 293 11.39 19.30 3.13
CA THR A 293 12.61 19.52 2.32
C THR A 293 12.60 20.97 1.78
N TYR A 294 11.45 21.65 1.87
CA TYR A 294 11.23 23.05 1.44
C TYR A 294 11.36 24.04 2.61
N SER A 295 11.79 23.59 3.79
CA SER A 295 11.83 24.44 5.00
C SER A 295 12.64 25.72 4.70
N GLU A 296 13.78 25.61 4.02
CA GLU A 296 14.67 26.78 3.80
C GLU A 296 14.10 27.66 2.70
N ILE A 297 13.42 27.08 1.70
CA ILE A 297 12.73 27.89 0.66
C ILE A 297 11.64 28.76 1.33
N MET A 298 10.83 28.16 2.18
CA MET A 298 9.65 28.88 2.73
C MET A 298 10.10 29.93 3.78
N LYS A 299 11.26 29.76 4.42
CA LYS A 299 11.81 30.80 5.34
C LYS A 299 12.39 31.96 4.52
N ASN A 300 12.96 31.70 3.35
CA ASN A 300 13.75 32.73 2.62
C ASN A 300 12.90 33.42 1.54
N HIS A 301 11.77 32.84 1.13
CA HIS A 301 10.98 33.32 -0.04
C HIS A 301 9.53 33.57 0.35
N PRO A 302 9.24 34.63 1.14
CA PRO A 302 7.87 35.05 1.40
C PRO A 302 6.99 35.07 0.12
N ASP A 303 7.59 35.34 -1.04
CA ASP A 303 6.86 35.70 -2.29
C ASP A 303 6.63 34.47 -3.18
N ILE A 304 7.11 33.28 -2.79
CA ILE A 304 6.79 32.01 -3.50
C ILE A 304 5.67 31.31 -2.73
N ILE A 305 4.49 31.16 -3.33
CA ILE A 305 3.34 30.47 -2.71
C ILE A 305 3.40 28.98 -3.09
N PHE A 306 3.61 28.15 -2.09
CA PHE A 306 3.51 26.68 -2.25
C PHE A 306 2.04 26.27 -2.23
N GLY A 307 1.67 25.37 -3.12
CA GLY A 307 0.37 24.69 -3.16
C GLY A 307 0.52 23.17 -3.14
N LEU A 308 -0.51 22.47 -2.70
CA LEU A 308 -0.52 20.99 -2.58
C LEU A 308 -0.91 20.32 -3.90
N ASP A 309 -0.30 19.16 -4.17
CA ASP A 309 -0.76 18.23 -5.23
C ASP A 309 -1.50 17.06 -4.57
N HIS A 310 -2.84 17.17 -4.46
CA HIS A 310 -3.75 16.19 -3.83
C HIS A 310 -4.11 15.13 -4.87
N ILE A 311 -3.71 13.88 -4.62
CA ILE A 311 -4.09 12.71 -5.45
C ILE A 311 -4.72 11.64 -4.58
N PRO A 312 -5.95 11.86 -4.11
CA PRO A 312 -6.64 10.86 -3.29
C PRO A 312 -6.99 9.53 -3.96
N GLU A 313 -7.25 9.49 -5.28
CA GLU A 313 -7.60 8.28 -6.09
C GLU A 313 -8.98 7.70 -5.72
N PHE A 314 -9.39 7.77 -4.46
CA PHE A 314 -10.68 7.27 -3.93
C PHE A 314 -11.02 8.15 -2.72
N VAL A 315 -12.24 8.08 -2.17
CA VAL A 315 -12.55 8.93 -0.99
C VAL A 315 -13.26 8.07 0.02
N SER A 316 -12.53 7.64 1.04
CA SER A 316 -13.07 6.69 2.05
C SER A 316 -12.38 6.92 3.37
N PHE A 317 -12.84 6.24 4.41
CA PHE A 317 -12.15 6.29 5.71
C PHE A 317 -10.68 5.87 5.54
N ARG A 318 -10.35 5.12 4.50
CA ARG A 318 -8.96 4.66 4.28
C ARG A 318 -8.01 5.86 4.08
N ASN A 319 -8.48 7.00 3.62
CA ASN A 319 -7.60 8.14 3.31
C ASN A 319 -8.24 9.45 3.73
N ALA A 320 -9.37 9.43 4.50
CA ALA A 320 -10.15 10.64 4.81
C ALA A 320 -9.24 11.71 5.43
N HIS A 321 -8.22 11.27 6.18
CA HIS A 321 -7.41 12.13 7.07
C HIS A 321 -6.24 12.75 6.32
N SER A 322 -5.86 12.25 5.15
CA SER A 322 -4.63 12.72 4.45
C SER A 322 -4.81 14.18 4.02
N ASP A 323 -5.95 14.56 3.45
CA ASP A 323 -6.08 15.92 2.86
C ASP A 323 -6.07 16.92 4.01
N LEU A 324 -6.77 16.62 5.11
CA LEU A 324 -6.83 17.58 6.23
C LEU A 324 -5.42 17.77 6.82
N ALA A 325 -4.72 16.67 7.10
CA ALA A 325 -3.39 16.71 7.74
C ALA A 325 -2.47 17.52 6.83
N CYS A 326 -2.50 17.27 5.52
CA CYS A 326 -1.65 17.97 4.53
C CYS A 326 -2.00 19.47 4.51
N ASN A 327 -3.28 19.81 4.51
CA ASN A 327 -3.67 21.25 4.48
C ASN A 327 -3.13 21.93 5.73
N LYS A 328 -3.26 21.25 6.89
CA LYS A 328 -2.89 21.79 8.23
C LYS A 328 -1.37 21.99 8.28
N ILE A 329 -0.62 21.04 7.73
CA ILE A 329 0.87 21.06 7.75
C ILE A 329 1.36 22.16 6.78
N LEU A 330 0.73 22.32 5.61
CA LEU A 330 1.08 23.44 4.71
C LEU A 330 0.82 24.74 5.44
N GLU A 331 -0.34 24.84 6.11
CA GLU A 331 -0.63 26.09 6.84
C GLU A 331 0.45 26.35 7.90
N ALA A 332 0.87 25.33 8.65
CA ALA A 332 1.90 25.50 9.71
C ALA A 332 3.18 26.06 9.09
N MET A 333 3.56 25.60 7.91
CA MET A 333 4.83 25.99 7.28
C MET A 333 4.69 27.25 6.43
N GLN A 334 3.48 27.60 6.00
CA GLN A 334 3.24 28.79 5.16
C GLN A 334 2.05 29.53 5.76
N PRO A 335 2.19 30.10 6.97
CA PRO A 335 1.04 30.65 7.69
C PRO A 335 0.43 31.95 7.07
N GLU A 336 1.16 32.65 6.20
CA GLU A 336 0.76 33.98 5.67
C GLU A 336 0.18 33.88 4.26
N ALA A 337 0.05 32.69 3.70
CA ALA A 337 -0.63 32.47 2.39
C ALA A 337 -1.81 31.53 2.55
N PRO A 338 -2.81 31.67 1.65
CA PRO A 338 -3.93 30.76 1.62
C PRO A 338 -3.41 29.34 1.36
N VAL A 339 -4.06 28.37 1.98
CA VAL A 339 -3.89 26.94 1.62
C VAL A 339 -4.60 26.72 0.29
N TRP A 340 -3.90 26.18 -0.69
CA TRP A 340 -4.49 25.93 -2.01
C TRP A 340 -3.85 24.69 -2.64
N ALA A 341 -4.54 24.12 -3.62
CA ALA A 341 -4.09 22.89 -4.29
C ALA A 341 -3.67 23.25 -5.70
N ALA A 342 -2.36 23.29 -5.97
CA ALA A 342 -1.80 23.49 -7.33
C ALA A 342 -2.26 22.33 -8.22
N GLY A 343 -2.44 21.15 -7.64
CA GLY A 343 -2.92 19.92 -8.28
C GLY A 343 -4.07 19.35 -7.47
N PHE A 344 -5.27 19.38 -8.03
CA PHE A 344 -6.54 19.02 -7.37
C PHE A 344 -7.17 17.94 -8.24
N GLN A 345 -7.02 16.67 -7.83
CA GLN A 345 -7.31 15.54 -8.73
C GLN A 345 -8.65 15.71 -9.47
N ALA A 346 -8.58 15.60 -10.79
CA ALA A 346 -9.71 15.51 -11.73
C ALA A 346 -9.34 14.43 -12.74
N GLY A 347 -10.11 13.35 -12.78
CA GLY A 347 -9.74 12.13 -13.50
C GLY A 347 -8.54 11.48 -12.86
N THR A 348 -7.87 10.61 -13.63
CA THR A 348 -6.76 9.74 -13.21
C THR A 348 -5.65 9.87 -14.25
N ARG A 349 -4.43 9.94 -13.77
CA ARG A 349 -3.18 9.94 -14.58
C ARG A 349 -2.91 8.58 -15.18
N GLU A 350 -3.54 7.51 -14.69
CA GLU A 350 -3.23 6.12 -15.14
C GLU A 350 -4.51 5.30 -15.25
N HIS A 351 -4.66 4.61 -16.39
CA HIS A 351 -5.91 3.93 -16.80
C HIS A 351 -6.37 2.93 -15.73
N HIS A 352 -5.43 2.24 -15.10
CA HIS A 352 -5.71 1.09 -14.19
C HIS A 352 -6.11 1.55 -12.78
N VAL A 353 -6.03 2.86 -12.52
CA VAL A 353 -6.41 3.47 -11.23
C VAL A 353 -7.55 4.43 -11.54
N LYS A 354 -8.77 3.95 -11.36
CA LYS A 354 -10.00 4.70 -11.72
C LYS A 354 -10.19 5.87 -10.77
N ALA A 355 -10.79 6.92 -11.30
CA ALA A 355 -11.24 8.11 -10.56
C ALA A 355 -12.72 8.29 -10.89
N TYR A 356 -13.57 8.15 -9.90
CA TYR A 356 -15.04 8.26 -10.08
C TYR A 356 -15.49 9.68 -9.71
N ALA A 357 -16.31 10.26 -10.58
CA ALA A 357 -16.93 11.58 -10.36
C ALA A 357 -17.54 11.64 -8.94
N LYS A 358 -18.21 10.56 -8.50
CA LYS A 358 -18.94 10.52 -7.20
C LYS A 358 -17.93 10.57 -6.04
N ASP A 359 -16.74 9.97 -6.18
CA ASP A 359 -15.67 10.09 -5.16
C ASP A 359 -15.17 11.53 -5.17
N LEU A 360 -14.76 12.01 -6.34
CA LEU A 360 -14.02 13.29 -6.45
C LEU A 360 -14.93 14.44 -6.04
N GLU A 361 -16.23 14.39 -6.33
CA GLU A 361 -17.19 15.44 -5.90
C GLU A 361 -17.17 15.55 -4.37
N THR A 362 -17.17 14.42 -3.66
CA THR A 362 -17.10 14.40 -2.19
C THR A 362 -15.74 14.97 -1.77
N PHE A 363 -14.63 14.59 -2.40
CA PHE A 363 -13.27 15.12 -2.08
C PHE A 363 -13.25 16.66 -2.19
N TYR A 364 -13.86 17.22 -3.22
CA TYR A 364 -13.90 18.69 -3.45
C TYR A 364 -14.63 19.38 -2.30
N ILE A 365 -15.75 18.83 -1.90
CA ILE A 365 -16.56 19.36 -0.76
C ILE A 365 -15.78 19.16 0.54
N ALA A 366 -15.19 18.00 0.80
CA ALA A 366 -14.40 17.76 2.02
C ALA A 366 -13.23 18.77 2.07
N SER A 367 -12.69 19.15 0.91
CA SER A 367 -11.52 20.05 0.81
C SER A 367 -11.94 21.45 1.27
N LEU A 368 -13.16 21.88 0.89
CA LEU A 368 -13.80 23.12 1.41
C LEU A 368 -13.96 23.02 2.94
N ALA A 369 -14.50 21.93 3.43
CA ALA A 369 -14.65 21.65 4.89
C ALA A 369 -13.27 21.74 5.58
N HIS A 370 -12.23 21.23 4.91
CA HIS A 370 -10.86 21.09 5.41
C HIS A 370 -10.04 22.37 5.11
N GLY A 371 -10.67 23.45 4.66
CA GLY A 371 -10.11 24.81 4.68
C GLY A 371 -9.40 25.21 3.40
N ILE A 372 -9.61 24.50 2.31
CA ILE A 372 -8.95 24.89 1.03
C ILE A 372 -9.56 26.22 0.54
N LYS A 373 -8.73 27.12 0.05
CA LYS A 373 -9.11 28.50 -0.36
C LYS A 373 -8.99 28.69 -1.87
N GLY A 374 -8.51 27.66 -2.57
CA GLY A 374 -8.27 27.73 -4.02
C GLY A 374 -7.80 26.41 -4.56
N PHE A 375 -8.05 26.13 -5.85
CA PHE A 375 -7.51 24.86 -6.41
C PHE A 375 -7.46 24.96 -7.93
N ASN A 376 -6.71 24.03 -8.47
CA ASN A 376 -6.53 23.85 -9.93
C ASN A 376 -6.86 22.40 -10.23
N TYR A 377 -8.03 22.15 -10.81
CA TYR A 377 -8.50 20.83 -11.22
C TYR A 377 -7.46 20.30 -12.21
N TYR A 378 -6.85 19.18 -11.88
CA TYR A 378 -5.75 18.53 -12.63
C TYR A 378 -6.11 17.06 -12.80
N MET A 379 -6.60 16.63 -13.98
CA MET A 379 -6.71 17.41 -15.19
C MET A 379 -8.18 17.78 -15.47
N PHE A 380 -8.46 19.05 -15.73
CA PHE A 380 -9.80 19.47 -16.19
C PHE A 380 -10.02 18.90 -17.59
N SER A 381 -9.04 19.06 -18.47
CA SER A 381 -9.12 18.56 -19.88
C SER A 381 -8.16 17.40 -20.08
N GLN A 382 -8.68 16.29 -20.62
CA GLN A 382 -7.85 15.17 -21.13
C GLN A 382 -6.97 15.71 -22.26
N GLY A 383 -5.88 15.01 -22.55
CA GLY A 383 -5.00 15.30 -23.68
C GLY A 383 -4.66 14.04 -24.43
N ILE A 384 -4.23 14.22 -25.67
CA ILE A 384 -3.56 13.13 -26.46
C ILE A 384 -2.12 13.58 -26.69
N ASN A 385 -1.16 12.75 -26.33
CA ASN A 385 0.28 13.02 -26.50
C ASN A 385 0.54 13.08 -28.00
N PRO A 386 1.13 14.17 -28.50
CA PRO A 386 1.64 14.17 -29.88
C PRO A 386 2.90 13.29 -29.90
N GLU A 387 3.33 12.89 -31.10
CA GLU A 387 4.76 12.60 -31.45
C GLU A 387 5.43 11.80 -30.32
N GLY A 388 4.77 10.75 -29.81
CA GLY A 388 5.29 9.79 -28.81
C GLY A 388 5.74 10.44 -27.51
N LYS A 389 5.18 11.59 -27.14
CA LYS A 389 5.62 12.37 -25.94
C LYS A 389 5.05 11.83 -24.63
N GLY A 390 4.09 10.89 -24.66
CA GLY A 390 3.51 10.32 -23.44
C GLY A 390 4.54 9.42 -22.80
N PHE A 391 4.76 9.52 -21.49
CA PHE A 391 5.73 8.66 -20.78
C PHE A 391 5.23 7.22 -20.85
N TYR A 392 3.92 7.02 -20.65
CA TYR A 392 3.26 5.73 -20.30
C TYR A 392 2.29 5.27 -21.39
N GLY A 393 1.96 6.10 -22.38
CA GLY A 393 1.01 5.79 -23.46
C GLY A 393 0.58 7.04 -24.21
N LYS A 394 -0.37 6.91 -25.14
CA LYS A 394 -0.76 8.00 -26.06
C LYS A 394 -1.75 8.93 -25.35
N THR A 395 -2.54 8.41 -24.41
CA THR A 395 -3.65 9.20 -23.81
C THR A 395 -3.16 9.78 -22.51
N PHE A 396 -3.38 11.08 -22.35
CA PHE A 396 -3.00 11.82 -21.12
C PHE A 396 -4.27 12.07 -20.32
N TYR A 397 -4.41 11.29 -19.25
CA TYR A 397 -5.48 11.35 -18.23
C TYR A 397 -6.75 10.73 -18.81
N PHE A 398 -7.60 10.31 -17.89
CA PHE A 398 -8.88 9.64 -18.17
C PHE A 398 -9.90 10.15 -17.14
N GLN A 399 -11.18 10.10 -17.49
CA GLN A 399 -12.31 10.37 -16.54
C GLN A 399 -12.18 11.81 -16.02
N THR A 400 -11.75 12.69 -16.89
CA THR A 400 -11.58 14.14 -16.67
C THR A 400 -12.96 14.81 -16.83
N ALA A 401 -13.00 16.16 -16.76
CA ALA A 401 -14.22 16.96 -16.98
C ALA A 401 -14.56 16.98 -18.48
N LEU A 402 -13.55 17.15 -19.33
CA LEU A 402 -13.66 17.12 -20.81
C LEU A 402 -12.73 16.05 -21.36
N ASP A 403 -13.15 15.30 -22.39
CA ASP A 403 -12.20 14.45 -23.16
C ASP A 403 -11.33 15.36 -24.03
N ALA A 404 -10.27 14.84 -24.64
CA ALA A 404 -9.35 15.63 -25.50
C ALA A 404 -10.12 16.41 -26.58
N ALA A 405 -11.27 15.89 -27.04
CA ALA A 405 -12.06 16.50 -28.13
C ALA A 405 -13.00 17.62 -27.62
N SER A 406 -13.07 17.84 -26.30
CA SER A 406 -13.87 18.90 -25.60
C SER A 406 -15.30 18.40 -25.31
N ASN A 407 -15.57 17.10 -25.44
CA ASN A 407 -16.88 16.55 -25.00
C ASN A 407 -16.93 16.60 -23.47
N LYS A 408 -18.08 16.97 -22.92
CA LYS A 408 -18.32 16.85 -21.46
C LYS A 408 -18.41 15.39 -21.03
N LEU A 409 -17.65 15.03 -20.00
CA LEU A 409 -17.71 13.72 -19.34
C LEU A 409 -18.45 13.89 -18.00
N ALA A 410 -18.74 12.80 -17.30
CA ALA A 410 -19.50 12.82 -16.03
C ALA A 410 -18.92 13.87 -15.07
N LEU A 411 -17.59 13.95 -14.95
CA LEU A 411 -17.00 14.81 -13.91
C LEU A 411 -17.39 16.28 -14.15
N TYR A 412 -17.66 16.67 -15.41
CA TYR A 412 -17.96 18.10 -15.74
C TYR A 412 -19.12 18.60 -14.86
N ASP A 413 -20.18 17.79 -14.71
CA ASP A 413 -21.40 18.20 -13.95
C ASP A 413 -21.07 18.29 -12.45
N SER A 414 -20.22 17.40 -11.95
CA SER A 414 -19.74 17.47 -10.54
C SER A 414 -18.99 18.79 -10.28
N ILE A 415 -18.07 19.15 -11.17
CA ILE A 415 -17.27 20.40 -11.02
C ILE A 415 -18.21 21.60 -11.16
N LYS A 416 -19.19 21.53 -12.07
CA LYS A 416 -20.14 22.66 -12.23
C LYS A 416 -20.88 22.87 -10.90
N LYS A 417 -21.40 21.81 -10.28
CA LYS A 417 -22.16 21.86 -9.00
C LYS A 417 -21.26 22.45 -7.90
N VAL A 418 -20.05 21.94 -7.76
CA VAL A 418 -19.14 22.44 -6.68
C VAL A 418 -18.83 23.93 -6.93
N ASN A 419 -18.46 24.30 -8.14
CA ASN A 419 -18.08 25.70 -8.45
C ASN A 419 -19.30 26.62 -8.23
N ARG A 420 -20.52 26.17 -8.52
CA ARG A 420 -21.74 27.00 -8.35
C ARG A 420 -21.92 27.30 -6.86
N PHE A 421 -21.81 26.30 -6.02
CA PHE A 421 -21.82 26.45 -4.54
C PHE A 421 -20.72 27.45 -4.15
N ILE A 422 -19.49 27.27 -4.64
CA ILE A 422 -18.35 28.14 -4.21
C ILE A 422 -18.62 29.60 -4.61
N ARG A 423 -19.11 29.85 -5.83
CA ARG A 423 -19.34 31.25 -6.32
C ARG A 423 -20.50 31.87 -5.56
N LYS A 424 -21.52 31.09 -5.24
CA LYS A 424 -22.68 31.56 -4.44
C LYS A 424 -22.19 31.95 -3.04
N GLU A 425 -21.23 31.23 -2.45
CA GLU A 425 -20.92 31.36 -1.00
C GLU A 425 -19.54 31.99 -0.71
N GLN A 426 -18.67 32.14 -1.69
CA GLN A 426 -17.22 32.42 -1.49
C GLN A 426 -16.99 33.66 -0.60
N LYS A 427 -17.87 34.67 -0.67
CA LYS A 427 -17.79 35.93 0.14
C LYS A 427 -17.83 35.61 1.65
N ASP A 428 -18.69 34.69 2.10
CA ASP A 428 -18.76 34.25 3.52
C ASP A 428 -17.74 33.13 3.75
N LEU A 429 -17.85 32.06 2.94
CA LEU A 429 -17.10 30.79 3.13
C LEU A 429 -15.61 31.08 3.33
N LEU A 430 -15.02 31.93 2.49
CA LEU A 430 -13.57 32.19 2.55
C LEU A 430 -13.20 32.90 3.88
N ARG A 431 -14.16 33.57 4.51
CA ARG A 431 -13.93 34.33 5.75
C ARG A 431 -14.24 33.49 6.98
N THR A 432 -14.66 32.24 6.79
CA THR A 432 -15.02 31.34 7.90
C THR A 432 -13.78 30.63 8.44
N ASN A 433 -13.87 30.26 9.71
CA ASN A 433 -12.86 29.44 10.43
C ASN A 433 -13.61 28.31 11.16
N VAL A 434 -12.89 27.23 11.48
CA VAL A 434 -13.34 26.22 12.47
C VAL A 434 -12.84 26.69 13.84
N ASN A 435 -13.49 26.29 14.92
CA ASN A 435 -13.07 26.67 16.29
C ASN A 435 -12.07 25.63 16.80
N SER A 436 -10.77 25.84 16.63
CA SER A 436 -9.77 24.85 17.08
C SER A 436 -9.35 25.19 18.51
N GLU A 437 -9.61 24.31 19.47
CA GLU A 437 -9.08 24.48 20.84
C GLU A 437 -7.83 23.62 21.07
N ILE A 438 -7.45 22.85 20.06
CA ILE A 438 -6.34 21.86 20.16
C ILE A 438 -5.29 22.30 19.17
N CYS A 439 -4.04 22.39 19.60
CA CYS A 439 -2.90 22.64 18.72
C CYS A 439 -1.98 21.42 18.73
N VAL A 440 -1.55 20.99 17.56
CA VAL A 440 -0.58 19.88 17.45
C VAL A 440 0.75 20.44 16.93
N GLY A 441 1.84 20.12 17.64
CA GLY A 441 3.21 20.54 17.34
C GLY A 441 3.74 19.85 16.11
N PHE A 442 4.29 20.65 15.20
CA PHE A 442 5.02 20.13 14.02
C PHE A 442 6.50 20.40 14.28
N TYR A 443 7.26 19.35 14.54
CA TYR A 443 8.70 19.41 14.89
C TYR A 443 9.48 18.87 13.71
N LYS A 444 9.95 19.81 12.90
CA LYS A 444 10.40 19.50 11.51
C LYS A 444 11.55 18.50 11.53
N PRO A 445 12.54 18.56 12.45
CA PRO A 445 13.67 17.61 12.40
C PRO A 445 13.28 16.12 12.41
N TYR A 446 12.12 15.77 12.93
CA TYR A 446 11.63 14.36 12.88
C TYR A 446 11.35 13.96 11.43
N PHE A 447 11.09 14.93 10.55
CA PHE A 447 10.72 14.75 9.12
C PHE A 447 11.96 14.73 8.22
N PHE A 448 13.12 15.13 8.77
CA PHE A 448 14.39 15.24 7.99
C PHE A 448 15.04 13.85 7.90
N THR A 449 14.43 12.92 7.15
CA THR A 449 15.00 11.55 7.01
C THR A 449 15.01 11.08 5.55
N GLU A 450 14.65 11.92 4.58
CA GLU A 450 14.51 11.47 3.17
C GLU A 450 15.81 10.84 2.63
N LEU A 451 16.99 11.08 3.25
CA LEU A 451 18.30 10.48 2.84
C LEU A 451 18.48 9.11 3.50
N ILE A 452 17.76 8.80 4.58
CA ILE A 452 18.08 7.62 5.45
C ILE A 452 16.86 6.72 5.73
N SER A 453 15.64 7.21 5.64
CA SER A 453 14.45 6.42 6.02
C SER A 453 13.21 7.02 5.41
N SER A 454 12.56 6.31 4.51
CA SER A 454 11.32 6.76 3.87
C SER A 454 10.63 5.55 3.25
N GLN A 455 9.38 5.70 2.86
CA GLN A 455 8.60 4.64 2.17
C GLN A 455 9.26 4.33 0.80
N LEU A 456 9.83 5.33 0.13
CA LEU A 456 10.40 5.20 -1.24
C LEU A 456 11.89 4.82 -1.20
N LEU A 457 12.63 5.12 -0.13
CA LEU A 457 14.11 4.99 -0.14
C LEU A 457 14.48 3.51 -0.24
N LYS A 458 15.41 3.14 -1.12
CA LYS A 458 15.66 1.73 -1.43
C LYS A 458 16.33 1.07 -0.23
N GLU A 459 17.29 1.75 0.40
CA GLU A 459 18.04 1.25 1.58
C GLU A 459 17.42 1.80 2.85
N LYS A 460 17.33 0.99 3.90
CA LYS A 460 17.09 1.47 5.27
C LYS A 460 18.46 1.85 5.85
N LYS A 461 18.79 3.13 5.96
CA LYS A 461 20.10 3.55 6.50
C LYS A 461 19.95 3.81 8.00
N LEU A 462 18.74 4.08 8.49
CA LEU A 462 18.50 4.46 9.90
C LEU A 462 17.85 3.28 10.62
N ASN A 463 18.60 2.66 11.56
CA ASN A 463 18.09 1.74 12.61
C ASN A 463 18.45 2.35 13.97
N VAL A 464 17.47 2.94 14.63
CA VAL A 464 17.74 3.70 15.89
C VAL A 464 18.31 2.77 16.97
N GLU A 465 17.92 1.49 16.96
CA GLU A 465 18.36 0.51 17.99
C GLU A 465 19.89 0.46 18.00
N GLU A 466 20.54 0.54 16.83
CA GLU A 466 22.01 0.64 16.70
C GLU A 466 22.58 1.84 17.46
N LEU A 467 21.80 2.89 17.68
CA LEU A 467 22.25 4.14 18.34
C LEU A 467 21.87 4.14 19.83
N GLY A 468 21.38 3.03 20.37
CA GLY A 468 20.80 2.93 21.73
C GLY A 468 19.52 3.74 21.88
N LEU A 469 18.74 3.91 20.80
CA LEU A 469 17.42 4.57 20.88
C LEU A 469 16.35 3.50 20.61
N TYR A 470 15.08 3.80 20.83
CA TYR A 470 13.98 2.87 20.45
C TYR A 470 12.86 3.59 19.70
N ILE A 471 12.81 4.92 19.69
CA ILE A 471 11.71 5.65 19.00
C ILE A 471 12.22 6.20 17.67
N ASP A 472 11.89 5.48 16.62
CA ASP A 472 12.22 5.87 15.22
C ASP A 472 11.39 7.09 14.84
N PRO A 473 12.03 8.20 14.37
CA PRO A 473 11.30 9.43 14.08
C PRO A 473 10.29 9.26 12.93
N ARG A 474 10.58 8.38 11.98
CA ARG A 474 9.64 8.18 10.85
C ARG A 474 8.41 7.36 11.33
N PHE A 475 8.63 6.28 12.10
CA PHE A 475 7.52 5.55 12.74
C PHE A 475 6.67 6.52 13.59
N LEU A 476 7.30 7.37 14.39
CA LEU A 476 6.57 8.37 15.21
C LEU A 476 5.72 9.26 14.28
N ARG A 477 6.32 9.86 13.24
CA ARG A 477 5.60 10.92 12.50
C ARG A 477 4.52 10.29 11.61
N GLU A 478 4.69 9.03 11.18
CA GLU A 478 3.70 8.35 10.28
C GLU A 478 2.58 7.70 11.09
N GLU A 479 2.93 6.89 12.09
CA GLU A 479 1.99 5.99 12.80
C GLU A 479 1.47 6.67 14.06
N ILE A 480 2.30 7.41 14.79
CA ILE A 480 1.81 8.02 16.07
C ILE A 480 1.15 9.37 15.73
N LEU A 481 1.70 10.15 14.80
CA LEU A 481 1.14 11.49 14.46
C LEU A 481 0.13 11.39 13.31
N PHE A 482 0.57 11.08 12.09
CA PHE A 482 -0.23 11.31 10.86
C PHE A 482 -1.44 10.33 10.83
N ASN A 483 -1.16 9.04 10.88
CA ASN A 483 -2.17 7.95 10.85
C ASN A 483 -2.74 7.73 12.26
N GLY A 484 -2.25 8.46 13.26
CA GLY A 484 -2.59 8.21 14.67
C GLY A 484 -3.38 9.35 15.27
N LEU A 485 -2.69 10.29 15.91
CA LEU A 485 -3.34 11.46 16.54
C LEU A 485 -4.18 12.25 15.53
N LEU A 486 -3.60 12.68 14.41
CA LEU A 486 -4.33 13.52 13.43
C LEU A 486 -5.55 12.74 12.94
N ARG A 487 -5.39 11.45 12.61
CA ARG A 487 -6.50 10.61 12.14
C ARG A 487 -7.57 10.48 13.24
N GLY A 488 -7.15 10.26 14.47
CA GLY A 488 -8.02 10.10 15.63
C GLY A 488 -8.84 11.35 15.86
N LEU A 489 -8.18 12.50 15.88
CA LEU A 489 -8.89 13.76 16.16
C LEU A 489 -9.91 14.02 15.07
N GLN A 490 -9.56 13.81 13.80
CA GLN A 490 -10.50 14.04 12.68
C GLN A 490 -11.69 13.07 12.81
N THR A 491 -11.43 11.81 13.11
CA THR A 491 -12.44 10.76 13.23
C THR A 491 -13.39 11.14 14.38
N LEU A 492 -12.84 11.70 15.46
CA LEU A 492 -13.61 12.09 16.68
C LEU A 492 -14.31 13.43 16.48
N ASN A 493 -14.06 14.11 15.37
CA ASN A 493 -14.66 15.42 15.08
C ASN A 493 -14.22 16.46 16.11
N TYR A 494 -12.94 16.43 16.50
CA TYR A 494 -12.29 17.55 17.22
C TYR A 494 -11.45 18.34 16.22
N ASN A 495 -11.73 19.63 16.13
CA ASN A 495 -10.91 20.59 15.33
C ASN A 495 -9.49 20.65 15.91
N TYR A 496 -8.47 20.58 15.07
CA TYR A 496 -7.09 20.89 15.53
C TYR A 496 -6.44 21.86 14.54
N ASP A 497 -5.51 22.67 15.04
CA ASP A 497 -4.51 23.40 14.22
C ASP A 497 -3.13 22.75 14.38
N VAL A 498 -2.25 22.93 13.40
CA VAL A 498 -0.83 22.51 13.48
C VAL A 498 0.02 23.78 13.52
N VAL A 499 1.02 23.82 14.39
CA VAL A 499 1.97 24.97 14.50
C VAL A 499 3.39 24.41 14.40
N ASP A 500 4.16 25.02 13.51
CA ASP A 500 5.61 24.79 13.34
C ASP A 500 6.32 25.29 14.60
N LEU A 501 7.00 24.38 15.31
CA LEU A 501 7.65 24.70 16.60
C LEU A 501 8.90 25.57 16.39
N GLU A 502 9.46 25.62 15.19
CA GLU A 502 10.74 26.35 14.98
C GLU A 502 10.45 27.86 15.02
N ASN A 503 11.17 28.60 15.85
CA ASN A 503 11.06 30.07 16.00
C ASN A 503 9.65 30.41 16.41
N CYS A 504 8.95 29.47 17.02
CA CYS A 504 7.50 29.61 17.31
C CYS A 504 7.30 30.62 18.46
N ASP A 505 6.37 31.54 18.26
CA ASP A 505 5.95 32.58 19.24
C ASP A 505 5.13 31.91 20.35
N LEU A 506 5.50 32.10 21.62
CA LEU A 506 4.70 31.63 22.79
C LEU A 506 3.27 32.14 22.68
N LYS A 507 3.12 33.43 22.35
CA LYS A 507 1.81 34.12 22.23
C LYS A 507 0.86 33.29 21.36
N SER A 508 1.34 32.72 20.26
CA SER A 508 0.52 31.96 19.28
C SER A 508 0.17 30.54 19.76
N LEU A 509 0.74 30.08 20.88
CA LEU A 509 0.39 28.75 21.47
C LEU A 509 -0.69 28.94 22.55
N THR A 510 -0.80 30.13 23.15
CA THR A 510 -1.56 30.37 24.40
C THR A 510 -3.05 30.47 24.08
N ALA A 511 -3.41 30.67 22.82
CA ALA A 511 -4.80 30.69 22.29
C ALA A 511 -5.50 29.33 22.45
N TYR A 512 -4.78 28.20 22.58
CA TYR A 512 -5.38 26.83 22.60
C TYR A 512 -5.66 26.38 24.04
N LYS A 513 -6.60 25.46 24.19
CA LYS A 513 -6.83 24.80 25.50
C LYS A 513 -5.78 23.71 25.72
N GLN A 514 -5.26 23.11 24.65
CA GLN A 514 -4.30 21.98 24.73
C GLN A 514 -3.32 22.07 23.55
N LEU A 515 -2.04 21.91 23.87
CA LEU A 515 -0.91 21.67 22.97
C LEU A 515 -0.50 20.20 23.08
N TRP A 516 -0.54 19.49 21.95
CA TRP A 516 -0.16 18.06 21.87
C TRP A 516 1.17 17.94 21.16
N ILE A 517 2.13 17.28 21.80
CA ILE A 517 3.47 17.05 21.23
C ILE A 517 3.73 15.55 21.19
N THR A 518 4.00 15.03 19.99
CA THR A 518 4.42 13.64 19.78
C THR A 518 5.95 13.67 19.72
N SER A 519 6.60 13.22 20.78
CA SER A 519 8.06 13.43 21.00
C SER A 519 8.80 12.10 20.86
N ALA A 520 9.97 12.14 20.22
CA ALA A 520 10.99 11.07 20.30
C ALA A 520 11.91 11.37 21.50
N GLU A 521 13.03 10.66 21.56
CA GLU A 521 14.00 10.78 22.67
C GLU A 521 14.86 12.01 22.46
N PHE A 522 14.77 12.67 21.30
CA PHE A 522 15.61 13.83 20.94
C PHE A 522 14.71 15.00 20.55
N MET A 523 15.16 16.21 20.86
CA MET A 523 14.46 17.49 20.61
C MET A 523 15.45 18.61 20.96
N ASP A 524 15.54 19.64 20.13
CA ASP A 524 16.58 20.69 20.32
C ASP A 524 16.24 21.49 21.59
N ALA A 525 17.24 22.22 22.05
CA ALA A 525 17.21 23.03 23.28
C ALA A 525 16.13 24.10 23.17
N GLU A 526 15.97 24.69 21.99
CA GLU A 526 15.06 25.84 21.75
C GLU A 526 13.63 25.33 21.93
N THR A 527 13.30 24.17 21.37
CA THR A 527 11.92 23.60 21.46
C THR A 527 11.69 23.09 22.89
N GLN A 528 12.69 22.45 23.50
CA GLN A 528 12.60 21.98 24.91
C GLN A 528 12.28 23.17 25.82
N ASN A 529 12.93 24.31 25.59
CA ASN A 529 12.72 25.57 26.35
C ASN A 529 11.32 26.15 26.09
N LEU A 530 10.90 26.21 24.84
CA LEU A 530 9.56 26.75 24.46
C LEU A 530 8.44 25.97 25.15
N LEU A 531 8.49 24.62 25.15
CA LEU A 531 7.43 23.79 25.76
C LEU A 531 7.47 23.96 27.29
N SER A 532 8.67 24.10 27.86
CA SER A 532 8.87 24.39 29.31
C SER A 532 8.12 25.67 29.65
N GLU A 533 8.42 26.77 28.92
CA GLU A 533 7.81 28.10 29.17
C GLU A 533 6.32 28.06 28.87
N PHE A 534 5.90 27.38 27.81
CA PHE A 534 4.46 27.18 27.54
C PHE A 534 3.72 26.73 28.81
N VAL A 535 4.20 25.68 29.49
CA VAL A 535 3.47 25.09 30.65
C VAL A 535 3.59 26.00 31.87
N LEU A 536 4.79 26.51 32.18
CA LEU A 536 5.02 27.38 33.36
C LEU A 536 4.07 28.58 33.28
N ASN A 537 3.88 29.17 32.09
CA ASN A 537 3.05 30.40 31.94
C ASN A 537 1.55 30.09 31.89
N GLY A 538 1.11 28.81 31.93
CA GLY A 538 -0.31 28.44 32.01
C GLY A 538 -0.82 27.54 30.89
N GLY A 539 0.06 27.06 29.99
CA GLY A 539 -0.34 26.14 28.91
C GLY A 539 -0.62 24.73 29.45
N ASN A 540 -1.50 23.99 28.76
CA ASN A 540 -1.83 22.58 29.05
C ASN A 540 -1.17 21.73 27.97
N LEU A 541 -0.22 20.90 28.38
CA LEU A 541 0.64 20.14 27.44
C LEU A 541 0.31 18.66 27.56
N ILE A 542 0.11 18.02 26.42
CA ILE A 542 0.01 16.54 26.36
C ILE A 542 1.23 16.09 25.56
N LEU A 543 2.06 15.26 26.19
CA LEU A 543 3.35 14.87 25.60
C LEU A 543 3.49 13.36 25.72
N TYR A 544 3.81 12.71 24.61
CA TYR A 544 4.05 11.25 24.51
C TYR A 544 4.77 10.99 23.19
N PRO A 545 5.43 9.84 22.98
CA PRO A 545 5.61 8.81 24.01
C PRO A 545 6.86 8.93 24.90
N ALA A 546 7.58 10.04 24.81
CA ALA A 546 8.86 10.16 25.52
C ALA A 546 9.08 11.61 25.94
N VAL A 547 9.44 11.81 27.20
CA VAL A 547 10.27 12.96 27.60
C VAL A 547 11.57 12.79 26.83
N PRO A 548 11.92 13.74 25.93
CA PRO A 548 13.21 13.71 25.24
C PRO A 548 14.33 14.04 26.25
N THR A 549 15.55 13.54 26.04
CA THR A 549 16.75 13.80 26.89
C THR A 549 17.99 14.10 26.04
N LEU A 550 17.81 14.17 24.71
CA LEU A 550 18.87 14.39 23.71
C LEU A 550 18.47 15.56 22.82
N ASP A 551 19.46 16.21 22.22
CA ASP A 551 19.26 17.26 21.21
C ASP A 551 19.27 16.57 19.83
N ASN A 552 19.24 17.36 18.76
CA ASN A 552 19.13 16.82 17.38
C ASN A 552 20.39 16.07 16.98
N TYR A 553 21.51 16.25 17.71
CA TYR A 553 22.80 15.54 17.45
C TYR A 553 22.95 14.35 18.41
N LEU A 554 21.88 13.99 19.12
CA LEU A 554 21.84 12.90 20.13
C LEU A 554 22.86 13.12 21.26
N ASN A 555 23.22 14.37 21.56
CA ASN A 555 23.99 14.73 22.79
C ASN A 555 23.00 15.10 23.89
N ARG A 556 23.45 15.06 25.13
CA ARG A 556 22.56 15.21 26.31
C ARG A 556 21.82 16.55 26.23
N CYS A 557 20.50 16.57 26.35
CA CYS A 557 19.70 17.81 26.55
C CYS A 557 18.45 17.46 27.38
N GLU A 558 18.49 17.79 28.66
CA GLU A 558 17.49 17.36 29.67
C GLU A 558 16.71 18.58 30.15
N ILE A 559 16.67 19.62 29.34
CA ILE A 559 15.99 20.90 29.74
C ILE A 559 14.54 20.62 30.16
N LEU A 560 13.77 19.98 29.29
CA LEU A 560 12.32 19.75 29.51
C LEU A 560 12.14 18.83 30.72
N LYS A 561 12.87 17.73 30.75
CA LYS A 561 12.83 16.76 31.87
C LYS A 561 13.05 17.46 33.22
N ASN A 562 14.09 18.27 33.31
CA ASN A 562 14.45 19.03 34.54
C ASN A 562 13.42 20.14 34.81
N ASN A 563 12.99 20.89 33.79
CA ASN A 563 11.98 21.98 34.00
C ASN A 563 10.65 21.38 34.49
N PHE A 564 10.32 20.13 34.12
CA PHE A 564 9.02 19.51 34.52
C PHE A 564 9.17 18.63 35.76
N GLY A 565 10.38 18.54 36.32
CA GLY A 565 10.65 17.80 37.56
C GLY A 565 10.28 16.35 37.40
N ILE A 566 10.62 15.79 36.23
CA ILE A 566 10.33 14.37 35.86
C ILE A 566 11.55 13.52 36.15
N GLU A 567 11.34 12.40 36.84
CA GLU A 567 12.32 11.31 36.99
C GLU A 567 11.72 10.09 36.31
N PHE A 568 12.47 9.41 35.46
CA PHE A 568 11.96 8.18 34.84
C PHE A 568 13.12 7.19 34.64
N ILE A 569 12.79 5.90 34.59
CA ILE A 569 13.66 4.82 34.08
C ILE A 569 12.93 4.20 32.88
N THR A 570 13.68 3.84 31.84
CA THR A 570 13.15 3.10 30.68
C THR A 570 13.19 1.61 31.01
N LYS A 571 12.04 0.93 31.00
CA LYS A 571 11.95 -0.53 31.31
C LYS A 571 11.14 -1.25 30.23
N ASP A 572 11.40 -2.55 30.03
CA ASP A 572 10.60 -3.47 29.18
C ASP A 572 9.35 -3.88 29.94
N SER A 573 8.21 -3.95 29.26
CA SER A 573 6.97 -4.63 29.74
C SER A 573 6.18 -5.08 28.51
N SER A 574 5.04 -5.71 28.73
CA SER A 574 4.02 -6.01 27.71
C SER A 574 3.70 -4.73 26.93
N HIS A 575 3.33 -4.88 25.67
CA HIS A 575 2.81 -3.76 24.82
C HIS A 575 1.56 -3.15 25.47
N LYS A 576 0.78 -3.93 26.21
CA LYS A 576 -0.52 -3.46 26.73
C LYS A 576 -0.29 -2.69 28.03
N VAL A 577 -0.96 -1.54 28.12
CA VAL A 577 -1.08 -0.70 29.32
C VAL A 577 -2.55 -0.48 29.60
N SER A 578 -2.86 -0.05 30.80
CA SER A 578 -4.13 0.59 31.18
C SER A 578 -3.89 2.11 31.24
N ALA A 579 -4.78 2.94 30.71
CA ALA A 579 -4.65 4.40 30.79
C ALA A 579 -6.01 5.01 31.04
N PHE A 580 -6.13 5.83 32.08
CA PHE A 580 -7.37 6.53 32.46
C PHE A 580 -8.51 5.51 32.65
N GLY A 581 -8.20 4.27 33.06
CA GLY A 581 -9.23 3.25 33.33
C GLY A 581 -9.58 2.43 32.10
N ILE A 582 -9.03 2.76 30.94
CA ILE A 582 -9.08 1.95 29.69
C ILE A 582 -8.03 0.84 29.82
N GLU A 583 -8.47 -0.42 29.87
CA GLU A 583 -7.60 -1.63 29.90
C GLU A 583 -7.14 -2.01 28.49
N ASP A 584 -6.01 -2.71 28.39
CA ASP A 584 -5.57 -3.42 27.17
C ASP A 584 -5.43 -2.39 26.05
N VAL A 585 -4.85 -1.24 26.39
CA VAL A 585 -4.41 -0.22 25.40
C VAL A 585 -3.11 -0.72 24.78
N PHE A 586 -3.14 -1.16 23.53
CA PHE A 586 -1.93 -1.70 22.89
C PHE A 586 -0.99 -0.53 22.55
N THR A 587 0.29 -0.62 22.93
CA THR A 587 1.33 0.41 22.65
C THR A 587 2.39 -0.21 21.76
N ALA A 588 3.09 0.60 20.98
CA ALA A 588 3.96 0.12 19.89
C ALA A 588 5.26 -0.49 20.44
N PHE A 589 5.74 -0.10 21.64
CA PHE A 589 7.08 -0.50 22.14
C PHE A 589 6.99 -1.24 23.48
N SER A 590 7.79 -2.30 23.61
CA SER A 590 8.07 -2.99 24.89
C SER A 590 8.62 -1.99 25.92
N LYS A 591 9.63 -1.24 25.52
CA LYS A 591 10.25 -0.19 26.36
C LYS A 591 9.24 0.92 26.60
N LYS A 592 9.13 1.36 27.86
CA LYS A 592 8.27 2.50 28.24
C LYS A 592 9.06 3.38 29.21
N GLN A 593 8.65 4.63 29.35
CA GLN A 593 9.17 5.49 30.43
C GLN A 593 8.35 5.20 31.70
N ILE A 594 9.03 4.90 32.79
CA ILE A 594 8.42 4.66 34.12
C ILE A 594 8.66 5.89 35.00
N TYR A 595 7.60 6.55 35.44
CA TYR A 595 7.69 7.85 36.15
C TYR A 595 7.62 7.59 37.67
N ASN A 596 8.27 8.42 38.47
CA ASN A 596 8.01 8.58 39.92
C ASN A 596 6.65 9.27 40.11
N ASP A 597 5.94 8.78 41.12
CA ASP A 597 4.77 9.34 41.85
C ASP A 597 4.82 10.86 42.14
N THR A 598 6.00 11.46 42.25
CA THR A 598 6.27 12.71 43.00
C THR A 598 5.43 13.87 42.47
N ASN A 599 4.59 14.45 43.32
CA ASN A 599 3.87 15.70 43.00
C ASN A 599 3.05 15.51 41.71
N SER A 600 2.42 14.37 41.52
CA SER A 600 1.75 14.01 40.24
C SER A 600 0.63 13.01 40.52
N LYS A 601 -0.33 12.92 39.61
CA LYS A 601 -1.38 11.90 39.62
C LYS A 601 -1.00 10.83 38.61
N PRO A 602 -0.74 9.57 39.05
CA PRO A 602 -0.53 8.46 38.13
C PRO A 602 -1.83 8.11 37.40
N ILE A 603 -1.81 7.99 36.07
CA ILE A 603 -3.04 7.81 35.24
C ILE A 603 -2.81 6.71 34.21
N ALA A 604 -1.63 6.10 34.15
CA ALA A 604 -1.38 4.93 33.28
C ALA A 604 -0.38 3.99 33.94
N PHE A 605 -0.57 2.69 33.72
CA PHE A 605 0.13 1.58 34.41
C PHE A 605 0.44 0.48 33.39
N THR A 606 1.63 -0.14 33.53
CA THR A 606 2.08 -1.33 32.77
C THR A 606 1.37 -2.59 33.29
N GLN A 607 1.60 -3.74 32.64
CA GLN A 607 1.03 -5.03 33.09
C GLN A 607 1.58 -5.35 34.48
N GLU A 608 2.73 -4.77 34.90
CA GLU A 608 3.33 -4.98 36.25
C GLU A 608 2.86 -3.88 37.22
N ASN A 609 1.89 -3.08 36.82
CA ASN A 609 1.36 -1.91 37.58
C ASN A 609 2.43 -0.84 37.83
N GLU A 610 3.51 -0.77 37.05
CA GLU A 610 4.45 0.38 37.06
C GLU A 610 3.81 1.61 36.40
N ILE A 611 4.17 2.80 36.85
CA ILE A 611 3.57 4.08 36.39
C ILE A 611 4.21 4.49 35.06
N CYS A 612 3.43 4.45 33.97
CA CYS A 612 3.93 4.88 32.64
C CYS A 612 3.13 6.09 32.11
N GLY A 613 2.44 6.82 32.98
CA GLY A 613 1.80 8.10 32.60
C GLY A 613 1.39 8.85 33.84
N ILE A 614 1.58 10.17 33.86
CA ILE A 614 1.25 11.02 35.04
C ILE A 614 0.64 12.32 34.56
N ARG A 615 -0.05 13.01 35.44
CA ARG A 615 -0.60 14.38 35.22
C ARG A 615 -0.05 15.24 36.36
N LYS A 616 0.35 16.47 36.09
CA LYS A 616 0.83 17.38 37.16
C LYS A 616 0.56 18.83 36.78
N LYS A 617 0.52 19.66 37.81
CA LYS A 617 0.43 21.11 37.74
C LYS A 617 1.86 21.62 37.90
N ILE A 618 2.28 22.49 36.99
CA ILE A 618 3.64 23.09 36.98
C ILE A 618 3.45 24.57 36.67
N GLY A 619 3.81 25.41 37.62
CA GLY A 619 3.58 26.85 37.45
C GLY A 619 2.09 27.05 37.32
N LYS A 620 1.64 27.76 36.29
CA LYS A 620 0.19 28.01 36.07
C LYS A 620 -0.40 26.95 35.15
N GLY A 621 0.43 25.99 34.66
CA GLY A 621 0.08 25.07 33.57
C GLY A 621 -0.18 23.66 34.06
N GLU A 622 -0.50 22.78 33.11
CA GLU A 622 -0.83 21.35 33.31
C GLU A 622 0.03 20.54 32.34
N LEU A 623 0.55 19.43 32.82
CA LEU A 623 1.33 18.49 31.99
C LEU A 623 0.66 17.13 32.10
N THR A 624 0.38 16.50 30.96
CA THR A 624 0.06 15.07 30.88
C THR A 624 1.17 14.43 30.08
N ILE A 625 1.88 13.50 30.69
CA ILE A 625 2.91 12.74 29.95
C ILE A 625 2.55 11.26 29.98
N LEU A 626 2.62 10.62 28.81
CA LEU A 626 2.42 9.17 28.61
C LEU A 626 3.74 8.59 28.10
N GLY A 627 4.31 7.65 28.87
CA GLY A 627 5.59 7.00 28.57
C GLY A 627 5.42 5.84 27.63
N PHE A 628 4.52 5.95 26.65
CA PHE A 628 4.17 4.83 25.73
C PHE A 628 3.61 5.42 24.45
N ALA A 629 3.74 4.67 23.35
CA ALA A 629 3.37 5.08 21.97
C ALA A 629 2.06 4.40 21.53
N PHE A 630 1.05 5.19 21.19
CA PHE A 630 -0.17 4.68 20.51
C PHE A 630 -0.46 5.60 19.33
N GLY A 631 -0.95 5.01 18.24
CA GLY A 631 -1.52 5.73 17.10
C GLY A 631 -3.02 5.57 17.10
N TYR A 632 -3.60 5.07 15.99
CA TYR A 632 -5.00 4.63 15.96
C TYR A 632 -5.09 3.28 15.24
N THR A 633 -4.92 2.21 15.99
CA THR A 633 -4.97 0.83 15.46
C THR A 633 -5.93 -0.03 16.32
N SER A 634 -6.70 0.60 17.20
CA SER A 634 -7.75 -0.08 17.99
C SER A 634 -8.78 0.94 18.46
N ASP A 635 -9.93 0.44 18.88
CA ASP A 635 -11.02 1.26 19.49
C ASP A 635 -10.45 1.90 20.76
N GLU A 636 -9.54 1.22 21.48
CA GLU A 636 -9.00 1.75 22.76
C GLU A 636 -8.24 3.05 22.48
N HIS A 637 -7.64 3.17 21.31
CA HIS A 637 -6.85 4.36 20.96
C HIS A 637 -7.75 5.57 20.82
N LEU A 638 -8.94 5.41 20.21
CA LEU A 638 -9.89 6.54 20.06
C LEU A 638 -10.45 6.88 21.43
N GLU A 639 -10.70 5.88 22.24
CA GLU A 639 -11.23 6.11 23.62
C GLU A 639 -10.17 6.89 24.41
N LEU A 640 -8.90 6.55 24.25
CA LEU A 640 -7.80 7.27 24.97
C LEU A 640 -7.70 8.72 24.47
N ILE A 641 -7.72 8.95 23.17
CA ILE A 641 -7.60 10.33 22.61
C ILE A 641 -8.78 11.17 23.13
N ASP A 642 -9.98 10.58 23.15
CA ASP A 642 -11.22 11.27 23.56
C ASP A 642 -11.05 11.66 25.05
N LYS A 643 -10.54 10.74 25.86
CA LYS A 643 -10.34 10.97 27.33
C LYS A 643 -9.39 12.14 27.51
N LEU A 644 -8.29 12.15 26.76
CA LEU A 644 -7.25 13.21 26.88
C LEU A 644 -7.84 14.56 26.47
N VAL A 645 -8.57 14.62 25.37
CA VAL A 645 -9.20 15.90 24.94
C VAL A 645 -10.13 16.39 26.08
N LYS A 646 -10.91 15.48 26.65
CA LYS A 646 -11.97 15.83 27.65
C LYS A 646 -11.31 16.24 28.98
N LEU A 647 -10.00 16.02 29.17
CA LEU A 647 -9.29 16.49 30.39
C LEU A 647 -9.47 18.01 30.55
N ASN A 648 -9.59 18.75 29.45
CA ASN A 648 -9.75 20.23 29.46
C ASN A 648 -11.14 20.60 28.93
N LYS A 649 -12.09 19.67 28.98
CA LYS A 649 -13.53 19.93 28.73
C LYS A 649 -13.72 20.52 27.33
N ILE A 650 -12.86 20.16 26.38
CA ILE A 650 -13.05 20.47 24.93
C ILE A 650 -14.26 19.65 24.45
N LYS A 651 -15.20 20.31 23.80
CA LYS A 651 -16.46 19.69 23.34
C LYS A 651 -16.54 19.75 21.81
N ARG A 652 -17.11 18.74 21.18
CA ARG A 652 -17.51 18.82 19.73
C ARG A 652 -18.57 19.93 19.53
N GLU A 653 -18.57 20.57 18.37
CA GLU A 653 -19.54 21.60 17.93
C GLU A 653 -20.96 21.04 17.84
N LEU A 654 -21.10 19.73 17.59
CA LEU A 654 -22.41 19.08 17.32
C LEU A 654 -22.47 17.77 18.09
N PHE A 655 -23.66 17.39 18.59
CA PHE A 655 -24.02 15.99 18.94
C PHE A 655 -24.61 15.36 17.69
N VAL A 656 -23.90 14.41 17.11
CA VAL A 656 -24.33 13.61 15.94
C VAL A 656 -24.58 12.21 16.47
N SER A 657 -25.69 11.58 16.11
CA SER A 657 -26.10 10.25 16.63
C SER A 657 -25.26 9.12 16.01
N ASP A 658 -24.61 9.32 14.88
CA ASP A 658 -23.74 8.26 14.28
C ASP A 658 -22.30 8.74 14.42
N LYS A 659 -21.50 8.06 15.24
CA LYS A 659 -20.09 8.45 15.53
C LYS A 659 -19.25 8.36 14.25
N ASP A 660 -19.72 7.63 13.23
CA ASP A 660 -18.94 7.42 11.98
C ASP A 660 -19.22 8.54 10.96
N ILE A 661 -20.12 9.48 11.26
CA ILE A 661 -20.31 10.71 10.43
C ILE A 661 -19.20 11.70 10.82
N GLN A 662 -18.46 12.17 9.82
CA GLN A 662 -17.54 13.31 10.02
C GLN A 662 -18.28 14.60 9.70
N PHE A 663 -18.02 15.61 10.51
CA PHE A 663 -18.55 16.97 10.28
C PHE A 663 -17.46 18.01 10.55
N VAL A 664 -17.65 19.16 9.93
CA VAL A 664 -16.86 20.41 10.17
C VAL A 664 -17.87 21.56 10.21
N VAL A 665 -17.80 22.39 11.26
CA VAL A 665 -18.57 23.65 11.38
C VAL A 665 -17.62 24.79 11.08
N ARG A 666 -17.85 25.52 10.00
CA ARG A 666 -17.06 26.71 9.61
C ARG A 666 -17.98 27.90 9.85
N GLU A 667 -17.51 28.93 10.54
CA GLU A 667 -18.38 30.09 10.80
C GLU A 667 -17.56 31.38 10.83
N ASN A 668 -18.25 32.48 10.53
CA ASN A 668 -17.82 33.88 10.79
C ASN A 668 -18.97 34.53 11.54
N ASN A 669 -18.94 35.87 11.69
CA ASN A 669 -19.99 36.65 12.42
C ASN A 669 -21.37 36.36 11.82
N LYS A 670 -21.46 36.20 10.49
CA LYS A 670 -22.68 36.30 9.67
C LYS A 670 -23.26 34.92 9.32
N SER A 671 -22.41 33.95 8.97
CA SER A 671 -22.79 32.63 8.38
C SER A 671 -22.18 31.46 9.15
N ARG A 672 -22.92 30.35 9.21
CA ARG A 672 -22.42 29.03 9.65
C ARG A 672 -22.63 28.03 8.50
N TYR A 673 -21.61 27.26 8.16
CA TYR A 673 -21.67 26.13 7.21
C TYR A 673 -21.43 24.85 7.99
N ILE A 674 -22.38 23.91 7.93
CA ILE A 674 -22.18 22.55 8.48
C ILE A 674 -21.90 21.63 7.30
N PHE A 675 -20.69 21.09 7.27
CA PHE A 675 -20.31 19.99 6.36
C PHE A 675 -20.46 18.63 7.07
N PHE A 676 -21.28 17.74 6.49
CA PHE A 676 -21.33 16.29 6.82
C PHE A 676 -20.63 15.50 5.71
N LEU A 677 -19.77 14.57 6.13
CA LEU A 677 -18.96 13.71 5.21
C LEU A 677 -19.18 12.26 5.65
N ASN A 678 -19.69 11.45 4.74
CA ASN A 678 -19.85 10.00 4.92
C ASN A 678 -18.75 9.31 4.11
N TYR A 679 -17.68 8.92 4.79
CA TYR A 679 -16.50 8.25 4.21
C TYR A 679 -16.68 6.73 4.17
N HIS A 680 -17.91 6.22 4.31
CA HIS A 680 -18.18 4.79 4.52
C HIS A 680 -19.11 4.27 3.43
N ASN A 681 -19.06 2.97 3.13
CA ASN A 681 -19.96 2.40 2.09
C ASN A 681 -21.23 1.92 2.80
N GLU A 682 -22.03 2.88 3.21
CA GLU A 682 -23.25 2.63 4.02
C GLU A 682 -24.11 3.87 3.91
N ARG A 683 -25.38 3.69 3.55
CA ARG A 683 -26.41 4.75 3.65
C ARG A 683 -26.67 5.01 5.14
N LYS A 684 -26.46 6.22 5.60
CA LYS A 684 -26.53 6.53 7.03
C LYS A 684 -27.68 7.51 7.23
N THR A 685 -28.59 7.18 8.13
CA THR A 685 -29.64 8.10 8.64
C THR A 685 -29.32 8.39 10.10
N PHE A 686 -29.13 9.67 10.42
CA PHE A 686 -28.65 10.11 11.74
C PHE A 686 -29.39 11.41 12.09
N ASN A 687 -29.35 11.79 13.35
CA ASN A 687 -29.83 13.13 13.77
C ASN A 687 -28.64 13.92 14.29
N TYR A 688 -28.76 15.23 14.36
CA TYR A 688 -27.72 16.08 14.99
C TYR A 688 -28.37 17.29 15.69
N ARG A 689 -27.59 17.94 16.54
CA ARG A 689 -27.94 19.24 17.15
C ARG A 689 -26.66 19.97 17.53
N LYS A 690 -26.70 21.31 17.62
CA LYS A 690 -25.57 22.12 18.11
C LYS A 690 -25.47 21.89 19.62
N SER A 691 -24.26 21.84 20.17
CA SER A 691 -24.03 21.65 21.64
C SER A 691 -23.76 22.99 22.33
N SER A 699 -33.68 18.19 17.37
CA SER A 699 -32.65 17.43 16.62
C SER A 699 -33.10 17.21 15.16
N GLU A 700 -32.32 17.69 14.21
CA GLU A 700 -32.54 17.57 12.74
C GLU A 700 -32.13 16.17 12.26
N GLU A 701 -32.82 15.62 11.25
CA GLU A 701 -32.60 14.25 10.69
C GLU A 701 -32.01 14.36 9.28
N ILE A 702 -31.02 13.52 8.98
CA ILE A 702 -30.24 13.55 7.72
C ILE A 702 -30.08 12.12 7.23
N SER A 703 -30.29 11.91 5.95
CA SER A 703 -29.89 10.67 5.22
C SER A 703 -28.80 11.04 4.24
N ILE A 704 -27.70 10.30 4.30
CA ILE A 704 -26.52 10.59 3.46
C ILE A 704 -26.13 9.29 2.78
N ALA A 705 -25.98 9.34 1.45
CA ALA A 705 -25.54 8.22 0.61
C ALA A 705 -24.12 7.82 1.00
N PRO A 706 -23.70 6.58 0.66
CA PRO A 706 -22.28 6.21 0.73
C PRO A 706 -21.36 7.23 0.05
N PHE A 707 -20.20 7.47 0.67
CA PHE A 707 -19.09 8.23 0.04
C PHE A 707 -19.63 9.57 -0.43
N SER A 708 -20.46 10.21 0.41
CA SER A 708 -21.25 11.40 0.02
C SER A 708 -21.16 12.50 1.09
N TYR A 709 -21.86 13.59 0.84
CA TYR A 709 -21.74 14.82 1.66
C TYR A 709 -23.10 15.51 1.74
N LYS A 710 -23.28 16.29 2.80
CA LYS A 710 -24.34 17.33 2.87
C LYS A 710 -23.67 18.61 3.36
N VAL A 711 -24.15 19.73 2.85
CA VAL A 711 -23.73 21.08 3.31
C VAL A 711 -24.98 21.87 3.67
N ILE A 712 -25.04 22.34 4.92
CA ILE A 712 -26.17 23.17 5.43
C ILE A 712 -25.60 24.56 5.70
N LYS A 713 -26.23 25.59 5.15
CA LYS A 713 -25.94 27.01 5.47
C LYS A 713 -26.98 27.58 6.45
N GLU A 714 -26.50 28.24 7.51
CA GLU A 714 -27.34 28.93 8.51
C GLU A 714 -26.94 30.41 8.52
N ASN A 715 -27.93 31.30 8.44
CA ASN A 715 -27.75 32.77 8.59
C ASN A 715 -27.88 33.07 10.09
N LYS A 716 -26.85 33.62 10.76
CA LYS A 716 -26.82 33.67 12.26
C LYS A 716 -27.60 34.88 12.80
N SER B 6 -16.61 -33.24 -13.31
CA SER B 6 -15.40 -32.41 -13.60
C SER B 6 -15.08 -31.45 -12.42
N GLU B 7 -16.08 -30.75 -11.87
CA GLU B 7 -15.90 -29.81 -10.72
C GLU B 7 -15.64 -30.56 -9.41
N LYS B 8 -14.83 -29.94 -8.56
CA LYS B 8 -14.60 -30.40 -7.16
C LYS B 8 -15.48 -29.57 -6.22
N TYR B 9 -16.21 -30.20 -5.32
CA TYR B 9 -17.10 -29.49 -4.39
C TYR B 9 -17.29 -30.39 -3.18
N PHE B 10 -17.68 -29.79 -2.07
CA PHE B 10 -17.97 -30.55 -0.85
C PHE B 10 -19.27 -31.29 -1.12
N VAL B 11 -19.53 -32.31 -0.32
CA VAL B 11 -20.71 -33.20 -0.50
C VAL B 11 -21.38 -33.36 0.86
N LYS B 12 -22.69 -33.26 0.90
CA LYS B 12 -23.50 -33.54 2.11
C LYS B 12 -24.74 -34.31 1.64
N ASN B 13 -25.03 -35.44 2.27
CA ASN B 13 -26.24 -36.25 1.96
C ASN B 13 -26.18 -36.61 0.47
N GLY B 14 -25.00 -37.01 -0.01
CA GLY B 14 -24.72 -37.42 -1.40
C GLY B 14 -25.09 -36.36 -2.44
N GLN B 15 -25.14 -35.08 -2.09
CA GLN B 15 -25.45 -33.97 -3.04
C GLN B 15 -24.35 -32.93 -2.95
N PRO B 16 -24.15 -32.12 -4.02
CA PRO B 16 -23.22 -30.98 -3.96
C PRO B 16 -23.67 -30.11 -2.79
N HIS B 17 -22.75 -29.80 -1.90
CA HIS B 17 -22.97 -29.01 -0.67
C HIS B 17 -22.04 -27.79 -0.69
N PHE B 18 -22.59 -26.57 -0.62
CA PHE B 18 -21.75 -25.37 -0.44
C PHE B 18 -21.39 -25.27 1.03
N LEU B 19 -20.11 -25.41 1.39
CA LEU B 19 -19.70 -25.38 2.80
C LEU B 19 -19.89 -23.94 3.28
N ILE B 20 -20.82 -23.70 4.22
CA ILE B 20 -21.04 -22.36 4.83
C ILE B 20 -20.75 -22.49 6.32
N SER B 21 -19.57 -22.05 6.72
CA SER B 21 -19.06 -22.07 8.10
C SER B 21 -18.93 -20.64 8.62
N GLY B 22 -19.11 -20.49 9.93
CA GLY B 22 -18.90 -19.23 10.65
C GLY B 22 -17.91 -19.46 11.77
N GLU B 23 -16.90 -18.61 11.83
CA GLU B 23 -15.89 -18.68 12.89
C GLU B 23 -16.51 -18.06 14.15
N VAL B 24 -16.55 -18.84 15.23
CA VAL B 24 -17.10 -18.46 16.56
C VAL B 24 -16.13 -19.00 17.61
N HIS B 25 -15.38 -18.11 18.26
CA HIS B 25 -14.36 -18.48 19.26
C HIS B 25 -15.05 -18.60 20.62
N TYR B 26 -15.36 -19.83 21.02
CA TYR B 26 -16.07 -20.12 22.29
C TYR B 26 -15.28 -19.45 23.44
N PHE B 27 -13.94 -19.48 23.37
CA PHE B 27 -13.00 -19.06 24.44
C PHE B 27 -13.00 -17.54 24.53
N ARG B 28 -13.66 -16.85 23.61
CA ARG B 28 -13.77 -15.36 23.59
C ARG B 28 -15.22 -14.91 23.74
N ILE B 29 -16.14 -15.84 23.99
CA ILE B 29 -17.58 -15.53 24.13
C ILE B 29 -18.07 -16.00 25.50
N ASN B 30 -18.88 -15.17 26.12
CA ASN B 30 -19.65 -15.47 27.35
C ASN B 30 -20.41 -16.78 27.15
N PRO B 31 -20.07 -17.87 27.89
CA PRO B 31 -20.69 -19.18 27.68
C PRO B 31 -22.22 -19.24 27.78
N LYS B 32 -22.80 -18.34 28.57
CA LYS B 32 -24.27 -18.16 28.65
C LYS B 32 -24.84 -17.89 27.25
N LEU B 33 -24.05 -17.28 26.36
CA LEU B 33 -24.52 -16.88 25.02
C LEU B 33 -23.98 -17.80 23.92
N TRP B 34 -23.26 -18.89 24.25
CA TRP B 34 -22.79 -19.86 23.22
C TRP B 34 -23.97 -20.36 22.36
N ARG B 35 -25.06 -20.82 22.98
CA ARG B 35 -26.24 -21.37 22.26
C ARG B 35 -26.81 -20.29 21.33
N ASN B 36 -26.93 -19.06 21.83
CA ASN B 36 -27.53 -17.96 21.04
C ASN B 36 -26.70 -17.68 19.77
N HIS B 37 -25.37 -17.53 19.88
CA HIS B 37 -24.46 -17.38 18.72
C HIS B 37 -24.72 -18.52 17.73
N LEU B 38 -24.70 -19.76 18.21
CA LEU B 38 -24.85 -20.97 17.36
C LEU B 38 -26.22 -20.93 16.68
N GLN B 39 -27.27 -20.50 17.38
CA GLN B 39 -28.63 -20.48 16.79
C GLN B 39 -28.66 -19.35 15.77
N LEU B 40 -28.07 -18.19 16.07
CA LEU B 40 -28.07 -17.11 15.06
C LEU B 40 -27.24 -17.54 13.84
N LEU B 41 -26.15 -18.27 14.03
CA LEU B 41 -25.32 -18.76 12.90
C LEU B 41 -26.17 -19.69 12.04
N LYS B 42 -26.73 -20.74 12.64
CA LYS B 42 -27.66 -21.69 11.96
C LYS B 42 -28.77 -20.92 11.22
N GLN B 43 -29.33 -19.89 11.83
CA GLN B 43 -30.46 -19.11 11.22
C GLN B 43 -30.04 -18.32 9.97
N THR B 44 -28.74 -18.16 9.67
CA THR B 44 -28.30 -17.56 8.37
C THR B 44 -28.34 -18.63 7.28
N GLY B 45 -28.56 -19.88 7.66
CA GLY B 45 -28.43 -21.05 6.76
C GLY B 45 -27.02 -21.59 6.74
N ALA B 46 -26.12 -21.13 7.62
CA ALA B 46 -24.77 -21.75 7.77
C ALA B 46 -24.95 -23.19 8.29
N ASP B 47 -24.03 -24.08 7.94
CA ASP B 47 -24.16 -25.53 8.26
C ASP B 47 -23.03 -25.94 9.20
N THR B 48 -21.99 -25.12 9.32
CA THR B 48 -20.75 -25.44 10.08
C THR B 48 -20.32 -24.22 10.91
N VAL B 49 -19.62 -24.48 12.01
CA VAL B 49 -18.97 -23.46 12.88
C VAL B 49 -17.51 -23.86 13.02
N SER B 50 -16.64 -22.87 13.10
CA SER B 50 -15.18 -23.08 13.09
C SER B 50 -14.56 -22.40 14.30
N THR B 51 -13.59 -23.04 14.96
CA THR B 51 -12.91 -22.45 16.14
C THR B 51 -11.53 -23.03 16.36
N TYR B 52 -10.64 -22.21 16.92
CA TYR B 52 -9.39 -22.67 17.55
C TYR B 52 -9.75 -23.37 18.86
N ILE B 53 -8.88 -24.30 19.26
CA ILE B 53 -8.83 -24.87 20.62
C ILE B 53 -7.45 -24.53 21.13
N PRO B 54 -7.31 -23.39 21.85
CA PRO B 54 -5.98 -22.88 22.21
C PRO B 54 -5.31 -23.67 23.34
N TRP B 55 -4.14 -24.21 23.02
CA TRP B 55 -3.29 -24.95 24.00
C TRP B 55 -3.22 -24.15 25.31
N ASP B 56 -2.93 -22.84 25.22
CA ASP B 56 -2.69 -21.99 26.41
C ASP B 56 -3.96 -21.95 27.29
N TRP B 57 -5.14 -21.92 26.65
CA TRP B 57 -6.48 -21.84 27.28
C TRP B 57 -6.84 -23.10 28.08
N HIS B 58 -6.35 -24.28 27.69
CA HIS B 58 -6.83 -25.56 28.27
C HIS B 58 -5.71 -26.26 29.07
N GLU B 59 -4.43 -26.17 28.69
CA GLU B 59 -3.34 -26.64 29.58
C GLU B 59 -2.98 -25.43 30.45
N ILE B 60 -3.75 -25.19 31.53
CA ILE B 60 -3.68 -23.93 32.33
C ILE B 60 -2.34 -23.87 33.10
N GLU B 61 -1.83 -24.99 33.56
CA GLU B 61 -0.42 -25.15 34.06
C GLU B 61 0.12 -26.41 33.44
N GLU B 62 1.44 -26.67 33.55
CA GLU B 62 2.01 -27.90 32.98
C GLU B 62 1.23 -29.09 33.57
N ASP B 63 0.62 -29.88 32.69
CA ASP B 63 -0.06 -31.17 33.00
C ASP B 63 -1.33 -30.96 33.84
N ASP B 64 -1.93 -29.77 33.79
CA ASP B 64 -3.23 -29.40 34.38
C ASP B 64 -4.19 -28.98 33.26
N PHE B 65 -5.04 -29.89 32.81
CA PHE B 65 -5.92 -29.68 31.64
C PHE B 65 -7.34 -29.42 32.12
N ASP B 66 -7.99 -28.40 31.53
CA ASP B 66 -9.42 -28.10 31.79
C ASP B 66 -10.15 -27.96 30.44
N PHE B 67 -10.95 -28.97 30.06
CA PHE B 67 -11.80 -28.95 28.85
C PHE B 67 -13.27 -28.95 29.24
N GLU B 68 -13.57 -28.72 30.53
CA GLU B 68 -14.92 -28.91 31.12
C GLU B 68 -15.40 -27.66 31.86
N GLY B 69 -14.61 -26.59 31.83
CA GLY B 69 -14.93 -25.35 32.56
C GLY B 69 -14.80 -25.51 34.07
N LYS B 70 -13.90 -26.37 34.56
CA LYS B 70 -13.60 -26.48 36.01
C LYS B 70 -13.09 -25.13 36.52
N THR B 71 -12.22 -24.46 35.78
CA THR B 71 -11.46 -23.27 36.26
C THR B 71 -12.00 -21.98 35.64
N HIS B 72 -12.73 -22.07 34.52
CA HIS B 72 -13.37 -20.92 33.85
C HIS B 72 -14.45 -21.51 32.93
N PRO B 73 -15.70 -21.04 32.96
CA PRO B 73 -16.75 -21.70 32.19
C PRO B 73 -16.44 -21.74 30.68
N ALA B 74 -15.65 -20.79 30.15
CA ALA B 74 -15.31 -20.68 28.70
C ALA B 74 -14.19 -21.66 28.36
N ARG B 75 -13.66 -22.39 29.34
CA ARG B 75 -12.78 -23.55 29.08
C ARG B 75 -13.61 -24.82 28.85
N ASN B 76 -14.94 -24.73 28.88
CA ASN B 76 -15.86 -25.90 28.71
C ASN B 76 -16.00 -26.26 27.22
N LEU B 77 -14.92 -26.72 26.58
CA LEU B 77 -14.93 -27.19 25.17
C LEU B 77 -15.97 -28.30 25.01
N ILE B 78 -16.08 -29.21 25.99
CA ILE B 78 -17.00 -30.38 25.91
C ILE B 78 -18.41 -29.82 25.69
N ARG B 79 -18.83 -28.84 26.48
CA ARG B 79 -20.18 -28.23 26.37
C ARG B 79 -20.32 -27.54 25.02
N PHE B 80 -19.28 -26.83 24.55
CA PHE B 80 -19.39 -26.13 23.22
C PHE B 80 -19.67 -27.16 22.12
N ILE B 81 -18.95 -28.28 22.12
CA ILE B 81 -19.16 -29.39 21.15
C ILE B 81 -20.62 -29.88 21.28
N LYS B 82 -21.07 -30.12 22.51
CA LYS B 82 -22.44 -30.62 22.80
C LYS B 82 -23.45 -29.62 22.22
N LEU B 83 -23.22 -28.29 22.37
CA LEU B 83 -24.13 -27.23 21.80
C LEU B 83 -24.17 -27.29 20.28
N CYS B 84 -23.02 -27.43 19.62
CA CYS B 84 -22.95 -27.61 18.14
C CYS B 84 -23.86 -28.78 17.73
N LYS B 85 -23.74 -29.93 18.41
CA LYS B 85 -24.56 -31.13 18.08
C LYS B 85 -26.03 -30.75 18.25
N GLU B 86 -26.38 -30.15 19.39
CA GLU B 86 -27.77 -29.77 19.76
C GLU B 86 -28.35 -28.80 18.73
N GLU B 87 -27.55 -27.90 18.16
CA GLU B 87 -28.04 -26.85 17.24
C GLU B 87 -27.80 -27.28 15.77
N ASN B 88 -27.46 -28.55 15.55
CA ASN B 88 -27.22 -29.20 14.22
C ASN B 88 -26.23 -28.37 13.38
N LEU B 89 -25.07 -28.10 13.96
CA LEU B 89 -23.92 -27.49 13.23
C LEU B 89 -22.76 -28.47 13.25
N ASP B 90 -22.18 -28.73 12.08
CA ASP B 90 -20.87 -29.41 12.00
C ASP B 90 -19.83 -28.46 12.61
N LEU B 91 -18.66 -28.99 12.91
CA LEU B 91 -17.61 -28.26 13.65
C LEU B 91 -16.27 -28.50 12.96
N ILE B 92 -15.56 -27.40 12.70
CA ILE B 92 -14.12 -27.41 12.32
C ILE B 92 -13.34 -27.00 13.57
N VAL B 93 -12.32 -27.79 13.95
CA VAL B 93 -11.51 -27.52 15.18
C VAL B 93 -10.08 -27.31 14.73
N LYS B 94 -9.41 -26.36 15.39
CA LYS B 94 -8.03 -25.95 15.03
C LYS B 94 -7.21 -25.90 16.32
N PRO B 95 -6.64 -27.04 16.78
CA PRO B 95 -5.98 -27.12 18.08
C PRO B 95 -4.49 -26.72 18.10
N GLY B 96 -3.97 -26.24 16.98
CA GLY B 96 -2.59 -25.70 16.97
C GLY B 96 -1.56 -26.79 16.71
N PRO B 97 -0.36 -26.72 17.31
CA PRO B 97 -0.08 -25.90 18.50
C PRO B 97 -0.16 -24.38 18.32
N TYR B 98 0.30 -23.82 17.22
CA TYR B 98 0.11 -22.35 16.98
C TYR B 98 -1.32 -22.10 16.55
N ILE B 99 -1.95 -21.04 17.07
CA ILE B 99 -3.29 -20.61 16.58
C ILE B 99 -3.22 -19.16 16.07
N LEU B 100 -2.20 -18.40 16.44
CA LEU B 100 -2.09 -16.98 16.01
C LEU B 100 -3.32 -16.21 16.50
N ALA B 101 -4.12 -15.63 15.60
CA ALA B 101 -5.47 -15.08 15.90
C ALA B 101 -5.42 -14.10 17.08
N GLU B 102 -4.32 -13.34 17.22
CA GLU B 102 -4.16 -12.24 18.21
C GLU B 102 -4.31 -12.79 19.64
N TYR B 103 -3.99 -14.06 19.86
CA TYR B 103 -3.97 -14.71 21.19
C TYR B 103 -2.53 -14.59 21.72
N GLU B 104 -2.37 -14.15 22.97
CA GLU B 104 -1.06 -13.98 23.65
C GLU B 104 -0.15 -15.17 23.34
N ASN B 105 1.10 -14.94 22.95
CA ASN B 105 2.10 -16.03 22.73
C ASN B 105 1.62 -16.90 21.55
N GLN B 106 0.71 -16.38 20.75
CA GLN B 106 0.20 -17.04 19.52
C GLN B 106 -0.49 -18.35 19.87
N GLY B 107 -0.91 -18.51 21.13
CA GLY B 107 -1.64 -19.70 21.62
C GLY B 107 -0.77 -20.66 22.40
N LEU B 108 0.56 -20.51 22.39
CA LEU B 108 1.44 -21.41 23.18
C LEU B 108 1.34 -21.03 24.66
N PRO B 109 1.31 -22.01 25.59
CA PRO B 109 1.22 -21.69 27.02
C PRO B 109 2.37 -20.80 27.52
N SER B 110 2.09 -19.87 28.45
CA SER B 110 3.14 -19.08 29.13
C SER B 110 4.10 -20.03 29.84
N TRP B 111 3.58 -21.06 30.50
CA TRP B 111 4.41 -21.96 31.36
C TRP B 111 5.40 -22.71 30.44
N LEU B 112 5.03 -23.01 29.20
CA LEU B 112 5.91 -23.68 28.20
C LEU B 112 7.04 -22.73 27.79
N LEU B 113 6.73 -21.54 27.28
CA LEU B 113 7.75 -20.58 26.82
C LEU B 113 8.74 -20.29 27.95
N LYS B 114 8.28 -20.15 29.20
CA LYS B 114 9.15 -19.81 30.36
C LYS B 114 10.22 -20.90 30.52
N LYS B 115 9.88 -22.18 30.32
CA LYS B 115 10.69 -23.33 30.79
C LYS B 115 11.53 -23.94 29.66
N LEU B 116 11.14 -23.85 28.38
CA LEU B 116 11.94 -24.39 27.23
C LEU B 116 13.39 -23.87 27.28
N SER B 117 14.37 -24.72 26.96
CA SER B 117 15.77 -24.32 26.72
C SER B 117 15.88 -23.40 25.49
N LYS B 118 16.94 -22.60 25.46
CA LYS B 118 17.35 -21.70 24.33
C LYS B 118 17.27 -22.46 23.01
N ASN B 119 17.74 -23.70 23.02
CA ASN B 119 17.75 -24.69 21.91
C ASN B 119 16.39 -24.91 21.26
N ALA B 120 15.29 -24.65 21.95
CA ALA B 120 13.93 -24.94 21.42
C ALA B 120 13.43 -23.77 20.58
N PHE B 121 14.11 -22.61 20.62
CA PHE B 121 13.66 -21.37 19.95
C PHE B 121 14.30 -21.26 18.58
N ALA B 122 13.60 -20.60 17.67
CA ALA B 122 14.15 -20.17 16.38
C ALA B 122 15.27 -19.18 16.72
N LEU B 123 16.42 -19.31 16.06
CA LEU B 123 17.63 -18.51 16.40
C LEU B 123 18.08 -17.77 15.14
N ASP B 124 18.52 -16.53 15.28
CA ASP B 124 19.10 -15.74 14.17
C ASP B 124 20.50 -16.33 13.84
N GLU B 125 21.19 -15.77 12.84
CA GLU B 125 22.47 -16.34 12.36
C GLU B 125 23.59 -16.10 13.40
N ASN B 126 23.31 -15.40 14.51
CA ASN B 126 24.28 -15.12 15.60
C ASN B 126 23.94 -15.95 16.85
N GLY B 127 23.01 -16.93 16.74
CA GLY B 127 22.65 -17.84 17.84
C GLY B 127 21.71 -17.19 18.85
N ASN B 128 21.16 -16.00 18.55
CA ASN B 128 20.26 -15.23 19.45
C ASN B 128 18.80 -15.65 19.24
N VAL B 129 17.98 -15.61 20.30
CA VAL B 129 16.52 -15.90 20.23
C VAL B 129 15.87 -14.83 19.35
N ILE B 130 15.17 -15.26 18.31
CA ILE B 130 14.49 -14.34 17.36
C ILE B 130 13.34 -13.69 18.13
N SER B 131 12.50 -14.49 18.79
CA SER B 131 11.28 -14.01 19.49
C SER B 131 10.96 -14.93 20.67
N PRO B 132 10.57 -14.38 21.85
CA PRO B 132 10.27 -15.22 23.01
C PRO B 132 8.99 -16.06 22.76
N ASP B 133 8.29 -15.75 21.66
CA ASP B 133 7.08 -16.41 21.05
C ASP B 133 7.40 -17.57 20.09
N LEU B 134 8.57 -17.52 19.49
CA LEU B 134 8.86 -18.27 18.23
C LEU B 134 9.73 -19.49 18.55
N VAL B 135 9.11 -20.64 18.64
CA VAL B 135 9.83 -21.92 18.74
C VAL B 135 10.38 -22.30 17.35
N SER B 136 11.31 -23.25 17.39
CA SER B 136 11.84 -24.02 16.25
C SER B 136 10.89 -25.21 16.05
N TYR B 137 10.23 -25.29 14.90
CA TYR B 137 9.14 -26.28 14.64
C TYR B 137 9.60 -27.71 14.94
N LEU B 138 10.86 -28.06 14.67
CA LEU B 138 11.36 -29.45 14.91
C LEU B 138 12.24 -29.50 16.16
N SER B 139 12.13 -28.55 17.08
CA SER B 139 12.69 -28.65 18.45
C SER B 139 12.16 -29.90 19.12
N ASP B 140 13.06 -30.79 19.55
CA ASP B 140 12.72 -32.02 20.34
C ASP B 140 11.77 -31.63 21.46
N GLU B 141 12.10 -30.55 22.17
CA GLU B 141 11.41 -30.13 23.40
C GLU B 141 10.00 -29.65 23.02
N PHE B 142 9.91 -28.78 22.01
CA PHE B 142 8.64 -28.23 21.49
C PHE B 142 7.70 -29.35 21.07
N LEU B 143 8.18 -30.27 20.26
CA LEU B 143 7.36 -31.42 19.79
C LEU B 143 6.95 -32.31 20.98
N GLU B 144 7.81 -32.50 21.98
CA GLU B 144 7.46 -33.33 23.17
C GLU B 144 6.23 -32.71 23.86
N TYR B 145 6.27 -31.41 24.15
CA TYR B 145 5.12 -30.73 24.81
C TYR B 145 3.90 -30.70 23.86
N THR B 146 4.11 -30.52 22.54
CA THR B 146 3.00 -30.50 21.54
C THR B 146 2.27 -31.84 21.62
N PHE B 147 3.03 -32.93 21.62
CA PHE B 147 2.50 -34.32 21.69
C PHE B 147 1.68 -34.52 22.96
N LYS B 148 2.16 -33.95 24.07
CA LYS B 148 1.49 -34.09 25.39
C LYS B 148 0.17 -33.33 25.34
N TRP B 149 0.12 -32.15 24.70
CA TRP B 149 -1.14 -31.39 24.43
C TRP B 149 -2.06 -32.24 23.54
N TYR B 150 -1.53 -32.82 22.46
CA TYR B 150 -2.31 -33.66 21.51
C TYR B 150 -2.86 -34.89 22.27
N ASP B 151 -2.07 -35.48 23.18
CA ASP B 151 -2.49 -36.64 24.00
C ASP B 151 -3.78 -36.33 24.76
N LYS B 152 -4.04 -35.08 25.10
CA LYS B 152 -5.26 -34.70 25.86
C LYS B 152 -6.36 -34.18 24.91
N VAL B 153 -6.03 -33.33 23.94
CA VAL B 153 -7.09 -32.73 23.09
C VAL B 153 -7.55 -33.74 22.03
N MET B 154 -6.66 -34.58 21.50
CA MET B 154 -6.99 -35.42 20.32
C MET B 154 -7.99 -36.52 20.68
N PRO B 155 -7.98 -37.16 21.88
CA PRO B 155 -9.05 -38.12 22.22
C PRO B 155 -10.44 -37.47 22.23
N ILE B 156 -10.50 -36.20 22.61
CA ILE B 156 -11.80 -35.47 22.57
C ILE B 156 -12.24 -35.28 21.11
N ILE B 157 -11.30 -34.85 20.26
CA ILE B 157 -11.59 -34.66 18.81
C ILE B 157 -11.97 -36.02 18.20
N SER B 158 -11.24 -37.09 18.55
CA SER B 158 -11.45 -38.47 18.03
C SER B 158 -12.88 -38.91 18.32
N LYS B 159 -13.29 -38.84 19.59
CA LYS B 159 -14.66 -39.16 20.04
C LYS B 159 -15.69 -38.42 19.17
N HIS B 160 -15.48 -37.15 18.83
CA HIS B 160 -16.54 -36.31 18.22
C HIS B 160 -16.34 -36.14 16.72
N GLN B 161 -15.45 -36.94 16.10
CA GLN B 161 -15.14 -36.80 14.65
C GLN B 161 -16.29 -37.41 13.85
N LYS B 162 -16.54 -36.89 12.64
CA LYS B 162 -17.59 -37.31 11.68
C LYS B 162 -17.49 -38.81 11.35
N GLU B 163 -16.28 -39.37 11.19
CA GLU B 163 -16.14 -40.83 10.91
C GLU B 163 -16.58 -41.64 12.15
N HIS B 164 -16.91 -41.00 13.29
CA HIS B 164 -17.64 -41.60 14.45
C HIS B 164 -19.06 -41.01 14.56
N TYR B 165 -19.58 -40.41 13.47
CA TYR B 165 -20.93 -39.77 13.35
C TYR B 165 -21.05 -38.58 14.30
N GLY B 166 -19.93 -37.99 14.70
CA GLY B 166 -19.91 -36.77 15.54
C GLY B 166 -19.91 -35.53 14.64
N PRO B 167 -19.99 -34.29 15.22
CA PRO B 167 -20.09 -33.08 14.40
C PRO B 167 -18.78 -32.63 13.74
N ILE B 168 -17.60 -33.16 14.14
CA ILE B 168 -16.29 -32.60 13.68
C ILE B 168 -15.93 -33.21 12.32
N THR B 169 -16.00 -32.40 11.28
CA THR B 169 -15.81 -32.79 9.85
C THR B 169 -14.39 -32.51 9.39
N MET B 170 -13.72 -31.50 9.95
CA MET B 170 -12.34 -31.17 9.54
C MET B 170 -11.53 -30.68 10.74
N MET B 171 -10.22 -30.88 10.67
CA MET B 171 -9.31 -30.34 11.70
C MET B 171 -8.13 -29.66 11.00
N GLN B 172 -7.79 -28.46 11.46
CA GLN B 172 -6.61 -27.74 10.98
C GLN B 172 -5.38 -28.14 11.80
N LEU B 173 -4.27 -28.37 11.12
CA LEU B 173 -2.95 -28.65 11.71
C LEU B 173 -2.20 -27.33 11.83
N CYS B 174 -1.92 -26.93 13.07
CA CYS B 174 -1.18 -25.71 13.41
C CYS B 174 -1.91 -24.53 12.79
N ASN B 175 -1.19 -23.47 12.47
CA ASN B 175 -1.75 -22.29 11.76
C ASN B 175 -0.62 -21.62 10.98
N GLU B 176 -0.78 -21.52 9.65
CA GLU B 176 0.09 -20.71 8.74
C GLU B 176 1.54 -21.09 8.98
N ILE B 177 1.86 -22.36 8.81
CA ILE B 177 3.26 -22.82 8.94
C ILE B 177 4.17 -21.91 8.10
N GLY B 178 5.21 -21.35 8.73
CA GLY B 178 6.23 -20.51 8.09
C GLY B 178 5.88 -19.04 8.08
N VAL B 179 4.72 -18.64 8.58
CA VAL B 179 4.23 -17.23 8.57
C VAL B 179 5.30 -16.29 9.15
N PHE B 180 5.98 -16.66 10.23
CA PHE B 180 6.97 -15.80 10.95
C PHE B 180 8.20 -15.59 10.04
N GLN B 181 8.54 -16.53 9.16
CA GLN B 181 9.65 -16.32 8.17
C GLN B 181 9.19 -15.39 7.05
N TRP B 182 7.90 -15.40 6.73
CA TRP B 182 7.29 -14.41 5.80
C TRP B 182 7.31 -13.00 6.40
N LEU B 183 6.75 -12.82 7.60
CA LEU B 183 6.55 -11.50 8.24
C LEU B 183 7.91 -10.83 8.51
N SER B 184 8.96 -11.59 8.83
CA SER B 184 10.30 -11.08 9.25
C SER B 184 11.28 -11.07 8.08
N GLY B 185 11.09 -11.96 7.09
CA GLY B 185 12.07 -12.21 6.01
C GLY B 185 13.29 -13.00 6.49
N LYS B 186 13.26 -13.44 7.75
CA LYS B 186 14.37 -14.11 8.48
C LYS B 186 14.05 -15.59 8.65
N SER B 187 15.02 -16.47 8.38
CA SER B 187 14.89 -17.93 8.57
C SER B 187 15.39 -18.31 9.96
N ASP B 188 14.98 -19.48 10.41
CA ASP B 188 15.42 -20.12 11.67
C ASP B 188 16.80 -20.72 11.40
N TYR B 189 17.84 -20.16 12.04
CA TYR B 189 19.24 -20.66 12.00
C TYR B 189 19.52 -21.53 13.24
N ASN B 190 18.48 -22.08 13.90
CA ASN B 190 18.67 -23.08 14.98
C ASN B 190 19.64 -24.14 14.47
N PRO B 191 20.68 -24.55 15.23
CA PRO B 191 21.63 -25.56 14.75
C PRO B 191 20.92 -26.84 14.29
N LYS B 192 19.77 -27.18 14.86
CA LYS B 192 19.00 -28.40 14.45
C LYS B 192 18.44 -28.23 13.04
N VAL B 193 17.90 -27.06 12.74
CA VAL B 193 17.41 -26.73 11.38
C VAL B 193 18.57 -26.75 10.39
N ILE B 194 19.67 -26.04 10.70
CA ILE B 194 20.86 -25.96 9.81
C ILE B 194 21.40 -27.38 9.60
N ASN B 195 21.36 -28.26 10.59
CA ASN B 195 21.75 -29.69 10.41
C ASN B 195 20.78 -30.38 9.42
N LEU B 196 19.47 -30.14 9.50
CA LEU B 196 18.50 -30.75 8.54
C LEU B 196 18.73 -30.17 7.13
N TYR B 197 19.15 -28.92 7.03
CA TYR B 197 19.51 -28.25 5.75
C TYR B 197 20.68 -29.00 5.09
N LYS B 198 21.71 -29.33 5.87
CA LYS B 198 22.91 -30.04 5.37
C LYS B 198 22.51 -31.43 4.87
N GLU B 199 21.71 -32.17 5.64
CA GLU B 199 21.22 -33.50 5.19
C GLU B 199 20.48 -33.34 3.86
N PHE B 200 19.58 -32.37 3.76
CA PHE B 200 18.83 -32.05 2.54
C PHE B 200 19.81 -31.83 1.36
N ILE B 201 20.84 -30.99 1.56
CA ILE B 201 21.82 -30.64 0.51
C ILE B 201 22.60 -31.89 0.10
N ILE B 202 23.06 -32.69 1.07
CA ILE B 202 23.93 -33.88 0.83
C ILE B 202 23.11 -34.89 0.04
N GLN B 203 21.87 -35.11 0.46
CA GLN B 203 20.85 -35.95 -0.19
C GLN B 203 20.62 -35.47 -1.61
N ARG B 204 20.54 -34.16 -1.83
CA ARG B 204 20.16 -33.58 -3.14
C ARG B 204 21.32 -33.69 -4.13
N TYR B 205 22.57 -33.47 -3.68
CA TYR B 205 23.76 -33.37 -4.58
C TYR B 205 24.67 -34.60 -4.46
N LYS B 206 24.60 -35.37 -3.37
CA LYS B 206 25.34 -36.66 -3.16
C LYS B 206 26.80 -36.38 -2.83
N THR B 207 27.51 -35.67 -3.69
CA THR B 207 28.96 -35.38 -3.53
C THR B 207 29.17 -33.87 -3.56
N ILE B 208 30.24 -33.39 -2.94
CA ILE B 208 30.59 -31.94 -2.88
C ILE B 208 30.96 -31.47 -4.30
N GLU B 209 31.52 -32.36 -5.11
CA GLU B 209 31.85 -32.08 -6.53
C GLU B 209 30.56 -31.75 -7.31
N LYS B 210 29.49 -32.53 -7.14
CA LYS B 210 28.17 -32.28 -7.81
C LYS B 210 27.67 -30.88 -7.40
N LEU B 211 27.65 -30.58 -6.09
CA LEU B 211 27.22 -29.24 -5.61
C LEU B 211 28.11 -28.16 -6.24
N ASN B 212 29.43 -28.28 -6.15
CA ASN B 212 30.39 -27.28 -6.70
C ASN B 212 30.08 -27.02 -8.18
N SER B 213 29.77 -28.03 -8.97
CA SER B 213 29.56 -27.86 -10.44
C SER B 213 28.24 -27.12 -10.69
N VAL B 214 27.26 -27.24 -9.79
CA VAL B 214 25.96 -26.53 -9.93
C VAL B 214 26.16 -25.09 -9.43
N TYR B 215 26.79 -24.90 -8.26
CA TYR B 215 26.86 -23.58 -7.56
C TYR B 215 28.05 -22.75 -8.06
N SER B 216 28.99 -23.39 -8.78
CA SER B 216 30.38 -22.90 -9.02
C SER B 216 31.06 -22.53 -7.70
N THR B 217 31.00 -23.38 -6.67
CA THR B 217 31.73 -23.25 -5.39
C THR B 217 33.01 -24.12 -5.41
N ASN B 218 33.78 -24.11 -4.30
CA ASN B 218 35.12 -24.73 -4.20
C ASN B 218 35.29 -25.34 -2.80
N TYR B 219 34.21 -25.90 -2.27
CA TYR B 219 34.21 -26.66 -1.00
C TYR B 219 34.99 -27.95 -1.20
N ASN B 220 35.80 -28.32 -0.23
CA ASN B 220 36.55 -29.61 -0.18
C ASN B 220 35.66 -30.72 0.40
N SER B 221 34.62 -30.33 1.15
CA SER B 221 33.59 -31.25 1.69
C SER B 221 32.30 -30.45 2.01
N PHE B 222 31.24 -31.16 2.40
CA PHE B 222 29.97 -30.60 2.93
C PHE B 222 30.18 -29.94 4.30
N ASP B 223 31.32 -30.20 4.96
CA ASP B 223 31.67 -29.59 6.27
C ASP B 223 31.97 -28.09 6.06
N ASP B 224 32.37 -27.67 4.85
CA ASP B 224 32.72 -26.25 4.56
C ASP B 224 31.48 -25.47 4.13
N LEU B 225 30.34 -26.16 3.96
CA LEU B 225 29.09 -25.54 3.45
C LEU B 225 28.40 -24.82 4.61
N LYS B 226 28.13 -23.52 4.48
CA LYS B 226 27.45 -22.66 5.50
C LYS B 226 26.06 -22.25 4.97
N ALA B 227 25.04 -22.23 5.84
CA ALA B 227 23.68 -21.77 5.50
C ALA B 227 23.80 -20.36 4.93
N PRO B 228 23.13 -20.03 3.82
CA PRO B 228 23.18 -18.66 3.30
C PRO B 228 22.52 -17.64 4.24
N SER B 229 22.99 -16.39 4.18
CA SER B 229 22.50 -15.25 5.01
C SER B 229 22.99 -13.93 4.41
N GLY B 230 22.28 -12.84 4.69
CA GLY B 230 22.56 -11.51 4.14
C GLY B 230 22.33 -11.45 2.64
N LYS B 231 22.85 -10.41 2.00
CA LYS B 231 22.53 -10.03 0.60
C LYS B 231 23.17 -11.03 -0.37
N ILE B 232 22.49 -11.28 -1.48
CA ILE B 232 23.04 -12.07 -2.62
C ILE B 232 23.96 -11.13 -3.40
N LYS B 233 25.26 -11.47 -3.47
CA LYS B 233 26.29 -10.66 -4.15
C LYS B 233 26.79 -11.45 -5.37
N LEU B 234 26.80 -12.79 -5.26
CA LEU B 234 27.30 -13.74 -6.28
C LEU B 234 26.18 -14.73 -6.70
N ARG B 235 26.29 -15.24 -7.91
CA ARG B 235 25.42 -16.34 -8.42
C ARG B 235 25.49 -17.52 -7.47
N SER B 236 26.66 -17.86 -6.94
CA SER B 236 26.78 -18.94 -5.93
C SER B 236 25.85 -18.64 -4.73
N ASP B 237 25.72 -17.38 -4.30
CA ASP B 237 24.80 -17.00 -3.19
C ASP B 237 23.35 -17.23 -3.66
N TYR B 238 23.04 -16.90 -4.90
CA TYR B 238 21.68 -17.12 -5.46
C TYR B 238 21.33 -18.60 -5.38
N CYS B 239 22.23 -19.48 -5.87
CA CYS B 239 22.10 -20.97 -5.81
C CYS B 239 21.86 -21.44 -4.37
N ALA B 240 22.66 -20.99 -3.42
CA ALA B 240 22.56 -21.43 -2.01
C ALA B 240 21.19 -21.03 -1.46
N TYR B 241 20.75 -19.79 -1.71
CA TYR B 241 19.44 -19.29 -1.22
C TYR B 241 18.30 -20.06 -1.90
N PHE B 242 18.45 -20.42 -3.17
CA PHE B 242 17.41 -21.14 -3.90
C PHE B 242 17.16 -22.47 -3.20
N ASP B 243 18.23 -23.21 -2.93
CA ASP B 243 18.12 -24.54 -2.29
C ASP B 243 17.69 -24.32 -0.82
N PHE B 244 18.02 -23.17 -0.21
CA PHE B 244 17.58 -22.89 1.19
C PHE B 244 16.06 -22.76 1.17
N HIS B 245 15.49 -22.07 0.17
CA HIS B 245 14.02 -21.99 -0.03
C HIS B 245 13.43 -23.41 -0.27
N LEU B 246 14.00 -24.25 -1.13
CA LEU B 246 13.50 -25.65 -1.32
C LEU B 246 13.55 -26.37 0.03
N PHE B 247 14.65 -26.20 0.78
CA PHE B 247 14.86 -26.87 2.08
C PHE B 247 13.69 -26.55 3.01
N PHE B 248 13.37 -25.26 3.16
CA PHE B 248 12.26 -24.85 4.05
C PHE B 248 10.93 -25.46 3.58
N ARG B 249 10.63 -25.58 2.29
CA ARG B 249 9.40 -26.29 1.84
C ARG B 249 9.41 -27.75 2.34
N GLU B 250 10.56 -28.42 2.28
CA GLU B 250 10.71 -29.80 2.78
C GLU B 250 10.53 -29.77 4.30
N TYR B 251 11.16 -28.81 4.96
CA TYR B 251 11.14 -28.65 6.43
C TYR B 251 9.66 -28.56 6.92
N TYR B 252 8.87 -27.67 6.30
CA TYR B 252 7.42 -27.48 6.61
C TYR B 252 6.66 -28.80 6.37
N ASN B 253 7.01 -29.52 5.32
CA ASN B 253 6.39 -30.84 5.05
C ASN B 253 6.78 -31.80 6.19
N LYS B 254 8.02 -31.78 6.67
CA LYS B 254 8.42 -32.68 7.78
C LYS B 254 7.63 -32.33 9.05
N TYR B 255 7.47 -31.04 9.35
CA TYR B 255 6.72 -30.59 10.55
C TYR B 255 5.26 -31.05 10.45
N ILE B 256 4.62 -30.85 9.30
CA ILE B 256 3.15 -31.12 9.19
C ILE B 256 2.92 -32.63 9.15
N SER B 257 3.85 -33.40 8.58
CA SER B 257 3.81 -34.89 8.56
C SER B 257 3.91 -35.43 9.99
N ILE B 258 4.84 -34.91 10.80
CA ILE B 258 4.99 -35.28 12.25
C ILE B 258 3.63 -35.07 12.93
N LEU B 259 3.00 -33.90 12.76
CA LEU B 259 1.72 -33.60 13.45
C LEU B 259 0.67 -34.59 12.95
N LYS B 260 0.64 -34.84 11.64
CA LYS B 260 -0.40 -35.66 10.97
C LYS B 260 -0.31 -37.09 11.51
N ASN B 261 0.87 -37.68 11.49
CA ASN B 261 1.05 -39.08 11.94
C ASN B 261 0.59 -39.17 13.41
N LYS B 262 0.99 -38.20 14.22
CA LYS B 262 0.55 -38.17 15.63
C LYS B 262 -0.99 -38.09 15.69
N ILE B 263 -1.63 -37.25 14.88
CA ILE B 263 -3.12 -37.14 14.87
C ILE B 263 -3.76 -38.47 14.43
N ARG B 264 -3.21 -39.10 13.39
CA ARG B 264 -3.77 -40.35 12.82
C ARG B 264 -3.67 -41.45 13.88
N SER B 265 -2.66 -41.38 14.75
CA SER B 265 -2.44 -42.38 15.83
C SER B 265 -3.61 -42.43 16.82
N PHE B 266 -4.50 -41.41 16.89
CA PHE B 266 -5.72 -41.42 17.77
C PHE B 266 -6.95 -41.92 17.01
N GLY B 267 -6.78 -42.44 15.79
CA GLY B 267 -7.93 -42.85 14.97
C GLY B 267 -8.74 -41.67 14.45
N ILE B 268 -8.14 -40.46 14.36
CA ILE B 268 -8.80 -39.31 13.66
C ILE B 268 -8.59 -39.46 12.15
N ASN B 269 -9.68 -39.74 11.41
CA ASN B 269 -9.66 -40.10 9.97
C ASN B 269 -10.36 -39.00 9.15
N ILE B 270 -10.87 -37.95 9.78
CA ILE B 270 -11.50 -36.80 9.07
C ILE B 270 -10.46 -36.03 8.25
N LYS B 271 -10.98 -35.13 7.41
CA LYS B 271 -10.16 -34.33 6.48
C LYS B 271 -9.33 -33.39 7.34
N LEU B 272 -8.05 -33.26 7.02
CA LEU B 272 -7.13 -32.32 7.68
C LEU B 272 -7.03 -31.08 6.80
N THR B 273 -6.81 -29.90 7.40
CA THR B 273 -6.73 -28.63 6.68
C THR B 273 -5.47 -27.84 7.08
N HIS B 274 -5.18 -26.87 6.25
CA HIS B 274 -4.17 -25.82 6.50
C HIS B 274 -4.61 -24.61 5.70
N ASN B 275 -4.25 -23.42 6.10
CA ASN B 275 -4.82 -22.21 5.42
C ASN B 275 -3.70 -21.24 5.07
N ILE B 276 -3.90 -20.58 3.93
CA ILE B 276 -2.85 -19.79 3.26
C ILE B 276 -3.17 -18.31 3.45
N PRO B 277 -2.31 -17.58 4.16
CA PRO B 277 -2.40 -16.12 4.21
C PRO B 277 -1.72 -15.47 3.00
N GLY B 278 -1.71 -14.12 2.98
CA GLY B 278 -0.93 -13.39 1.97
C GLY B 278 -1.53 -12.07 1.56
N TRP B 279 -2.78 -11.80 1.94
CA TRP B 279 -3.41 -10.51 1.63
C TRP B 279 -2.68 -9.44 2.46
N ILE B 280 -2.35 -8.32 1.81
CA ILE B 280 -1.69 -7.15 2.45
C ILE B 280 -2.46 -5.91 2.00
N TYR B 281 -3.06 -5.13 2.90
CA TYR B 281 -3.77 -3.87 2.58
C TYR B 281 -4.79 -4.11 1.45
N GLY B 282 -5.43 -5.27 1.41
CA GLY B 282 -6.59 -5.53 0.54
C GLY B 282 -6.20 -6.01 -0.86
N ASN B 283 -4.93 -6.35 -1.11
CA ASN B 283 -4.54 -7.04 -2.36
C ASN B 283 -3.73 -8.29 -2.02
N ALA B 284 -3.57 -9.19 -2.97
CA ALA B 284 -3.12 -10.57 -2.67
C ALA B 284 -1.99 -10.98 -3.62
N SER B 285 -1.27 -10.02 -4.18
CA SER B 285 -0.20 -10.28 -5.18
C SER B 285 0.95 -11.06 -4.52
N GLU B 286 1.07 -11.01 -3.20
CA GLU B 286 2.06 -11.85 -2.44
C GLU B 286 1.48 -13.23 -2.07
N LEU B 287 0.17 -13.44 -2.14
CA LEU B 287 -0.38 -14.72 -1.63
C LEU B 287 0.23 -15.88 -2.42
N PRO B 288 0.41 -15.80 -3.76
CA PRO B 288 1.01 -16.90 -4.48
C PRO B 288 2.40 -17.32 -3.93
N MET B 289 3.21 -16.36 -3.45
CA MET B 289 4.49 -16.68 -2.75
C MET B 289 4.21 -17.59 -1.54
N LEU B 290 3.21 -17.27 -0.73
CA LEU B 290 2.83 -18.17 0.40
C LEU B 290 2.32 -19.52 -0.13
N ILE B 291 1.46 -19.58 -1.15
CA ILE B 291 1.03 -20.88 -1.73
C ILE B 291 2.31 -21.68 -2.00
N SER B 292 3.33 -21.03 -2.57
CA SER B 292 4.56 -21.73 -3.04
C SER B 292 5.32 -22.34 -1.84
N THR B 293 5.16 -21.83 -0.60
CA THR B 293 5.87 -22.35 0.59
C THR B 293 5.33 -23.74 0.93
N TYR B 294 4.16 -24.09 0.42
CA TYR B 294 3.46 -25.35 0.78
C TYR B 294 3.56 -26.38 -0.36
N SER B 295 4.37 -26.09 -1.40
CA SER B 295 4.50 -26.97 -2.58
C SER B 295 4.78 -28.42 -2.14
N GLU B 296 5.68 -28.67 -1.18
CA GLU B 296 6.09 -30.06 -0.84
C GLU B 296 5.00 -30.75 -0.02
N ILE B 297 4.29 -30.01 0.83
CA ILE B 297 3.11 -30.55 1.55
C ILE B 297 2.06 -30.98 0.52
N MET B 298 1.78 -30.12 -0.46
CA MET B 298 0.70 -30.37 -1.44
C MET B 298 1.06 -31.55 -2.33
N LYS B 299 2.33 -31.79 -2.62
CA LYS B 299 2.61 -32.92 -3.52
C LYS B 299 2.58 -34.21 -2.66
N ASN B 300 2.90 -34.13 -1.37
CA ASN B 300 3.07 -35.33 -0.51
C ASN B 300 1.80 -35.72 0.25
N HIS B 301 0.80 -34.84 0.36
CA HIS B 301 -0.40 -35.09 1.20
C HIS B 301 -1.68 -34.83 0.41
N PRO B 302 -2.24 -35.86 -0.24
CA PRO B 302 -3.54 -35.75 -0.90
C PRO B 302 -4.69 -35.42 0.05
N ASP B 303 -4.51 -35.75 1.32
CA ASP B 303 -5.58 -35.78 2.34
C ASP B 303 -5.54 -34.51 3.21
N ILE B 304 -4.71 -33.53 2.86
CA ILE B 304 -4.69 -32.20 3.55
C ILE B 304 -5.21 -31.19 2.54
N ILE B 305 -6.38 -30.61 2.81
CA ILE B 305 -6.97 -29.58 1.90
C ILE B 305 -6.50 -28.20 2.38
N PHE B 306 -5.81 -27.48 1.51
CA PHE B 306 -5.42 -26.06 1.74
C PHE B 306 -6.62 -25.17 1.36
N GLY B 307 -6.99 -24.22 2.22
CA GLY B 307 -7.98 -23.17 1.93
C GLY B 307 -7.30 -21.80 1.94
N LEU B 308 -8.03 -20.74 1.54
CA LEU B 308 -7.49 -19.37 1.37
C LEU B 308 -8.02 -18.44 2.46
N ASP B 309 -7.16 -17.55 2.97
CA ASP B 309 -7.56 -16.49 3.93
C ASP B 309 -7.72 -15.25 3.07
N HIS B 310 -8.93 -15.02 2.53
CA HIS B 310 -9.28 -13.84 1.68
C HIS B 310 -9.65 -12.63 2.55
N ILE B 311 -8.85 -11.57 2.47
CA ILE B 311 -9.05 -10.33 3.28
C ILE B 311 -8.97 -9.13 2.36
N PRO B 312 -10.00 -8.91 1.52
CA PRO B 312 -10.04 -7.78 0.57
C PRO B 312 -10.19 -6.37 1.14
N GLU B 313 -10.83 -6.21 2.32
CA GLU B 313 -10.93 -4.95 3.12
C GLU B 313 -11.94 -4.01 2.47
N PHE B 314 -11.99 -3.98 1.14
CA PHE B 314 -12.90 -3.18 0.32
C PHE B 314 -13.15 -3.97 -0.97
N VAL B 315 -14.08 -3.54 -1.82
CA VAL B 315 -14.37 -4.24 -3.09
C VAL B 315 -14.43 -3.21 -4.22
N SER B 316 -13.36 -3.11 -5.02
CA SER B 316 -13.33 -2.09 -6.10
C SER B 316 -12.44 -2.55 -7.22
N PHE B 317 -12.34 -1.75 -8.25
CA PHE B 317 -11.40 -2.10 -9.33
C PHE B 317 -9.97 -2.14 -8.76
N ARG B 318 -9.70 -1.50 -7.63
CA ARG B 318 -8.32 -1.48 -7.05
C ARG B 318 -7.87 -2.89 -6.65
N ASN B 319 -8.77 -3.83 -6.31
CA ASN B 319 -8.40 -5.21 -5.90
C ASN B 319 -9.29 -6.29 -6.55
N ALA B 320 -10.09 -5.95 -7.56
CA ALA B 320 -11.08 -6.87 -8.17
C ALA B 320 -10.40 -8.18 -8.57
N HIS B 321 -9.14 -8.11 -9.01
CA HIS B 321 -8.42 -9.23 -9.66
C HIS B 321 -7.75 -10.17 -8.64
N SER B 322 -7.55 -9.73 -7.39
CA SER B 322 -6.76 -10.49 -6.39
C SER B 322 -7.42 -11.87 -6.11
N ASP B 323 -8.73 -11.92 -5.90
CA ASP B 323 -9.38 -13.16 -5.38
C ASP B 323 -9.45 -14.21 -6.48
N LEU B 324 -9.76 -13.82 -7.73
CA LEU B 324 -9.77 -14.78 -8.87
C LEU B 324 -8.36 -15.36 -9.07
N ALA B 325 -7.33 -14.53 -9.11
CA ALA B 325 -5.92 -14.99 -9.37
C ALA B 325 -5.53 -16.04 -8.33
N CYS B 326 -5.77 -15.75 -7.04
CA CYS B 326 -5.56 -16.64 -5.88
C CYS B 326 -6.34 -17.95 -6.04
N ASN B 327 -7.63 -17.85 -6.31
CA ASN B 327 -8.47 -19.06 -6.53
C ASN B 327 -7.90 -19.89 -7.69
N LYS B 328 -7.47 -19.20 -8.74
CA LYS B 328 -7.01 -19.91 -9.96
C LYS B 328 -5.69 -20.63 -9.66
N ILE B 329 -4.79 -19.98 -8.94
CA ILE B 329 -3.46 -20.54 -8.62
C ILE B 329 -3.63 -21.69 -7.63
N LEU B 330 -4.49 -21.54 -6.61
CA LEU B 330 -4.69 -22.66 -5.66
C LEU B 330 -5.20 -23.85 -6.45
N GLU B 331 -6.17 -23.62 -7.32
CA GLU B 331 -6.76 -24.68 -8.18
C GLU B 331 -5.68 -25.41 -8.99
N ALA B 332 -4.66 -24.68 -9.45
CA ALA B 332 -3.53 -25.21 -10.24
C ALA B 332 -2.69 -26.12 -9.34
N MET B 333 -2.46 -25.71 -8.10
CA MET B 333 -1.58 -26.41 -7.13
C MET B 333 -2.35 -27.57 -6.45
N GLN B 334 -3.69 -27.55 -6.44
CA GLN B 334 -4.52 -28.50 -5.65
C GLN B 334 -5.77 -28.84 -6.47
N PRO B 335 -5.61 -29.52 -7.63
CA PRO B 335 -6.73 -29.69 -8.55
C PRO B 335 -7.80 -30.69 -8.09
N GLU B 336 -7.47 -31.53 -7.11
CA GLU B 336 -8.31 -32.69 -6.72
C GLU B 336 -9.23 -32.27 -5.56
N ALA B 337 -9.04 -31.06 -5.02
CA ALA B 337 -9.81 -30.55 -3.86
C ALA B 337 -10.56 -29.30 -4.27
N PRO B 338 -11.77 -29.05 -3.69
CA PRO B 338 -12.49 -27.79 -3.89
C PRO B 338 -11.61 -26.61 -3.45
N VAL B 339 -11.75 -25.51 -4.16
CA VAL B 339 -11.15 -24.21 -3.76
C VAL B 339 -12.13 -23.62 -2.73
N TRP B 340 -11.64 -23.31 -1.55
CA TRP B 340 -12.50 -22.78 -0.47
C TRP B 340 -11.69 -21.80 0.37
N ALA B 341 -12.41 -20.85 0.97
CA ALA B 341 -11.82 -19.78 1.80
C ALA B 341 -12.02 -20.13 3.27
N ALA B 342 -11.00 -20.67 3.93
CA ALA B 342 -10.99 -21.02 5.38
C ALA B 342 -11.06 -19.74 6.21
N GLY B 343 -10.52 -18.65 5.67
CA GLY B 343 -10.55 -17.30 6.26
C GLY B 343 -11.24 -16.31 5.34
N PHE B 344 -12.56 -16.37 5.28
CA PHE B 344 -13.36 -15.56 4.35
C PHE B 344 -13.81 -14.31 5.10
N GLN B 345 -13.27 -13.16 4.72
CA GLN B 345 -13.43 -11.93 5.53
C GLN B 345 -14.89 -11.67 5.87
N ALA B 346 -15.13 -11.50 7.18
CA ALA B 346 -16.38 -11.05 7.79
C ALA B 346 -15.96 -10.14 8.92
N GLY B 347 -16.34 -8.88 8.80
CA GLY B 347 -15.76 -7.85 9.67
C GLY B 347 -14.31 -7.63 9.35
N THR B 348 -13.66 -6.97 10.29
CA THR B 348 -12.27 -6.50 10.15
C THR B 348 -11.53 -6.83 11.44
N ARG B 349 -10.35 -7.39 11.27
CA ARG B 349 -9.32 -7.57 12.33
C ARG B 349 -8.94 -6.23 12.95
N GLU B 350 -9.06 -5.12 12.23
CA GLU B 350 -8.42 -3.83 12.60
C GLU B 350 -9.48 -2.74 12.64
N HIS B 351 -9.76 -2.14 13.79
CA HIS B 351 -10.86 -1.15 13.96
C HIS B 351 -10.76 -0.04 12.91
N HIS B 352 -9.54 0.38 12.55
CA HIS B 352 -9.27 1.59 11.71
C HIS B 352 -9.36 1.21 10.22
N VAL B 353 -9.53 -0.09 9.96
CA VAL B 353 -9.68 -0.62 8.58
C VAL B 353 -11.09 -1.17 8.45
N LYS B 354 -11.98 -0.36 7.90
CA LYS B 354 -13.42 -0.65 7.94
C LYS B 354 -13.74 -1.81 7.00
N ALA B 355 -14.70 -2.63 7.42
CA ALA B 355 -15.30 -3.68 6.56
C ALA B 355 -16.80 -3.42 6.44
N TYR B 356 -17.23 -2.88 5.30
CA TYR B 356 -18.64 -2.51 5.06
C TYR B 356 -19.38 -3.76 4.59
N ALA B 357 -20.49 -4.06 5.24
CA ALA B 357 -21.47 -5.11 4.83
C ALA B 357 -21.71 -5.01 3.31
N LYS B 358 -21.90 -3.82 2.74
CA LYS B 358 -22.33 -3.68 1.33
C LYS B 358 -21.14 -4.00 0.42
N ASP B 359 -19.89 -3.76 0.87
CA ASP B 359 -18.66 -4.20 0.17
C ASP B 359 -18.57 -5.72 0.21
N LEU B 360 -18.61 -6.32 1.40
CA LEU B 360 -18.37 -7.78 1.57
C LEU B 360 -19.46 -8.58 0.86
N GLU B 361 -20.70 -8.09 0.86
CA GLU B 361 -21.81 -8.77 0.15
C GLU B 361 -21.45 -8.94 -1.33
N THR B 362 -20.95 -7.88 -1.96
CA THR B 362 -20.47 -7.93 -3.35
C THR B 362 -19.31 -8.93 -3.43
N PHE B 363 -18.39 -8.94 -2.47
CA PHE B 363 -17.22 -9.85 -2.49
C PHE B 363 -17.71 -11.30 -2.39
N TYR B 364 -18.74 -11.55 -1.61
CA TYR B 364 -19.27 -12.94 -1.45
C TYR B 364 -19.78 -13.45 -2.81
N ILE B 365 -20.53 -12.63 -3.51
CA ILE B 365 -21.10 -12.99 -4.83
C ILE B 365 -19.98 -13.09 -5.88
N ALA B 366 -19.02 -12.14 -5.87
CA ALA B 366 -17.85 -12.17 -6.77
C ALA B 366 -17.09 -13.49 -6.56
N SER B 367 -16.98 -13.96 -5.31
CA SER B 367 -16.25 -15.19 -4.91
C SER B 367 -16.96 -16.40 -5.57
N LEU B 368 -18.29 -16.41 -5.56
CA LEU B 368 -19.06 -17.44 -6.31
C LEU B 368 -18.74 -17.40 -7.82
N ALA B 369 -18.81 -16.23 -8.49
CA ALA B 369 -18.43 -16.05 -9.90
C ALA B 369 -17.02 -16.60 -10.16
N HIS B 370 -16.12 -16.34 -9.21
CA HIS B 370 -14.66 -16.66 -9.28
C HIS B 370 -14.35 -18.05 -8.71
N GLY B 371 -15.34 -18.92 -8.54
CA GLY B 371 -15.12 -20.38 -8.43
C GLY B 371 -15.02 -20.88 -7.00
N ILE B 372 -15.35 -20.06 -6.01
CA ILE B 372 -15.27 -20.55 -4.59
C ILE B 372 -16.38 -21.60 -4.39
N LYS B 373 -16.04 -22.67 -3.69
CA LYS B 373 -16.89 -23.87 -3.46
C LYS B 373 -17.26 -23.95 -1.98
N GLY B 374 -16.74 -23.06 -1.15
CA GLY B 374 -17.09 -23.06 0.27
C GLY B 374 -16.37 -21.97 0.99
N PHE B 375 -16.84 -21.62 2.17
CA PHE B 375 -16.13 -20.60 2.95
C PHE B 375 -16.57 -20.60 4.40
N ASN B 376 -15.70 -20.01 5.18
CA ASN B 376 -15.78 -19.90 6.64
C ASN B 376 -15.67 -18.43 6.95
N TYR B 377 -16.80 -17.78 7.20
CA TYR B 377 -16.82 -16.35 7.59
C TYR B 377 -15.94 -16.14 8.81
N TYR B 378 -14.90 -15.31 8.66
CA TYR B 378 -13.83 -15.07 9.66
C TYR B 378 -13.75 -13.56 9.76
N MET B 379 -14.38 -12.94 10.77
CA MET B 379 -15.03 -13.59 11.91
C MET B 379 -16.54 -13.39 11.82
N PHE B 380 -17.31 -14.49 11.89
CA PHE B 380 -18.78 -14.44 12.01
C PHE B 380 -19.13 -13.75 13.33
N SER B 381 -18.52 -14.18 14.41
CA SER B 381 -18.79 -13.60 15.76
C SER B 381 -17.53 -12.89 16.23
N GLN B 382 -17.66 -11.63 16.56
CA GLN B 382 -16.66 -10.92 17.37
C GLN B 382 -16.37 -11.72 18.64
N GLY B 383 -15.20 -11.47 19.22
CA GLY B 383 -14.75 -12.10 20.46
C GLY B 383 -14.29 -11.05 21.44
N ILE B 384 -14.42 -11.34 22.73
CA ILE B 384 -13.74 -10.55 23.79
C ILE B 384 -12.67 -11.46 24.38
N ASN B 385 -11.42 -11.01 24.32
CA ASN B 385 -10.26 -11.74 24.89
C ASN B 385 -10.49 -11.83 26.38
N PRO B 386 -10.45 -13.04 26.97
CA PRO B 386 -10.49 -13.19 28.42
C PRO B 386 -9.18 -12.68 29.03
N GLU B 387 -9.27 -12.24 30.29
CA GLU B 387 -8.16 -12.04 31.26
C GLU B 387 -6.80 -12.06 30.59
N GLY B 388 -6.36 -10.92 30.03
CA GLY B 388 -5.02 -10.69 29.46
C GLY B 388 -4.54 -11.76 28.49
N LYS B 389 -5.42 -12.30 27.64
CA LYS B 389 -5.05 -13.31 26.61
C LYS B 389 -4.95 -12.64 25.23
N GLY B 390 -5.39 -11.39 25.13
CA GLY B 390 -5.43 -10.66 23.86
C GLY B 390 -4.09 -10.01 23.64
N PHE B 391 -3.44 -10.31 22.51
CA PHE B 391 -2.18 -9.69 22.06
C PHE B 391 -2.34 -8.16 21.93
N TYR B 392 -3.42 -7.66 21.31
CA TYR B 392 -3.55 -6.27 20.78
C TYR B 392 -4.71 -5.44 21.35
N GLY B 393 -5.39 -5.89 22.38
CA GLY B 393 -6.59 -5.17 22.85
C GLY B 393 -7.61 -6.14 23.40
N LYS B 394 -8.71 -5.62 23.96
CA LYS B 394 -9.76 -6.42 24.61
C LYS B 394 -10.60 -7.14 23.55
N THR B 395 -10.85 -6.50 22.42
CA THR B 395 -11.86 -6.95 21.43
C THR B 395 -11.16 -7.64 20.27
N PHE B 396 -11.75 -8.75 19.79
CA PHE B 396 -11.21 -9.51 18.63
C PHE B 396 -12.21 -9.35 17.49
N TYR B 397 -11.82 -8.57 16.49
CA TYR B 397 -12.60 -8.22 15.28
C TYR B 397 -13.75 -7.25 15.59
N PHE B 398 -14.20 -6.61 14.51
CA PHE B 398 -15.20 -5.52 14.53
C PHE B 398 -16.05 -5.62 13.28
N GLN B 399 -17.26 -5.06 13.30
CA GLN B 399 -18.16 -5.01 12.12
C GLN B 399 -18.44 -6.44 11.62
N THR B 400 -18.50 -7.41 12.55
CA THR B 400 -18.74 -8.84 12.26
C THR B 400 -20.23 -9.09 11.96
N ALA B 401 -20.65 -10.35 11.83
CA ALA B 401 -22.09 -10.70 11.67
C ALA B 401 -22.79 -10.48 13.03
N LEU B 402 -22.14 -10.96 14.08
CA LEU B 402 -22.60 -10.82 15.49
C LEU B 402 -21.50 -10.16 16.30
N ASP B 403 -21.84 -9.28 17.24
CA ASP B 403 -20.84 -8.81 18.22
C ASP B 403 -20.62 -9.91 19.25
N ALA B 404 -19.70 -9.70 20.20
CA ALA B 404 -19.29 -10.76 21.14
C ALA B 404 -20.49 -11.18 22.01
N ALA B 405 -21.45 -10.29 22.18
CA ALA B 405 -22.70 -10.52 22.97
C ALA B 405 -23.85 -11.07 22.10
N SER B 406 -23.59 -11.42 20.83
CA SER B 406 -24.53 -12.03 19.87
C SER B 406 -25.53 -11.00 19.37
N ASN B 407 -25.24 -9.70 19.50
CA ASN B 407 -26.04 -8.67 18.81
C ASN B 407 -25.79 -8.82 17.30
N LYS B 408 -26.89 -8.88 16.54
CA LYS B 408 -26.89 -8.74 15.07
C LYS B 408 -26.34 -7.36 14.70
N LEU B 409 -25.39 -7.36 13.76
CA LEU B 409 -24.83 -6.16 13.12
C LEU B 409 -25.21 -6.23 11.64
N ALA B 410 -24.92 -5.16 10.88
CA ALA B 410 -25.35 -4.98 9.48
C ALA B 410 -24.91 -6.18 8.64
N LEU B 411 -23.75 -6.76 8.88
CA LEU B 411 -23.26 -7.89 8.01
C LEU B 411 -24.20 -9.12 8.09
N TYR B 412 -24.88 -9.35 9.21
CA TYR B 412 -25.76 -10.53 9.45
C TYR B 412 -26.75 -10.67 8.30
N ASP B 413 -27.42 -9.57 7.94
CA ASP B 413 -28.51 -9.62 6.92
C ASP B 413 -27.88 -9.85 5.55
N SER B 414 -26.65 -9.40 5.33
CA SER B 414 -25.95 -9.58 4.04
C SER B 414 -25.61 -11.05 3.88
N ILE B 415 -25.11 -11.66 4.95
CA ILE B 415 -24.74 -13.10 4.97
C ILE B 415 -26.01 -13.96 4.81
N LYS B 416 -27.11 -13.63 5.47
CA LYS B 416 -28.40 -14.34 5.31
C LYS B 416 -28.86 -14.28 3.84
N LYS B 417 -28.82 -13.12 3.21
CA LYS B 417 -29.20 -12.94 1.79
C LYS B 417 -28.31 -13.84 0.90
N VAL B 418 -26.99 -13.75 1.02
CA VAL B 418 -26.03 -14.52 0.18
C VAL B 418 -26.23 -16.01 0.44
N ASN B 419 -26.39 -16.40 1.71
CA ASN B 419 -26.52 -17.83 2.11
C ASN B 419 -27.81 -18.42 1.51
N ARG B 420 -28.89 -17.62 1.47
CA ARG B 420 -30.20 -18.04 0.88
C ARG B 420 -30.03 -18.29 -0.62
N PHE B 421 -29.38 -17.38 -1.36
CA PHE B 421 -29.07 -17.56 -2.80
C PHE B 421 -28.27 -18.87 -3.01
N ILE B 422 -27.20 -19.05 -2.22
CA ILE B 422 -26.28 -20.22 -2.35
C ILE B 422 -27.06 -21.53 -2.16
N ARG B 423 -27.81 -21.64 -1.05
CA ARG B 423 -28.64 -22.84 -0.74
C ARG B 423 -29.62 -23.10 -1.89
N LYS B 424 -30.26 -22.06 -2.41
CA LYS B 424 -31.22 -22.11 -3.56
C LYS B 424 -30.51 -22.69 -4.80
N GLU B 425 -29.24 -22.39 -5.02
CA GLU B 425 -28.57 -22.63 -6.32
C GLU B 425 -27.52 -23.75 -6.26
N GLN B 426 -27.09 -24.16 -5.07
CA GLN B 426 -25.79 -24.85 -4.88
C GLN B 426 -25.73 -26.15 -5.70
N LYS B 427 -26.85 -26.84 -5.94
CA LYS B 427 -26.86 -28.17 -6.62
C LYS B 427 -26.42 -27.98 -8.07
N ASP B 428 -26.85 -26.90 -8.72
CA ASP B 428 -26.44 -26.53 -10.10
C ASP B 428 -25.12 -25.75 -10.02
N LEU B 429 -25.06 -24.69 -9.22
CA LEU B 429 -23.88 -23.76 -9.23
C LEU B 429 -22.56 -24.52 -9.01
N LEU B 430 -22.52 -25.51 -8.12
CA LEU B 430 -21.24 -26.15 -7.69
C LEU B 430 -20.67 -27.01 -8.81
N ARG B 431 -21.52 -27.39 -9.76
CA ARG B 431 -21.21 -28.25 -10.93
C ARG B 431 -21.02 -27.40 -12.19
N THR B 432 -20.95 -26.07 -12.08
CA THR B 432 -20.69 -25.18 -13.24
C THR B 432 -19.21 -24.81 -13.27
N ASN B 433 -18.69 -24.59 -14.47
CA ASN B 433 -17.32 -24.05 -14.66
C ASN B 433 -17.38 -23.00 -15.75
N VAL B 434 -16.34 -22.19 -15.84
CA VAL B 434 -16.14 -21.22 -16.96
C VAL B 434 -15.50 -22.03 -18.10
N ASN B 435 -15.72 -21.64 -19.33
CA ASN B 435 -15.02 -22.27 -20.48
C ASN B 435 -13.73 -21.48 -20.70
N SER B 436 -12.60 -22.00 -20.24
CA SER B 436 -11.29 -21.30 -20.38
C SER B 436 -10.57 -21.86 -21.62
N GLU B 437 -10.35 -21.03 -22.63
CA GLU B 437 -9.54 -21.37 -23.82
C GLU B 437 -8.12 -20.80 -23.66
N ILE B 438 -7.89 -20.03 -22.60
CA ILE B 438 -6.56 -19.49 -22.22
C ILE B 438 -6.04 -20.26 -21.00
N CYS B 439 -4.80 -20.69 -21.07
CA CYS B 439 -4.09 -21.24 -19.91
C CYS B 439 -2.89 -20.37 -19.60
N VAL B 440 -2.68 -20.05 -18.34
CA VAL B 440 -1.49 -19.27 -17.91
C VAL B 440 -0.62 -20.13 -16.99
N GLY B 441 0.65 -20.25 -17.35
CA GLY B 441 1.64 -21.08 -16.63
C GLY B 441 1.95 -20.52 -15.25
N PHE B 442 2.01 -21.39 -14.26
CA PHE B 442 2.52 -21.05 -12.90
C PHE B 442 3.89 -21.71 -12.75
N TYR B 443 4.97 -20.90 -12.73
CA TYR B 443 6.37 -21.39 -12.61
C TYR B 443 6.84 -21.09 -11.18
N LYS B 444 6.79 -22.11 -10.34
CA LYS B 444 6.90 -21.97 -8.85
C LYS B 444 8.23 -21.35 -8.45
N PRO B 445 9.37 -21.74 -9.08
CA PRO B 445 10.67 -21.19 -8.69
C PRO B 445 10.76 -19.65 -8.67
N TYR B 446 9.96 -18.92 -9.46
CA TYR B 446 9.95 -17.43 -9.43
C TYR B 446 9.37 -16.91 -8.12
N PHE B 447 8.66 -17.77 -7.39
CA PHE B 447 7.88 -17.45 -6.17
C PHE B 447 8.69 -17.76 -4.91
N PHE B 448 9.79 -18.47 -5.05
CA PHE B 448 10.59 -19.00 -3.93
C PHE B 448 11.54 -17.91 -3.43
N THR B 449 11.02 -16.83 -2.83
CA THR B 449 11.87 -15.68 -2.42
C THR B 449 11.43 -15.07 -1.09
N GLU B 450 10.70 -15.76 -0.24
CA GLU B 450 10.17 -15.15 1.01
C GLU B 450 11.32 -14.70 1.92
N LEU B 451 12.52 -15.26 1.76
CA LEU B 451 13.71 -14.92 2.58
C LEU B 451 14.55 -13.82 1.92
N ILE B 452 14.32 -13.49 0.65
CA ILE B 452 15.23 -12.52 -0.04
C ILE B 452 14.49 -11.38 -0.74
N SER B 453 13.21 -11.55 -1.05
CA SER B 453 12.44 -10.55 -1.83
C SER B 453 10.95 -10.78 -1.63
N SER B 454 10.30 -9.81 -0.99
CA SER B 454 8.84 -9.83 -0.71
C SER B 454 8.36 -8.40 -0.45
N GLN B 455 7.05 -8.19 -0.42
CA GLN B 455 6.45 -6.88 -0.06
C GLN B 455 6.64 -6.63 1.44
N LEU B 456 6.88 -7.65 2.26
CA LEU B 456 7.12 -7.49 3.73
C LEU B 456 8.61 -7.28 4.10
N LEU B 457 9.58 -7.87 3.38
CA LEU B 457 11.02 -7.50 3.48
C LEU B 457 11.14 -6.03 3.08
N LYS B 458 11.59 -5.16 3.97
CA LYS B 458 11.95 -3.76 3.61
C LYS B 458 13.27 -3.82 2.81
N GLU B 459 14.31 -4.40 3.38
CA GLU B 459 15.66 -4.45 2.78
C GLU B 459 15.78 -5.74 1.96
N LYS B 460 15.79 -5.60 0.62
CA LYS B 460 15.89 -6.68 -0.40
C LYS B 460 17.28 -7.32 -0.33
N LYS B 461 17.36 -8.64 -0.27
CA LYS B 461 18.62 -9.40 -0.36
C LYS B 461 18.86 -9.80 -1.81
N LEU B 462 17.82 -9.73 -2.66
CA LEU B 462 17.93 -10.10 -4.10
C LEU B 462 17.96 -8.82 -4.94
N ASN B 463 19.10 -8.56 -5.60
CA ASN B 463 19.28 -7.45 -6.57
C ASN B 463 19.88 -8.09 -7.82
N VAL B 464 19.04 -8.41 -8.79
CA VAL B 464 19.40 -9.31 -9.92
C VAL B 464 20.50 -8.65 -10.75
N GLU B 465 20.55 -7.32 -10.78
CA GLU B 465 21.59 -6.55 -11.51
C GLU B 465 22.99 -6.99 -11.06
N GLU B 466 23.18 -7.27 -9.76
CA GLU B 466 24.49 -7.73 -9.25
C GLU B 466 24.83 -9.12 -9.79
N LEU B 467 23.88 -9.86 -10.38
CA LEU B 467 24.13 -11.22 -10.92
C LEU B 467 24.18 -11.22 -12.46
N GLY B 468 24.20 -10.06 -13.10
CA GLY B 468 24.18 -9.96 -14.58
C GLY B 468 22.80 -10.20 -15.19
N LEU B 469 21.72 -10.03 -14.42
CA LEU B 469 20.32 -10.26 -14.86
C LEU B 469 19.58 -8.92 -14.79
N TYR B 470 18.46 -8.77 -15.50
CA TYR B 470 17.68 -7.52 -15.46
C TYR B 470 16.21 -7.83 -15.15
N ILE B 471 15.77 -9.09 -15.16
CA ILE B 471 14.34 -9.42 -14.90
C ILE B 471 14.27 -10.07 -13.51
N ASP B 472 13.78 -9.29 -12.57
CA ASP B 472 13.59 -9.70 -11.17
C ASP B 472 12.36 -10.60 -11.13
N PRO B 473 12.43 -11.80 -10.56
CA PRO B 473 11.30 -12.72 -10.57
C PRO B 473 10.08 -12.24 -9.76
N ARG B 474 10.27 -11.38 -8.75
CA ARG B 474 9.14 -10.85 -7.96
C ARG B 474 8.44 -9.72 -8.73
N PHE B 475 9.20 -8.84 -9.34
CA PHE B 475 8.64 -7.85 -10.28
C PHE B 475 7.86 -8.59 -11.38
N LEU B 476 8.41 -9.66 -11.95
CA LEU B 476 7.75 -10.41 -13.06
C LEU B 476 6.42 -10.94 -12.51
N ARG B 477 6.47 -11.66 -11.39
CA ARG B 477 5.28 -12.43 -10.93
C ARG B 477 4.22 -11.47 -10.37
N GLU B 478 4.60 -10.30 -9.84
CA GLU B 478 3.64 -9.32 -9.27
C GLU B 478 3.10 -8.35 -10.33
N GLU B 479 3.96 -7.72 -11.12
CA GLU B 479 3.55 -6.62 -12.03
C GLU B 479 3.24 -7.14 -13.44
N ILE B 480 3.97 -8.12 -13.96
CA ILE B 480 3.74 -8.60 -15.36
C ILE B 480 2.66 -9.70 -15.32
N LEU B 481 2.72 -10.59 -14.32
CA LEU B 481 1.73 -11.70 -14.19
C LEU B 481 0.49 -11.24 -13.41
N PHE B 482 0.61 -10.98 -12.11
CA PHE B 482 -0.57 -10.88 -11.19
C PHE B 482 -1.40 -9.63 -11.48
N ASN B 483 -0.79 -8.46 -11.34
CA ASN B 483 -1.41 -7.12 -11.56
C ASN B 483 -1.45 -6.80 -13.05
N GLY B 484 -0.84 -7.61 -13.90
CA GLY B 484 -0.70 -7.36 -15.35
C GLY B 484 -1.61 -8.24 -16.17
N LEU B 485 -1.10 -9.39 -16.62
CA LEU B 485 -1.87 -10.32 -17.49
C LEU B 485 -3.17 -10.76 -16.82
N LEU B 486 -3.09 -11.33 -15.61
CA LEU B 486 -4.28 -11.89 -14.91
C LEU B 486 -5.28 -10.74 -14.71
N ARG B 487 -4.80 -9.57 -14.29
CA ARG B 487 -5.70 -8.40 -14.09
C ARG B 487 -6.31 -8.01 -15.45
N GLY B 488 -5.49 -8.00 -16.49
CA GLY B 488 -5.90 -7.64 -17.85
C GLY B 488 -7.00 -8.54 -18.36
N LEU B 489 -6.81 -9.88 -18.26
CA LEU B 489 -7.77 -10.87 -18.77
C LEU B 489 -9.09 -10.76 -18.03
N GLN B 490 -9.05 -10.57 -16.71
CA GLN B 490 -10.31 -10.46 -15.92
C GLN B 490 -11.04 -9.17 -16.33
N THR B 491 -10.31 -8.08 -16.51
CA THR B 491 -10.87 -6.76 -16.91
C THR B 491 -11.52 -6.87 -18.29
N LEU B 492 -10.89 -7.62 -19.21
CA LEU B 492 -11.37 -7.82 -20.58
C LEU B 492 -12.45 -8.93 -20.64
N ASN B 493 -12.74 -9.56 -19.51
CA ASN B 493 -13.78 -10.63 -19.38
C ASN B 493 -13.38 -11.80 -20.28
N TYR B 494 -12.09 -12.15 -20.28
CA TYR B 494 -11.58 -13.41 -20.87
C TYR B 494 -11.33 -14.43 -19.77
N ASN B 495 -12.00 -15.58 -19.82
CA ASN B 495 -11.74 -16.71 -18.89
C ASN B 495 -10.29 -17.18 -19.05
N TYR B 496 -9.61 -17.40 -17.94
CA TYR B 496 -8.29 -18.09 -17.98
C TYR B 496 -8.30 -19.19 -16.94
N ASP B 497 -7.51 -20.22 -17.19
CA ASP B 497 -7.09 -21.19 -16.14
C ASP B 497 -5.59 -21.03 -15.89
N VAL B 498 -5.13 -21.42 -14.71
CA VAL B 498 -3.68 -21.51 -14.40
C VAL B 498 -3.30 -22.99 -14.35
N VAL B 499 -2.10 -23.33 -14.81
CA VAL B 499 -1.54 -24.71 -14.68
C VAL B 499 -0.19 -24.62 -13.98
N ASP B 500 0.04 -25.56 -13.06
CA ASP B 500 1.34 -25.77 -12.40
C ASP B 500 2.24 -26.41 -13.45
N LEU B 501 3.31 -25.72 -13.87
CA LEU B 501 4.23 -26.28 -14.90
C LEU B 501 5.07 -27.46 -14.37
N GLU B 502 5.25 -27.60 -13.05
CA GLU B 502 6.09 -28.70 -12.49
C GLU B 502 5.38 -30.04 -12.69
N ASN B 503 6.12 -31.01 -13.26
CA ASN B 503 5.66 -32.37 -13.67
C ASN B 503 4.30 -32.28 -14.37
N CYS B 504 4.10 -31.24 -15.18
CA CYS B 504 2.82 -30.92 -15.86
C CYS B 504 2.65 -31.90 -17.04
N ASP B 505 1.45 -32.41 -17.22
CA ASP B 505 1.15 -33.40 -18.29
C ASP B 505 0.81 -32.61 -19.57
N LEU B 506 1.49 -32.91 -20.68
CA LEU B 506 1.30 -32.26 -22.01
C LEU B 506 -0.19 -32.28 -22.38
N LYS B 507 -0.87 -33.41 -22.16
CA LYS B 507 -2.28 -33.64 -22.62
C LYS B 507 -3.18 -32.57 -21.99
N SER B 508 -2.89 -32.19 -20.75
CA SER B 508 -3.68 -31.20 -19.98
C SER B 508 -3.41 -29.76 -20.47
N LEU B 509 -2.47 -29.54 -21.40
CA LEU B 509 -2.22 -28.20 -22.00
C LEU B 509 -2.97 -28.11 -23.34
N THR B 510 -3.19 -29.25 -24.02
CA THR B 510 -3.66 -29.32 -25.42
C THR B 510 -5.14 -28.95 -25.51
N ALA B 511 -5.86 -28.93 -24.38
CA ALA B 511 -7.27 -28.48 -24.30
C ALA B 511 -7.40 -26.98 -24.62
N TYR B 512 -6.35 -26.19 -24.46
CA TYR B 512 -6.41 -24.70 -24.54
C TYR B 512 -6.04 -24.27 -25.94
N LYS B 513 -6.60 -23.15 -26.38
CA LYS B 513 -6.23 -22.50 -27.64
C LYS B 513 -4.93 -21.73 -27.45
N GLN B 514 -4.64 -21.19 -26.26
CA GLN B 514 -3.36 -20.50 -26.01
C GLN B 514 -2.85 -20.86 -24.63
N LEU B 515 -1.52 -20.99 -24.54
CA LEU B 515 -0.79 -21.02 -23.26
C LEU B 515 0.05 -19.74 -23.22
N TRP B 516 -0.03 -19.03 -22.11
CA TRP B 516 0.74 -17.79 -21.87
C TRP B 516 1.80 -18.07 -20.83
N ILE B 517 3.05 -17.75 -21.12
CA ILE B 517 4.15 -17.92 -20.14
C ILE B 517 4.84 -16.58 -19.94
N THR B 518 4.85 -16.09 -18.71
CA THR B 518 5.63 -14.91 -18.29
C THR B 518 6.97 -15.46 -17.83
N SER B 519 8.03 -15.30 -18.65
CA SER B 519 9.36 -15.92 -18.41
C SER B 519 10.38 -14.85 -18.01
N ALA B 520 11.21 -15.16 -17.01
CA ALA B 520 12.43 -14.41 -16.70
C ALA B 520 13.57 -14.97 -17.58
N GLU B 521 14.83 -14.68 -17.27
CA GLU B 521 15.97 -15.15 -18.09
C GLU B 521 16.33 -16.58 -17.68
N PHE B 522 15.69 -17.12 -16.62
CA PHE B 522 15.97 -18.48 -16.14
C PHE B 522 14.69 -19.31 -16.07
N MET B 523 14.84 -20.60 -16.35
CA MET B 523 13.74 -21.60 -16.41
C MET B 523 14.38 -23.00 -16.54
N ASP B 524 13.95 -23.96 -15.71
CA ASP B 524 14.63 -25.29 -15.63
C ASP B 524 14.42 -26.05 -16.94
N ALA B 525 15.33 -26.97 -17.24
CA ALA B 525 15.33 -27.79 -18.47
C ALA B 525 13.96 -28.47 -18.65
N GLU B 526 13.35 -28.96 -17.58
CA GLU B 526 12.10 -29.76 -17.63
C GLU B 526 11.00 -28.89 -18.24
N THR B 527 10.91 -27.64 -17.77
CA THR B 527 9.86 -26.69 -18.23
C THR B 527 10.19 -26.22 -19.64
N GLN B 528 11.45 -25.93 -19.92
CA GLN B 528 11.89 -25.52 -21.27
C GLN B 528 11.50 -26.61 -22.26
N ASN B 529 11.72 -27.87 -21.87
CA ASN B 529 11.42 -29.08 -22.68
C ASN B 529 9.91 -29.19 -22.88
N LEU B 530 9.12 -29.00 -21.80
CA LEU B 530 7.64 -29.13 -21.78
C LEU B 530 7.06 -28.15 -22.81
N LEU B 531 7.52 -26.90 -22.75
CA LEU B 531 6.99 -25.84 -23.64
C LEU B 531 7.42 -26.09 -25.07
N SER B 532 8.65 -26.60 -25.29
CA SER B 532 9.14 -27.03 -26.63
C SER B 532 8.17 -28.05 -27.22
N GLU B 533 7.90 -29.12 -26.48
CA GLU B 533 6.98 -30.22 -26.92
C GLU B 533 5.57 -29.67 -27.14
N PHE B 534 5.10 -28.81 -26.24
CA PHE B 534 3.76 -28.20 -26.36
C PHE B 534 3.62 -27.59 -27.76
N VAL B 535 4.56 -26.72 -28.16
CA VAL B 535 4.44 -25.98 -29.44
C VAL B 535 4.61 -26.97 -30.60
N LEU B 536 5.67 -27.79 -30.56
CA LEU B 536 5.99 -28.76 -31.66
C LEU B 536 4.77 -29.63 -31.93
N ASN B 537 4.03 -30.01 -30.89
CA ASN B 537 2.89 -30.94 -31.03
C ASN B 537 1.62 -30.19 -31.43
N GLY B 538 1.66 -28.86 -31.61
CA GLY B 538 0.52 -28.10 -32.14
C GLY B 538 -0.03 -27.03 -31.20
N GLY B 539 0.58 -26.79 -30.05
CA GLY B 539 0.15 -25.74 -29.09
C GLY B 539 0.52 -24.37 -29.59
N ASN B 540 -0.27 -23.35 -29.18
CA ASN B 540 -0.04 -21.91 -29.46
C ASN B 540 0.51 -21.26 -28.19
N LEU B 541 1.75 -20.78 -28.26
CA LEU B 541 2.46 -20.32 -27.05
C LEU B 541 2.65 -18.82 -27.18
N ILE B 542 2.33 -18.09 -26.12
CA ILE B 542 2.65 -16.65 -25.99
C ILE B 542 3.69 -16.56 -24.90
N LEU B 543 4.88 -16.04 -25.21
CA LEU B 543 6.00 -15.99 -24.25
C LEU B 543 6.61 -14.59 -24.21
N TYR B 544 6.75 -14.03 -23.02
CA TYR B 544 7.39 -12.71 -22.78
C TYR B 544 7.70 -12.59 -21.29
N PRO B 545 8.53 -11.63 -20.84
CA PRO B 545 9.34 -10.75 -21.69
C PRO B 545 10.69 -11.27 -22.20
N ALA B 546 11.03 -12.51 -21.89
CA ALA B 546 12.37 -13.06 -22.22
C ALA B 546 12.24 -14.52 -22.57
N VAL B 547 12.78 -14.89 -23.73
CA VAL B 547 13.25 -16.27 -23.97
C VAL B 547 14.29 -16.56 -22.91
N PRO B 548 14.10 -17.59 -22.06
CA PRO B 548 15.07 -17.89 -21.00
C PRO B 548 16.36 -18.48 -21.61
N THR B 549 17.52 -18.23 -21.00
CA THR B 549 18.84 -18.76 -21.43
C THR B 549 19.58 -19.46 -20.29
N LEU B 550 18.98 -19.46 -19.08
CA LEU B 550 19.58 -20.00 -17.85
C LEU B 550 18.59 -20.98 -17.19
N ASP B 551 19.10 -21.83 -16.32
CA ASP B 551 18.25 -22.78 -15.53
C ASP B 551 18.11 -22.14 -14.14
N ASN B 552 17.53 -22.86 -13.20
CA ASN B 552 17.22 -22.25 -11.86
C ASN B 552 18.49 -21.89 -11.11
N TYR B 553 19.63 -22.42 -11.54
CA TYR B 553 20.93 -22.17 -10.85
C TYR B 553 21.71 -21.14 -11.66
N LEU B 554 21.09 -20.56 -12.69
CA LEU B 554 21.72 -19.53 -13.54
C LEU B 554 22.92 -20.16 -14.28
N ASN B 555 22.83 -21.46 -14.56
CA ASN B 555 23.73 -22.16 -15.51
C ASN B 555 23.06 -22.19 -16.88
N ARG B 556 23.86 -22.16 -17.94
CA ARG B 556 23.36 -22.03 -19.33
C ARG B 556 22.30 -23.13 -19.57
N CYS B 557 21.13 -22.74 -20.08
CA CYS B 557 20.11 -23.71 -20.53
C CYS B 557 19.22 -23.03 -21.54
N GLU B 558 19.39 -23.38 -22.82
CA GLU B 558 18.85 -22.68 -23.99
C GLU B 558 18.01 -23.67 -24.77
N ILE B 559 17.49 -24.71 -24.11
CA ILE B 559 16.67 -25.75 -24.80
C ILE B 559 15.53 -25.08 -25.60
N LEU B 560 14.74 -24.23 -24.96
CA LEU B 560 13.59 -23.60 -25.64
C LEU B 560 14.08 -22.72 -26.82
N LYS B 561 15.03 -21.83 -26.57
CA LYS B 561 15.69 -20.96 -27.58
C LYS B 561 16.15 -21.80 -28.79
N ASN B 562 16.95 -22.85 -28.57
CA ASN B 562 17.50 -23.68 -29.66
C ASN B 562 16.40 -24.46 -30.38
N ASN B 563 15.46 -25.08 -29.67
CA ASN B 563 14.32 -25.80 -30.30
C ASN B 563 13.49 -24.88 -31.17
N PHE B 564 13.35 -23.60 -30.84
CA PHE B 564 12.45 -22.65 -31.55
C PHE B 564 13.23 -21.83 -32.60
N GLY B 565 14.54 -22.06 -32.72
CA GLY B 565 15.39 -21.40 -33.73
C GLY B 565 15.47 -19.91 -33.44
N ILE B 566 15.49 -19.54 -32.16
CA ILE B 566 15.50 -18.10 -31.77
C ILE B 566 16.96 -17.67 -31.61
N GLU B 567 17.28 -16.51 -32.16
CA GLU B 567 18.52 -15.76 -31.90
C GLU B 567 18.13 -14.35 -31.46
N PHE B 568 18.82 -13.81 -30.48
CA PHE B 568 18.56 -12.42 -30.06
C PHE B 568 19.85 -11.83 -29.50
N ILE B 569 19.91 -10.50 -29.49
CA ILE B 569 20.87 -9.71 -28.69
C ILE B 569 20.03 -8.88 -27.73
N THR B 570 20.48 -8.68 -26.50
CA THR B 570 19.82 -7.74 -25.55
C THR B 570 20.41 -6.34 -25.75
N LYS B 571 19.57 -5.36 -26.06
CA LYS B 571 19.99 -3.96 -26.36
C LYS B 571 19.08 -2.98 -25.63
N ASP B 572 19.61 -1.81 -25.27
CA ASP B 572 18.87 -0.70 -24.63
C ASP B 572 18.10 0.10 -25.68
N SER B 573 16.88 0.50 -25.36
CA SER B 573 16.02 1.37 -26.18
C SER B 573 15.06 2.08 -25.23
N SER B 574 14.39 3.10 -25.72
CA SER B 574 13.23 3.75 -25.07
C SER B 574 12.30 2.67 -24.51
N HIS B 575 11.63 2.98 -23.40
CA HIS B 575 10.68 2.10 -22.68
C HIS B 575 9.50 1.77 -23.61
N LYS B 576 9.13 2.66 -24.53
CA LYS B 576 7.96 2.41 -25.38
C LYS B 576 8.33 1.64 -26.66
N VAL B 577 7.45 0.74 -27.06
CA VAL B 577 7.57 -0.04 -28.32
C VAL B 577 6.25 0.10 -29.04
N SER B 578 6.23 -0.32 -30.29
CA SER B 578 4.99 -0.56 -31.05
C SER B 578 4.78 -2.09 -31.11
N ALA B 579 3.54 -2.56 -31.03
CA ALA B 579 3.25 -4.01 -31.07
C ALA B 579 1.88 -4.23 -31.72
N PHE B 580 1.86 -5.01 -32.80
CA PHE B 580 0.65 -5.27 -33.62
C PHE B 580 -0.02 -3.94 -34.02
N GLY B 581 0.79 -2.95 -34.36
CA GLY B 581 0.33 -1.64 -34.83
C GLY B 581 -0.23 -0.80 -33.70
N ILE B 582 -0.07 -1.24 -32.45
CA ILE B 582 -0.36 -0.38 -31.27
C ILE B 582 0.91 0.42 -31.01
N GLU B 583 0.83 1.74 -31.15
CA GLU B 583 1.95 2.68 -30.85
C GLU B 583 2.00 3.01 -29.35
N ASP B 584 3.20 3.30 -28.82
CA ASP B 584 3.43 3.80 -27.44
C ASP B 584 2.91 2.80 -26.41
N VAL B 585 3.30 1.55 -26.57
CA VAL B 585 3.16 0.50 -25.54
C VAL B 585 4.30 0.70 -24.54
N PHE B 586 3.99 1.12 -23.33
CA PHE B 586 4.99 1.25 -22.26
C PHE B 586 5.50 -0.15 -21.87
N THR B 587 6.81 -0.31 -21.77
CA THR B 587 7.45 -1.56 -21.29
C THR B 587 8.35 -1.18 -20.12
N ALA B 588 8.57 -2.14 -19.24
CA ALA B 588 9.22 -1.90 -17.93
C ALA B 588 10.74 -1.69 -18.07
N PHE B 589 11.42 -2.20 -19.11
CA PHE B 589 12.90 -2.23 -19.15
C PHE B 589 13.41 -1.55 -20.41
N SER B 590 14.49 -0.77 -20.31
CA SER B 590 15.22 -0.27 -21.50
C SER B 590 15.81 -1.47 -22.24
N LYS B 591 16.34 -2.46 -21.52
CA LYS B 591 16.87 -3.71 -22.12
C LYS B 591 15.72 -4.54 -22.69
N LYS B 592 15.81 -4.89 -23.96
CA LYS B 592 14.83 -5.73 -24.69
C LYS B 592 15.58 -6.75 -25.53
N GLN B 593 14.96 -7.90 -25.76
CA GLN B 593 15.49 -8.91 -26.71
C GLN B 593 15.19 -8.43 -28.13
N ILE B 594 16.22 -8.32 -28.98
CA ILE B 594 16.06 -7.97 -30.41
C ILE B 594 16.25 -9.27 -31.21
N TYR B 595 15.24 -9.71 -31.95
CA TYR B 595 15.20 -11.08 -32.52
C TYR B 595 15.67 -11.02 -33.98
N ASN B 596 16.46 -12.00 -34.37
CA ASN B 596 16.66 -12.40 -35.78
C ASN B 596 15.29 -12.84 -36.28
N ASP B 597 14.90 -12.42 -37.48
CA ASP B 597 13.51 -12.61 -37.97
C ASP B 597 13.50 -13.61 -39.13
N THR B 598 14.59 -14.34 -39.34
CA THR B 598 14.61 -15.43 -40.34
C THR B 598 13.47 -16.39 -40.02
N ASN B 599 12.68 -16.67 -41.04
CA ASN B 599 11.55 -17.63 -40.95
C ASN B 599 10.57 -17.17 -39.87
N SER B 600 10.45 -15.86 -39.66
CA SER B 600 9.67 -15.27 -38.56
C SER B 600 8.91 -14.07 -39.13
N LYS B 601 7.81 -13.70 -38.53
CA LYS B 601 7.09 -12.46 -38.85
C LYS B 601 7.37 -11.49 -37.71
N PRO B 602 8.01 -10.35 -38.00
CA PRO B 602 8.16 -9.29 -37.00
C PRO B 602 6.80 -8.64 -36.68
N ILE B 603 6.48 -8.48 -35.39
CA ILE B 603 5.16 -7.91 -34.95
C ILE B 603 5.37 -6.84 -33.88
N ALA B 604 6.61 -6.59 -33.43
CA ALA B 604 6.88 -5.51 -32.46
C ALA B 604 8.23 -4.85 -32.75
N PHE B 605 8.30 -3.55 -32.55
CA PHE B 605 9.45 -2.69 -32.93
C PHE B 605 9.76 -1.70 -31.82
N THR B 606 11.05 -1.52 -31.51
CA THR B 606 11.58 -0.45 -30.63
C THR B 606 11.43 0.91 -31.34
N GLN B 607 11.72 2.00 -30.64
CA GLN B 607 11.66 3.38 -31.19
C GLN B 607 12.62 3.50 -32.37
N GLU B 608 13.75 2.75 -32.39
CA GLU B 608 14.78 2.77 -33.46
C GLU B 608 14.41 1.73 -34.52
N ASN B 609 13.19 1.22 -34.48
CA ASN B 609 12.61 0.21 -35.39
C ASN B 609 13.39 -1.13 -35.32
N GLU B 610 13.98 -1.51 -34.21
CA GLU B 610 14.56 -2.87 -34.09
C GLU B 610 13.44 -3.87 -33.71
N ILE B 611 13.61 -5.15 -34.04
CA ILE B 611 12.52 -6.17 -33.97
C ILE B 611 12.55 -6.77 -32.56
N CYS B 612 11.57 -6.43 -31.72
CA CYS B 612 11.55 -6.89 -30.30
C CYS B 612 10.34 -7.81 -30.05
N GLY B 613 9.74 -8.33 -31.11
CA GLY B 613 8.74 -9.42 -31.00
C GLY B 613 8.49 -10.08 -32.32
N ILE B 614 8.26 -11.40 -32.34
CA ILE B 614 8.08 -12.15 -33.60
C ILE B 614 7.04 -13.24 -33.38
N ARG B 615 6.48 -13.72 -34.49
CA ARG B 615 5.56 -14.87 -34.59
C ARG B 615 6.19 -15.83 -35.58
N LYS B 616 6.06 -17.10 -35.31
CA LYS B 616 6.60 -18.12 -36.24
C LYS B 616 5.85 -19.40 -35.97
N LYS B 617 5.89 -20.28 -36.96
CA LYS B 617 5.37 -21.66 -36.86
C LYS B 617 6.54 -22.54 -36.46
N ILE B 618 6.34 -23.42 -35.48
CA ILE B 618 7.30 -24.49 -35.12
C ILE B 618 6.51 -25.79 -35.07
N GLY B 619 6.94 -26.76 -35.87
CA GLY B 619 6.25 -28.06 -36.02
C GLY B 619 4.83 -27.76 -36.39
N LYS B 620 3.87 -28.29 -35.64
CA LYS B 620 2.44 -28.03 -35.90
C LYS B 620 1.94 -26.81 -35.10
N GLY B 621 2.77 -26.21 -34.24
CA GLY B 621 2.33 -25.13 -33.32
C GLY B 621 2.70 -23.74 -33.81
N GLU B 622 2.36 -22.74 -33.00
CA GLU B 622 2.65 -21.32 -33.24
C GLU B 622 3.32 -20.76 -32.00
N LEU B 623 4.27 -19.85 -32.23
CA LEU B 623 5.04 -19.14 -31.21
C LEU B 623 4.83 -17.64 -31.40
N THR B 624 4.47 -16.95 -30.32
CA THR B 624 4.54 -15.47 -30.23
C THR B 624 5.48 -15.08 -29.10
N ILE B 625 6.61 -14.48 -29.43
CA ILE B 625 7.56 -14.02 -28.39
C ILE B 625 7.65 -12.51 -28.42
N LEU B 626 7.57 -11.90 -27.24
CA LEU B 626 7.74 -10.44 -27.08
C LEU B 626 8.93 -10.23 -26.17
N GLY B 627 9.91 -9.47 -26.65
CA GLY B 627 11.18 -9.27 -25.95
C GLY B 627 11.09 -8.12 -24.98
N PHE B 628 9.93 -7.95 -24.35
CA PHE B 628 9.65 -6.74 -23.54
C PHE B 628 8.55 -7.07 -22.53
N ALA B 629 8.57 -6.32 -21.45
CA ALA B 629 7.72 -6.51 -20.24
C ALA B 629 6.64 -5.42 -20.24
N PHE B 630 5.39 -5.83 -20.35
CA PHE B 630 4.23 -4.93 -20.15
C PHE B 630 3.38 -5.57 -19.05
N GLY B 631 2.83 -4.76 -18.17
CA GLY B 631 1.82 -5.18 -17.20
C GLY B 631 0.48 -4.63 -17.61
N TYR B 632 -0.24 -3.98 -16.69
CA TYR B 632 -1.47 -3.24 -17.07
C TYR B 632 -1.41 -1.89 -16.37
N THR B 633 -0.90 -0.89 -17.08
CA THR B 633 -0.69 0.49 -16.56
C THR B 633 -1.10 1.50 -17.62
N SER B 634 -1.74 1.04 -18.70
CA SER B 634 -2.27 1.88 -19.77
C SER B 634 -3.37 1.15 -20.54
N ASP B 635 -4.20 1.88 -21.28
CA ASP B 635 -5.21 1.29 -22.18
C ASP B 635 -4.49 0.51 -23.31
N GLU B 636 -3.28 0.90 -23.70
CA GLU B 636 -2.54 0.19 -24.79
C GLU B 636 -2.26 -1.23 -24.32
N HIS B 637 -2.08 -1.44 -23.01
CA HIS B 637 -1.79 -2.77 -22.44
C HIS B 637 -3.03 -3.67 -22.63
N LEU B 638 -4.23 -3.14 -22.43
CA LEU B 638 -5.46 -3.92 -22.61
C LEU B 638 -5.63 -4.21 -24.11
N GLU B 639 -5.31 -3.24 -24.98
CA GLU B 639 -5.38 -3.41 -26.47
C GLU B 639 -4.45 -4.54 -26.87
N LEU B 640 -3.24 -4.57 -26.31
CA LEU B 640 -2.20 -5.59 -26.64
C LEU B 640 -2.67 -6.97 -26.18
N ILE B 641 -3.17 -7.09 -24.95
CA ILE B 641 -3.66 -8.40 -24.45
C ILE B 641 -4.81 -8.85 -25.35
N ASP B 642 -5.73 -7.94 -25.64
CA ASP B 642 -6.89 -8.22 -26.52
C ASP B 642 -6.43 -8.70 -27.91
N LYS B 643 -5.50 -8.00 -28.54
CA LYS B 643 -4.94 -8.42 -29.86
C LYS B 643 -4.30 -9.84 -29.75
N LEU B 644 -3.61 -10.16 -28.67
CA LEU B 644 -2.87 -11.44 -28.56
C LEU B 644 -3.89 -12.56 -28.45
N VAL B 645 -4.92 -12.39 -27.61
CA VAL B 645 -6.00 -13.38 -27.40
C VAL B 645 -6.68 -13.60 -28.76
N LYS B 646 -6.89 -12.53 -29.54
CA LYS B 646 -7.63 -12.61 -30.83
C LYS B 646 -6.72 -13.23 -31.89
N LEU B 647 -5.41 -13.39 -31.69
CA LEU B 647 -4.56 -14.14 -32.65
C LEU B 647 -5.12 -15.54 -32.87
N ASN B 648 -5.68 -16.17 -31.83
CA ASN B 648 -6.24 -17.54 -31.96
C ASN B 648 -7.77 -17.49 -31.88
N LYS B 649 -8.36 -16.32 -32.16
CA LYS B 649 -9.80 -16.13 -32.41
C LYS B 649 -10.60 -16.59 -31.19
N ILE B 650 -10.08 -16.32 -30.00
CA ILE B 650 -10.78 -16.58 -28.72
C ILE B 650 -11.81 -15.45 -28.57
N LYS B 651 -13.02 -15.81 -28.15
CA LYS B 651 -14.16 -14.85 -28.03
C LYS B 651 -14.59 -14.78 -26.57
N ARG B 652 -15.04 -13.61 -26.09
CA ARG B 652 -15.75 -13.50 -24.78
C ARG B 652 -17.10 -14.22 -24.92
N GLU B 653 -17.66 -14.73 -23.81
CA GLU B 653 -18.97 -15.43 -23.78
C GLU B 653 -20.12 -14.43 -24.03
N LEU B 654 -19.92 -13.13 -23.77
CA LEU B 654 -20.98 -12.10 -23.91
C LEU B 654 -20.40 -10.85 -24.55
N PHE B 655 -21.30 -10.15 -25.24
CA PHE B 655 -21.17 -8.76 -25.69
C PHE B 655 -21.94 -7.89 -24.68
N VAL B 656 -21.21 -7.09 -23.90
CA VAL B 656 -21.79 -6.20 -22.86
C VAL B 656 -21.52 -4.77 -23.31
N SER B 657 -22.52 -3.90 -23.30
CA SER B 657 -22.40 -2.55 -23.90
C SER B 657 -21.35 -1.72 -23.15
N ASP B 658 -21.20 -1.92 -21.84
CA ASP B 658 -20.28 -1.15 -20.95
C ASP B 658 -19.03 -1.99 -20.68
N LYS B 659 -17.87 -1.53 -21.16
CA LYS B 659 -16.59 -2.30 -21.07
C LYS B 659 -16.16 -2.42 -19.60
N ASP B 660 -16.69 -1.59 -18.70
CA ASP B 660 -16.23 -1.52 -17.29
C ASP B 660 -17.05 -2.44 -16.39
N ILE B 661 -18.07 -3.09 -16.95
CA ILE B 661 -18.81 -4.17 -16.27
C ILE B 661 -18.01 -5.46 -16.42
N GLN B 662 -17.75 -6.13 -15.32
CA GLN B 662 -17.12 -7.48 -15.35
C GLN B 662 -18.24 -8.52 -15.34
N PHE B 663 -18.04 -9.59 -16.06
CA PHE B 663 -18.99 -10.72 -16.03
C PHE B 663 -18.18 -12.00 -15.98
N VAL B 664 -18.79 -13.01 -15.39
CA VAL B 664 -18.36 -14.43 -15.48
C VAL B 664 -19.58 -15.26 -15.89
N VAL B 665 -19.45 -16.02 -16.96
CA VAL B 665 -20.43 -17.05 -17.36
C VAL B 665 -19.94 -18.38 -16.79
N ARG B 666 -20.73 -18.98 -15.91
CA ARG B 666 -20.48 -20.36 -15.42
C ARG B 666 -21.61 -21.23 -15.96
N GLU B 667 -21.29 -22.39 -16.52
CA GLU B 667 -22.36 -23.29 -16.99
C GLU B 667 -21.94 -24.76 -16.86
N ASN B 668 -22.94 -25.65 -16.92
CA ASN B 668 -22.81 -27.09 -17.21
C ASN B 668 -23.80 -27.39 -18.34
N ASN B 669 -24.14 -28.66 -18.58
CA ASN B 669 -25.04 -29.08 -19.70
C ASN B 669 -26.36 -28.29 -19.63
N LYS B 670 -26.95 -28.19 -18.43
CA LYS B 670 -28.35 -27.72 -18.22
C LYS B 670 -28.41 -26.22 -17.85
N SER B 671 -27.52 -25.75 -16.98
CA SER B 671 -27.65 -24.46 -16.25
C SER B 671 -26.57 -23.47 -16.71
N ARG B 672 -26.94 -22.20 -16.79
CA ARG B 672 -25.97 -21.09 -16.96
C ARG B 672 -26.26 -20.02 -15.91
N TYR B 673 -25.19 -19.54 -15.27
CA TYR B 673 -25.18 -18.37 -14.37
C TYR B 673 -24.30 -17.28 -15.00
N ILE B 674 -24.87 -16.11 -15.21
CA ILE B 674 -24.11 -14.90 -15.61
C ILE B 674 -24.05 -14.05 -14.37
N PHE B 675 -22.83 -13.86 -13.87
CA PHE B 675 -22.52 -12.96 -12.75
C PHE B 675 -22.03 -11.63 -13.33
N PHE B 676 -22.79 -10.56 -13.14
CA PHE B 676 -22.34 -9.19 -13.48
C PHE B 676 -21.84 -8.53 -12.22
N LEU B 677 -20.69 -7.86 -12.33
CA LEU B 677 -19.97 -7.29 -11.17
C LEU B 677 -19.59 -5.88 -11.57
N ASN B 678 -19.97 -4.93 -10.72
CA ASN B 678 -19.69 -3.50 -10.90
C ASN B 678 -18.75 -3.07 -9.78
N TYR B 679 -17.47 -2.97 -10.10
CA TYR B 679 -16.36 -2.69 -9.16
C TYR B 679 -16.10 -1.17 -9.07
N HIS B 680 -17.03 -0.35 -9.51
CA HIS B 680 -16.82 1.10 -9.75
C HIS B 680 -17.81 1.88 -8.91
N ASN B 681 -17.44 3.11 -8.53
CA ASN B 681 -18.37 3.98 -7.78
C ASN B 681 -19.21 4.78 -8.79
N GLU B 682 -20.11 4.08 -9.48
CA GLU B 682 -20.95 4.65 -10.55
C GLU B 682 -22.12 3.69 -10.76
N ARG B 683 -23.35 4.21 -10.74
CA ARG B 683 -24.54 3.44 -11.20
C ARG B 683 -24.36 3.15 -12.69
N LYS B 684 -24.28 1.89 -13.13
CA LYS B 684 -24.12 1.60 -14.58
C LYS B 684 -25.39 0.93 -15.13
N THR B 685 -25.86 1.43 -16.27
CA THR B 685 -26.93 0.80 -17.09
C THR B 685 -26.29 0.31 -18.38
N PHE B 686 -26.54 -0.94 -18.73
CA PHE B 686 -25.92 -1.58 -19.91
C PHE B 686 -26.89 -2.61 -20.45
N ASN B 687 -26.57 -3.13 -21.63
CA ASN B 687 -27.25 -4.33 -22.16
C ASN B 687 -26.19 -5.34 -22.59
N TYR B 688 -26.63 -6.58 -22.73
CA TYR B 688 -25.76 -7.72 -23.05
C TYR B 688 -26.55 -8.62 -23.99
N ARG B 689 -25.82 -9.41 -24.75
CA ARG B 689 -26.40 -10.48 -25.60
C ARG B 689 -25.29 -11.53 -25.73
N LYS B 690 -25.60 -12.74 -26.18
CA LYS B 690 -24.58 -13.81 -26.32
C LYS B 690 -23.67 -13.48 -27.50
N SER B 691 -22.51 -14.13 -27.56
CA SER B 691 -21.64 -14.30 -28.76
C SER B 691 -21.87 -15.67 -29.40
N GLU B 700 -33.10 -7.26 -22.01
CA GLU B 700 -31.62 -7.43 -22.05
C GLU B 700 -30.94 -6.14 -21.57
N GLU B 701 -31.65 -5.26 -20.84
CA GLU B 701 -31.14 -3.99 -20.24
C GLU B 701 -31.16 -4.04 -18.69
N ILE B 702 -30.07 -3.64 -18.04
CA ILE B 702 -29.89 -3.82 -16.57
C ILE B 702 -29.17 -2.62 -15.93
N SER B 703 -29.54 -2.31 -14.69
CA SER B 703 -28.91 -1.25 -13.85
C SER B 703 -28.28 -1.89 -12.64
N ILE B 704 -27.01 -1.56 -12.35
CA ILE B 704 -26.30 -2.07 -11.16
C ILE B 704 -25.80 -0.86 -10.37
N ALA B 705 -26.00 -0.88 -9.06
CA ALA B 705 -25.56 0.18 -8.15
C ALA B 705 -24.02 0.16 -8.10
N PRO B 706 -23.40 1.23 -7.60
CA PRO B 706 -21.97 1.19 -7.30
C PRO B 706 -21.63 -0.06 -6.47
N PHE B 707 -20.47 -0.67 -6.77
CA PHE B 707 -19.87 -1.71 -5.92
C PHE B 707 -20.83 -2.86 -5.67
N SER B 708 -21.50 -3.31 -6.71
CA SER B 708 -22.68 -4.18 -6.57
C SER B 708 -22.66 -5.25 -7.66
N TYR B 709 -23.73 -6.03 -7.74
CA TYR B 709 -23.75 -7.27 -8.56
C TYR B 709 -25.17 -7.49 -9.09
N LYS B 710 -25.27 -8.31 -10.13
CA LYS B 710 -26.54 -8.92 -10.56
C LYS B 710 -26.21 -10.33 -11.01
N VAL B 711 -26.98 -11.32 -10.58
CA VAL B 711 -26.84 -12.71 -11.08
C VAL B 711 -28.06 -13.07 -11.96
N ILE B 712 -27.84 -13.47 -13.21
CA ILE B 712 -28.91 -13.91 -14.15
C ILE B 712 -28.71 -15.38 -14.43
N LYS B 713 -29.76 -16.19 -14.30
CA LYS B 713 -29.74 -17.64 -14.61
C LYS B 713 -30.36 -17.89 -15.98
N GLU B 714 -29.83 -18.88 -16.69
CA GLU B 714 -30.37 -19.33 -18.01
C GLU B 714 -30.42 -20.86 -17.95
N ASN B 715 -31.58 -21.43 -18.31
CA ASN B 715 -31.70 -22.89 -18.60
C ASN B 715 -31.27 -23.08 -20.05
N LYS B 716 -30.20 -23.84 -20.26
CA LYS B 716 -29.87 -24.50 -21.54
C LYS B 716 -30.65 -25.83 -21.58
C1 NOJ C . 1.62 16.56 -10.04
C2 NOJ C . 2.70 16.85 -11.08
O2 NOJ C . 3.22 18.15 -10.86
C3 NOJ C . 2.14 16.70 -12.48
O3 NOJ C . 3.20 16.84 -13.43
C4 NOJ C . 1.57 15.30 -12.66
O4 NOJ C . 1.01 15.17 -13.98
C5 NOJ C . 0.54 14.96 -11.58
N5 NOJ C . 1.03 15.24 -10.23
C6 NOJ C . 0.15 13.48 -11.57
O6 NOJ C . 1.32 12.62 -11.52
C1 NOJ D . 4.19 11.97 -9.14
C2 NOJ D . 3.27 13.07 -8.65
O2 NOJ D . 3.53 14.26 -9.35
C3 NOJ D . 3.49 13.26 -7.14
O3 NOJ D . 2.74 14.38 -6.66
C4 NOJ D . 3.16 11.96 -6.44
O4 NOJ D . 3.41 12.08 -5.02
C5 NOJ D . 4.03 10.82 -6.99
N5 NOJ D . 3.87 10.71 -8.44
C6 NOJ D . 3.76 9.48 -6.35
O6 NOJ D . 2.38 9.11 -6.48
CA CA E . 16.71 -18.77 -36.35
CA CA F . -12.84 -23.18 -12.49
#